data_9BTG
#
_entry.id   9BTG
#
_cell.length_a   1.00
_cell.length_b   1.00
_cell.length_c   1.00
_cell.angle_alpha   90.00
_cell.angle_beta   90.00
_cell.angle_gamma   90.00
#
_symmetry.space_group_name_H-M   'P 1'
#
loop_
_entity.id
_entity.type
_entity.pdbx_description
1 polymer 'Amiloride-sensitive sodium channel subunit beta'
2 polymer 'Amiloride-sensitive sodium channel subunit gamma'
3 branched 2-acetamido-2-deoxy-beta-D-glucopyranose-(1-4)-2-acetamido-2-deoxy-beta-D-glucopyranose
4 non-polymer 2-acetamido-2-deoxy-beta-D-glucopyranose
#
loop_
_entity_poly.entity_id
_entity_poly.type
_entity_poly.pdbx_seq_one_letter_code
_entity_poly.pdbx_strand_id
1 'polypeptide(L)'
;MHVKKYLLKGLHRLQKGPGYTYKELLVWYADNTNTHGPKRIICEGPKKKAMWFLLTLLFAALVCWQWGIFIRTYLSWEVS
VSLSVGFKTMDFPAVTICNASPFKYSKIKHLLKDLDELMEAVLERILAPELSHANATRNLNFSIWNHTPLVLIDERNPHH
PMVLDLFGDNHNGLTSSSASEKICNAHGCKMAMRLCSLNRTQCTFRNFTSATQALTEWYILQATNIFAQVPQQELVEMSY
PGEQMILACLFGAEPCNYRNFTSIFYPHYGNCYIFNWGMTEKALPSANPGTEFGLKLILDIGQEDYVPFLASTAGVRLML
HEQRSYPFIRDEGIYAMSGTETSIGVLVDKLQRMGEPYSPCTVNGSEVPVQNFYSDYNTTYSIQACLRSCFQDHMIRNCN
CGHYLYPLPRGEKYCNNRDFPDWAHCYSDLQMSVAQRETCIGMCKESCNDTQYKMTISMADWPSEASEDWIFHVLSQERD
QSTNITLSRKGIVKLNIYFQEFNYRTIEESAANNIVWLLSNLGGQFGFWMGGSVLCLIEFGEIIIDFVWITIIKLVALAK
SLRQRRAQASYAGPPPTVAELVEAHTNFGFQPDTAPRSPNTGPYPSEQALPIPGTPPPNYDSLRLQPLDVIESDSEGDAI
;
A,B
2 'polypeptide(L)'
;MAPGEKIKAKIKKNLPVTGPQAPTIKELMRWYALNTNTHGARRIVVSRGRLRRLLWIGFTLTAVALILWQCALLVFSFYT
VSVSIKVHFRKLDFPAVTICNINPYKYSTVRHLLADLEQETREALKSLYGFPESRKRAEAESWNSVSEGKQPRFSHRIPL
LIFDQDEKGKARDFFTGRKRKVGGSIIHKASNVMHIESKQVVGFQLCSNDTSDCATYTFSSGINAIQEWYKLHYMNIMAQ
VPLEKKINMSYSAEELLVTCFFDGVSCDARNFTLFHHPMHGNCYTFNNRENETILSTSMGGSEYGLQVILYINEEEYNPF
LVSSTGAKVIIHRQDEYPFVEDVGTEIETAMVTSIGMHLTESFKLSEPYSQCTEDGSDVPIRNIYNAAYSLQICLHSCFQ
TKMVEKCGCAQYSQPLPPAANYCNYQQHPNWMYCYYQLHRAFVQEELGCQSVCKEACSFKEWTLTTSLAQWPSVVSEKWL
LPVLTWDQGRQVNKKLNKTDLAKLLIFYKDLNQRSIMESPANSIEMLLSNFGGQLGLWMSCSVVCVIEIIEVFFIDFFSI
IARRQWQKAKEWWAWKQAPPCPEAPRSPQGQDNPALDIDDDLPTFNSALHLPPALGTQVPGTPPPKYNTLRLERAFSNQL
TDTQMLDEL
;
C
#
loop_
_chem_comp.id
_chem_comp.type
_chem_comp.name
_chem_comp.formula
NAG D-saccharide, beta linking 2-acetamido-2-deoxy-beta-D-glucopyranose 'C8 H15 N O6'
#
# COMPACT_ATOMS: atom_id res chain seq x y z
N VAL A 79 -1.40 38.11 3.49
CA VAL A 79 -1.67 37.05 4.46
C VAL A 79 -0.46 36.11 4.58
N SER A 80 -0.41 35.39 5.70
CA SER A 80 0.63 34.40 5.96
C SER A 80 0.07 33.27 6.81
N VAL A 81 0.59 32.05 6.60
CA VAL A 81 0.04 30.85 7.21
C VAL A 81 0.83 30.48 8.47
N SER A 82 0.24 29.57 9.26
CA SER A 82 0.95 28.83 10.29
C SER A 82 0.50 27.37 10.25
N LEU A 83 1.46 26.46 10.39
CA LEU A 83 1.23 25.03 10.21
C LEU A 83 1.35 24.32 11.55
N SER A 84 0.43 23.40 11.84
CA SER A 84 0.45 22.67 13.10
C SER A 84 -0.01 21.23 12.91
N VAL A 85 0.44 20.36 13.81
CA VAL A 85 0.15 18.92 13.80
C VAL A 85 -0.05 18.47 15.24
N GLY A 86 -0.95 17.51 15.45
CA GLY A 86 -1.18 17.02 16.80
C GLY A 86 -2.23 15.93 16.86
N PHE A 87 -2.80 15.75 18.05
CA PHE A 87 -3.93 14.85 18.27
C PHE A 87 -4.98 15.56 19.11
N LYS A 88 -6.25 15.36 18.76
CA LYS A 88 -7.33 15.94 19.56
C LYS A 88 -8.61 15.13 19.38
N THR A 89 -9.47 15.17 20.41
CA THR A 89 -10.81 14.60 20.31
C THR A 89 -11.59 15.32 19.21
N MET A 90 -12.24 14.56 18.35
CA MET A 90 -13.01 15.17 17.26
C MET A 90 -13.95 14.12 16.69
N ASP A 91 -14.92 14.59 15.90
CA ASP A 91 -15.87 13.70 15.26
C ASP A 91 -15.17 12.73 14.33
N PHE A 92 -15.54 11.46 14.43
CA PHE A 92 -15.00 10.43 13.56
C PHE A 92 -15.47 10.69 12.13
N PRO A 93 -14.65 10.36 11.12
CA PRO A 93 -15.09 10.61 9.74
C PRO A 93 -16.45 9.98 9.46
N ALA A 94 -17.15 10.53 8.48
CA ALA A 94 -18.22 9.77 7.85
C ALA A 94 -17.57 8.78 6.89
N VAL A 95 -18.09 7.56 6.84
CA VAL A 95 -17.50 6.50 6.04
C VAL A 95 -18.58 5.94 5.13
N THR A 96 -18.33 5.98 3.82
CA THR A 96 -19.26 5.42 2.84
C THR A 96 -18.77 4.07 2.37
N ILE A 97 -19.62 3.07 2.48
CA ILE A 97 -19.32 1.69 2.09
C ILE A 97 -20.19 1.37 0.87
N CYS A 98 -19.55 0.87 -0.19
CA CYS A 98 -20.25 0.64 -1.44
C CYS A 98 -19.65 -0.57 -2.16
N ASN A 99 -20.50 -1.45 -2.69
CA ASN A 99 -20.01 -2.62 -3.40
C ASN A 99 -19.50 -2.22 -4.78
N ALA A 100 -18.53 -2.98 -5.29
CA ALA A 100 -17.91 -2.60 -6.57
C ALA A 100 -18.90 -2.72 -7.73
N SER A 101 -19.67 -3.80 -7.78
CA SER A 101 -20.68 -3.95 -8.82
C SER A 101 -21.93 -3.16 -8.46
N PRO A 102 -22.46 -2.33 -9.36
CA PRO A 102 -23.63 -1.53 -8.98
C PRO A 102 -24.90 -2.34 -8.78
N PHE A 103 -25.03 -3.50 -9.41
CA PHE A 103 -26.28 -4.26 -9.38
C PHE A 103 -26.02 -5.73 -9.16
N LYS A 104 -27.06 -6.42 -8.69
CA LYS A 104 -27.05 -7.87 -8.58
C LYS A 104 -27.49 -8.46 -9.90
N TYR A 105 -26.62 -9.24 -10.54
CA TYR A 105 -26.92 -9.74 -11.87
C TYR A 105 -28.20 -10.58 -11.87
N SER A 106 -28.42 -11.36 -10.82
CA SER A 106 -29.64 -12.15 -10.75
C SER A 106 -30.90 -11.30 -10.68
N LYS A 107 -30.77 -10.04 -10.27
CA LYS A 107 -31.92 -9.13 -10.18
C LYS A 107 -32.14 -8.33 -11.45
N ILE A 108 -31.08 -8.02 -12.20
CA ILE A 108 -31.15 -7.06 -13.30
C ILE A 108 -30.98 -7.70 -14.67
N LYS A 109 -30.66 -8.99 -14.76
CA LYS A 109 -30.32 -9.57 -16.05
C LYS A 109 -31.49 -9.63 -17.02
N HIS A 110 -32.73 -9.42 -16.57
CA HIS A 110 -33.84 -9.40 -17.52
C HIS A 110 -33.86 -8.12 -18.34
N LEU A 111 -33.33 -7.02 -17.80
CA LEU A 111 -33.16 -5.82 -18.61
C LEU A 111 -31.98 -5.97 -19.57
N LEU A 112 -30.89 -6.55 -19.09
CA LEU A 112 -29.65 -6.62 -19.85
C LEU A 112 -29.58 -7.83 -20.78
N LYS A 113 -30.63 -8.65 -20.89
CA LYS A 113 -30.53 -9.88 -21.68
C LYS A 113 -30.15 -9.59 -23.14
N ASP A 114 -30.91 -8.72 -23.80
CA ASP A 114 -30.67 -8.47 -25.22
C ASP A 114 -29.39 -7.71 -25.47
N LEU A 115 -28.82 -7.07 -24.44
CA LEU A 115 -27.50 -6.47 -24.60
C LEU A 115 -26.40 -7.48 -24.33
N ASP A 116 -26.65 -8.45 -23.45
CA ASP A 116 -25.69 -9.52 -23.22
C ASP A 116 -25.60 -10.44 -24.42
N GLU A 117 -26.73 -10.82 -25.02
CA GLU A 117 -26.69 -11.66 -26.21
C GLU A 117 -25.89 -10.98 -27.32
N LEU A 118 -25.95 -9.66 -27.40
CA LEU A 118 -25.18 -8.94 -28.41
C LEU A 118 -23.72 -8.83 -28.01
N MET A 119 -23.44 -8.72 -26.71
CA MET A 119 -22.05 -8.65 -26.26
C MET A 119 -21.34 -9.97 -26.45
N GLU A 120 -22.06 -11.10 -26.31
CA GLU A 120 -21.47 -12.39 -26.63
C GLU A 120 -21.11 -12.47 -28.11
N ALA A 121 -22.00 -11.98 -28.98
CA ALA A 121 -21.71 -12.00 -30.41
C ALA A 121 -20.56 -11.06 -30.75
N VAL A 122 -20.47 -9.93 -30.05
CA VAL A 122 -19.37 -8.99 -30.28
C VAL A 122 -18.05 -9.60 -29.83
N LEU A 123 -18.10 -10.51 -28.85
CA LEU A 123 -16.89 -11.21 -28.45
C LEU A 123 -16.55 -12.35 -29.42
N GLU A 124 -17.56 -12.97 -30.03
CA GLU A 124 -17.29 -13.99 -31.03
C GLU A 124 -16.51 -13.41 -32.22
N ARG A 125 -16.90 -12.22 -32.69
CA ARG A 125 -16.23 -11.61 -33.83
C ARG A 125 -14.88 -11.01 -33.48
N ILE A 126 -14.44 -11.11 -32.23
CA ILE A 126 -13.11 -10.70 -31.83
C ILE A 126 -12.26 -11.89 -31.40
N LEU A 127 -12.87 -12.83 -30.67
CA LEU A 127 -12.14 -13.98 -30.13
C LEU A 127 -12.06 -15.13 -31.13
N ALA A 128 -13.14 -15.40 -31.86
CA ALA A 128 -13.25 -16.59 -32.70
C ALA A 128 -13.95 -16.22 -34.00
N PRO A 129 -13.31 -15.40 -34.84
CA PRO A 129 -14.03 -14.73 -35.93
C PRO A 129 -14.64 -15.66 -36.95
N GLU A 130 -14.20 -16.93 -37.02
CA GLU A 130 -14.79 -17.86 -37.98
C GLU A 130 -16.22 -18.26 -37.59
N LEU A 131 -16.64 -17.96 -36.36
CA LEU A 131 -18.02 -18.18 -35.94
C LEU A 131 -18.93 -17.12 -36.56
N ASN A 139 -29.95 -12.92 -36.00
CA ASN A 139 -30.37 -13.26 -34.65
C ASN A 139 -30.16 -12.09 -33.68
N LEU A 140 -29.38 -11.09 -34.11
CA LEU A 140 -28.99 -10.00 -33.24
C LEU A 140 -30.09 -8.95 -33.12
N ASN A 141 -30.07 -8.21 -32.01
CA ASN A 141 -30.88 -7.01 -31.86
C ASN A 141 -30.07 -5.86 -32.41
N PHE A 142 -30.29 -5.53 -33.68
CA PHE A 142 -29.52 -4.47 -34.33
C PHE A 142 -29.93 -3.08 -33.86
N SER A 143 -31.05 -2.95 -33.14
CA SER A 143 -31.40 -1.65 -32.59
C SER A 143 -30.50 -1.27 -31.42
N ILE A 144 -29.96 -2.26 -30.71
CA ILE A 144 -28.99 -1.97 -29.66
C ILE A 144 -27.62 -1.68 -30.28
N TRP A 145 -27.28 -2.36 -31.37
CA TRP A 145 -25.99 -2.14 -32.01
C TRP A 145 -25.91 -0.75 -32.61
N ASN A 146 -26.90 -0.38 -33.43
CA ASN A 146 -26.84 0.85 -34.21
C ASN A 146 -26.68 2.12 -33.37
N HIS A 147 -26.89 2.07 -32.05
CA HIS A 147 -26.78 3.28 -31.24
C HIS A 147 -25.37 3.86 -31.33
N THR A 148 -24.35 3.06 -31.04
CA THR A 148 -22.95 3.46 -31.23
C THR A 148 -22.13 2.22 -31.56
N PRO A 149 -22.05 1.86 -32.83
CA PRO A 149 -21.24 0.70 -33.21
C PRO A 149 -19.79 0.84 -32.77
N LEU A 150 -19.14 -0.28 -32.53
CA LEU A 150 -17.69 -0.32 -32.58
C LEU A 150 -17.28 -0.51 -34.05
N VAL A 151 -16.23 0.18 -34.44
CA VAL A 151 -15.72 0.07 -35.81
C VAL A 151 -14.22 -0.19 -35.76
N LEU A 152 -13.74 -0.90 -36.76
CA LEU A 152 -12.31 -1.02 -37.00
C LEU A 152 -11.85 0.17 -37.84
N ILE A 153 -10.86 0.91 -37.36
CA ILE A 153 -10.21 1.95 -38.12
C ILE A 153 -8.82 1.45 -38.48
N ASP A 154 -8.57 1.29 -39.78
CA ASP A 154 -7.33 0.70 -40.29
C ASP A 154 -6.61 1.75 -41.11
N GLU A 155 -5.45 2.21 -40.62
CA GLU A 155 -4.68 3.24 -41.30
C GLU A 155 -3.23 2.81 -41.49
N ARG A 156 -3.01 1.52 -41.73
CA ARG A 156 -1.68 1.02 -42.04
C ARG A 156 -1.20 1.49 -43.41
N ASN A 157 -2.11 1.86 -44.30
CA ASN A 157 -1.81 2.27 -45.68
C ASN A 157 -2.23 3.72 -45.84
N PRO A 158 -1.36 4.68 -45.53
CA PRO A 158 -1.79 6.10 -45.52
C PRO A 158 -2.45 6.57 -46.81
N HIS A 159 -2.21 5.90 -47.93
CA HIS A 159 -2.84 6.32 -49.17
C HIS A 159 -4.34 6.05 -49.18
N HIS A 160 -4.82 5.14 -48.31
CA HIS A 160 -6.23 4.73 -48.33
C HIS A 160 -6.67 4.23 -46.96
N PRO A 161 -6.73 5.09 -45.95
CA PRO A 161 -7.22 4.66 -44.64
C PRO A 161 -8.72 4.46 -44.65
N MET A 162 -9.21 3.50 -43.86
CA MET A 162 -10.59 3.05 -43.99
C MET A 162 -11.15 2.62 -42.65
N VAL A 163 -12.48 2.67 -42.54
CA VAL A 163 -13.21 2.37 -41.31
C VAL A 163 -14.35 1.41 -41.63
N LEU A 164 -14.50 0.38 -40.81
CA LEU A 164 -15.39 -0.74 -41.09
C LEU A 164 -16.17 -1.13 -39.84
N ASP A 165 -17.46 -1.45 -40.00
CA ASP A 165 -18.25 -1.97 -38.89
C ASP A 165 -17.96 -3.44 -38.66
N LEU A 166 -17.98 -3.86 -37.40
CA LEU A 166 -17.80 -5.27 -37.08
C LEU A 166 -18.93 -6.13 -37.63
N PHE A 167 -20.11 -5.56 -37.86
CA PHE A 167 -21.27 -6.32 -38.34
C PHE A 167 -21.82 -5.69 -39.61
N ALA A 179 -8.15 -12.41 -46.76
CA ALA A 179 -7.50 -13.69 -46.54
C ALA A 179 -7.90 -14.33 -45.21
N SER A 180 -8.66 -13.60 -44.39
CA SER A 180 -9.03 -14.09 -43.06
C SER A 180 -10.25 -13.33 -42.56
N GLU A 181 -10.87 -13.88 -41.51
CA GLU A 181 -11.93 -13.20 -40.79
C GLU A 181 -11.41 -12.31 -39.65
N LYS A 182 -10.10 -12.32 -39.41
CA LYS A 182 -9.52 -11.71 -38.21
C LYS A 182 -9.50 -10.18 -38.30
N ILE A 183 -10.06 -9.53 -37.27
CA ILE A 183 -9.93 -8.08 -37.11
C ILE A 183 -8.52 -7.75 -36.67
N CYS A 184 -7.89 -6.75 -37.30
CA CYS A 184 -6.48 -6.50 -37.06
C CYS A 184 -6.24 -5.79 -35.74
N ASN A 185 -5.25 -6.27 -34.98
CA ASN A 185 -4.80 -5.67 -33.74
C ASN A 185 -3.45 -4.98 -33.87
N ALA A 186 -2.87 -4.96 -35.08
CA ALA A 186 -1.52 -4.49 -35.29
C ALA A 186 -1.40 -2.98 -35.09
N HIS A 187 -0.16 -2.50 -35.03
CA HIS A 187 0.08 -1.06 -34.93
C HIS A 187 -0.40 -0.37 -36.20
N GLY A 188 -1.27 0.62 -36.03
CA GLY A 188 -1.98 1.25 -37.12
C GLY A 188 -3.45 0.90 -37.19
N CYS A 189 -3.88 -0.14 -36.47
CA CYS A 189 -5.29 -0.51 -36.37
C CYS A 189 -5.85 -0.03 -35.04
N LYS A 190 -6.99 0.66 -35.09
CA LYS A 190 -7.66 1.19 -33.91
C LYS A 190 -9.10 0.70 -33.88
N MET A 191 -9.61 0.45 -32.69
CA MET A 191 -11.00 0.05 -32.49
C MET A 191 -11.72 1.19 -31.80
N ALA A 192 -12.80 1.68 -32.42
CA ALA A 192 -13.36 2.98 -32.06
C ALA A 192 -14.88 2.94 -32.05
N MET A 193 -15.48 3.82 -31.24
CA MET A 193 -16.93 3.94 -31.13
C MET A 193 -17.44 5.06 -32.05
N ARG A 194 -18.34 4.71 -32.96
CA ARG A 194 -18.87 5.67 -33.93
C ARG A 194 -20.07 6.39 -33.33
N LEU A 195 -19.79 7.48 -32.61
CA LEU A 195 -20.86 8.34 -32.08
C LEU A 195 -21.42 9.22 -33.20
N CYS A 196 -22.75 9.30 -33.30
CA CYS A 196 -23.37 9.96 -34.45
C CYS A 196 -24.59 10.77 -34.02
N SER A 197 -25.01 11.68 -34.90
CA SER A 197 -26.17 12.54 -34.66
C SER A 197 -26.78 12.98 -35.98
N LEU A 198 -28.01 13.47 -35.91
CA LEU A 198 -28.77 13.95 -37.08
C LEU A 198 -28.80 12.89 -38.19
N ASN A 199 -29.50 11.78 -37.89
CA ASN A 199 -29.61 10.63 -38.80
C ASN A 199 -28.25 10.29 -39.42
N ARG A 200 -27.21 10.30 -38.57
CA ARG A 200 -25.85 9.87 -38.92
C ARG A 200 -25.22 10.76 -40.01
N THR A 201 -25.72 11.98 -40.21
CA THR A 201 -25.08 12.92 -41.11
C THR A 201 -23.90 13.65 -40.47
N GLN A 202 -23.66 13.45 -39.18
CA GLN A 202 -22.44 13.89 -38.52
C GLN A 202 -22.06 12.86 -37.48
N CYS A 203 -20.76 12.55 -37.39
CA CYS A 203 -20.28 11.51 -36.49
C CYS A 203 -18.90 11.87 -35.96
N THR A 204 -18.52 11.26 -34.84
CA THR A 204 -17.19 11.42 -34.26
C THR A 204 -16.79 10.12 -33.59
N PHE A 205 -15.48 9.90 -33.48
CA PHE A 205 -14.94 8.63 -33.00
C PHE A 205 -14.26 8.81 -31.65
N ARG A 206 -14.41 7.81 -30.78
CA ARG A 206 -13.60 7.68 -29.58
C ARG A 206 -12.65 6.50 -29.79
N ASN A 207 -11.35 6.77 -29.76
CA ASN A 207 -10.33 5.84 -30.25
C ASN A 207 -9.77 5.01 -29.10
N PHE A 208 -9.58 3.70 -29.36
CA PHE A 208 -8.90 2.80 -28.44
C PHE A 208 -7.89 1.96 -29.22
N THR A 209 -6.70 1.78 -28.65
CA THR A 209 -5.71 0.88 -29.23
C THR A 209 -5.95 -0.58 -28.82
N SER A 210 -6.65 -0.81 -27.72
CA SER A 210 -6.83 -2.14 -27.15
C SER A 210 -8.30 -2.54 -27.18
N ALA A 211 -8.55 -3.81 -27.50
CA ALA A 211 -9.93 -4.28 -27.61
C ALA A 211 -10.58 -4.48 -26.25
N THR A 212 -9.80 -4.70 -25.20
CA THR A 212 -10.39 -4.85 -23.87
C THR A 212 -10.90 -3.52 -23.34
N GLN A 213 -10.24 -2.42 -23.71
CA GLN A 213 -10.76 -1.10 -23.35
C GLN A 213 -11.98 -0.74 -24.18
N ALA A 214 -11.94 -1.03 -25.48
CA ALA A 214 -13.06 -0.69 -26.35
C ALA A 214 -14.33 -1.41 -25.94
N LEU A 215 -14.24 -2.69 -25.60
CA LEU A 215 -15.42 -3.45 -25.21
C LEU A 215 -15.94 -3.01 -23.85
N THR A 216 -15.04 -2.66 -22.93
CA THR A 216 -15.48 -2.16 -21.62
C THR A 216 -16.25 -0.85 -21.77
N GLU A 217 -15.74 0.08 -22.58
CA GLU A 217 -16.38 1.38 -22.71
C GLU A 217 -17.62 1.32 -23.58
N TRP A 218 -17.68 0.40 -24.54
CA TRP A 218 -18.90 0.25 -25.34
C TRP A 218 -20.05 -0.26 -24.48
N TYR A 219 -19.80 -1.30 -23.70
CA TYR A 219 -20.86 -1.89 -22.90
C TYR A 219 -21.36 -0.90 -21.85
N ILE A 220 -20.45 -0.24 -21.14
CA ILE A 220 -20.86 0.68 -20.08
C ILE A 220 -21.77 1.77 -20.61
N LEU A 221 -21.55 2.22 -21.85
CA LEU A 221 -22.44 3.20 -22.46
C LEU A 221 -23.80 2.59 -22.78
N GLN A 222 -23.81 1.36 -23.30
CA GLN A 222 -25.07 0.72 -23.66
C GLN A 222 -25.85 0.31 -22.42
N ALA A 223 -25.16 -0.07 -21.35
CA ALA A 223 -25.83 -0.34 -20.08
C ALA A 223 -26.42 0.94 -19.51
N THR A 224 -25.61 2.00 -19.43
CA THR A 224 -26.09 3.29 -18.93
C THR A 224 -27.36 3.73 -19.65
N ASN A 225 -27.42 3.52 -20.96
CA ASN A 225 -28.60 3.91 -21.73
C ASN A 225 -29.84 3.11 -21.35
N ILE A 226 -29.68 1.96 -20.69
CA ILE A 226 -30.81 1.17 -20.21
C ILE A 226 -31.20 1.58 -18.80
N PHE A 227 -30.22 1.75 -17.91
CA PHE A 227 -30.52 2.16 -16.55
C PHE A 227 -31.25 3.49 -16.54
N ALA A 228 -30.89 4.40 -17.44
CA ALA A 228 -31.53 5.71 -17.52
C ALA A 228 -33.04 5.62 -17.73
N GLN A 229 -33.55 4.46 -18.12
CA GLN A 229 -34.97 4.29 -18.36
C GLN A 229 -35.69 3.58 -17.22
N VAL A 230 -34.99 3.20 -16.17
CA VAL A 230 -35.58 2.57 -14.98
C VAL A 230 -35.75 3.63 -13.90
N PRO A 231 -36.92 3.75 -13.28
CA PRO A 231 -37.07 4.74 -12.21
C PRO A 231 -36.25 4.37 -10.98
N GLN A 232 -35.63 5.37 -10.37
CA GLN A 232 -34.66 5.10 -9.31
C GLN A 232 -35.27 4.29 -8.17
N GLN A 233 -36.55 4.51 -7.88
CA GLN A 233 -37.23 3.74 -6.84
C GLN A 233 -37.27 2.24 -7.15
N GLU A 234 -37.11 1.87 -8.41
CA GLU A 234 -37.03 0.47 -8.85
C GLU A 234 -35.60 0.04 -9.12
N LEU A 235 -34.77 0.95 -9.63
CA LEU A 235 -33.36 0.65 -9.87
C LEU A 235 -32.61 0.41 -8.57
N VAL A 236 -33.05 1.02 -7.47
CA VAL A 236 -32.46 0.82 -6.15
C VAL A 236 -32.78 -0.55 -5.60
N GLU A 237 -33.80 -1.22 -6.13
CA GLU A 237 -34.19 -2.55 -5.66
C GLU A 237 -33.41 -3.66 -6.36
N MET A 238 -32.65 -3.33 -7.40
CA MET A 238 -31.81 -4.29 -8.10
C MET A 238 -30.37 -4.26 -7.64
N SER A 239 -30.03 -3.46 -6.65
CA SER A 239 -28.67 -3.34 -6.14
C SER A 239 -28.55 -4.07 -4.81
N TYR A 240 -27.32 -4.14 -4.30
CA TYR A 240 -27.06 -4.91 -3.08
C TYR A 240 -27.72 -4.26 -1.87
N PRO A 241 -28.54 -4.98 -1.10
CA PRO A 241 -29.18 -4.38 0.07
C PRO A 241 -28.24 -4.31 1.25
N GLY A 242 -28.52 -3.35 2.14
CA GLY A 242 -27.62 -3.12 3.26
C GLY A 242 -27.48 -4.32 4.17
N GLU A 243 -28.59 -5.00 4.46
CA GLU A 243 -28.56 -6.13 5.39
C GLU A 243 -27.74 -7.30 4.87
N GLN A 244 -27.52 -7.40 3.56
CA GLN A 244 -26.64 -8.42 3.01
C GLN A 244 -25.20 -7.95 2.94
N MET A 245 -25.00 -6.64 2.78
CA MET A 245 -23.65 -6.08 2.71
C MET A 245 -22.96 -6.14 4.07
N ILE A 246 -23.52 -5.47 5.08
CA ILE A 246 -22.87 -5.31 6.37
C ILE A 246 -23.21 -6.54 7.21
N LEU A 247 -22.24 -7.46 7.32
CA LEU A 247 -22.44 -8.65 8.14
C LEU A 247 -22.27 -8.33 9.62
N ALA A 248 -21.26 -7.56 9.97
CA ALA A 248 -20.99 -7.24 11.37
C ALA A 248 -20.34 -5.87 11.46
N CYS A 249 -20.67 -5.12 12.50
CA CYS A 249 -20.20 -3.76 12.67
C CYS A 249 -19.98 -3.49 14.16
N LEU A 250 -18.89 -2.81 14.48
CA LEU A 250 -18.53 -2.55 15.88
C LEU A 250 -17.68 -1.30 15.91
N PHE A 251 -18.16 -0.26 16.58
CA PHE A 251 -17.43 1.01 16.71
C PHE A 251 -16.79 1.03 18.10
N GLY A 252 -15.48 0.80 18.15
CA GLY A 252 -14.81 0.66 19.42
C GLY A 252 -15.34 -0.56 20.16
N ALA A 253 -16.35 -0.35 21.00
CA ALA A 253 -17.08 -1.45 21.61
C ALA A 253 -18.59 -1.28 21.51
N GLU A 254 -19.07 -0.23 20.84
CA GLU A 254 -20.49 -0.06 20.57
C GLU A 254 -20.90 -0.94 19.39
N PRO A 255 -21.83 -1.87 19.55
CA PRO A 255 -22.28 -2.67 18.40
C PRO A 255 -23.16 -1.87 17.46
N CYS A 256 -23.03 -2.14 16.15
CA CYS A 256 -23.84 -1.50 15.13
C CYS A 256 -24.28 -2.55 14.11
N ASN A 257 -25.21 -2.16 13.25
CA ASN A 257 -25.67 -3.02 12.15
C ASN A 257 -26.03 -2.12 10.97
N TYR A 258 -26.64 -2.71 9.94
CA TYR A 258 -26.93 -1.96 8.73
C TYR A 258 -27.88 -0.80 8.96
N ARG A 259 -28.58 -0.75 10.10
CA ARG A 259 -29.51 0.33 10.35
C ARG A 259 -28.85 1.57 10.92
N ASN A 260 -27.57 1.50 11.30
CA ASN A 260 -26.80 2.67 11.67
C ASN A 260 -26.26 3.42 10.47
N PHE A 261 -26.48 2.92 9.25
CA PHE A 261 -25.96 3.50 8.03
C PHE A 261 -27.08 4.18 7.25
N THR A 262 -26.80 5.37 6.70
CA THR A 262 -27.76 6.05 5.83
C THR A 262 -27.59 5.54 4.40
N SER A 263 -28.70 5.16 3.77
CA SER A 263 -28.66 4.64 2.41
C SER A 263 -28.78 5.77 1.40
N ILE A 264 -27.93 5.73 0.37
CA ILE A 264 -28.03 6.63 -0.78
C ILE A 264 -27.82 5.80 -2.04
N PHE A 265 -28.36 6.28 -3.16
CA PHE A 265 -28.14 5.65 -4.46
C PHE A 265 -27.26 6.59 -5.28
N TYR A 266 -26.03 6.17 -5.53
CA TYR A 266 -25.08 6.96 -6.31
C TYR A 266 -24.94 6.31 -7.68
N PRO A 267 -25.46 6.91 -8.75
CA PRO A 267 -25.73 6.14 -9.97
C PRO A 267 -24.53 5.42 -10.56
N HIS A 268 -23.29 5.88 -10.33
CA HIS A 268 -22.16 5.14 -10.87
C HIS A 268 -21.92 3.84 -10.12
N TYR A 269 -22.26 3.79 -8.84
CA TYR A 269 -21.94 2.64 -8.00
C TYR A 269 -23.15 2.00 -7.34
N GLY A 270 -24.37 2.44 -7.64
CA GLY A 270 -25.54 1.82 -7.06
C GLY A 270 -25.72 2.26 -5.62
N ASN A 271 -26.28 1.37 -4.80
CA ASN A 271 -26.47 1.68 -3.39
C ASN A 271 -25.14 1.85 -2.69
N CYS A 272 -24.98 2.95 -1.96
CA CYS A 272 -23.89 3.13 -1.01
C CYS A 272 -24.48 3.42 0.36
N TYR A 273 -23.78 2.98 1.41
CA TYR A 273 -24.26 3.07 2.79
C TYR A 273 -23.27 3.88 3.61
N ILE A 274 -23.74 4.95 4.24
CA ILE A 274 -22.89 5.95 4.89
C ILE A 274 -22.98 5.78 6.41
N PHE A 275 -21.82 5.57 7.05
CA PHE A 275 -21.76 5.49 8.50
C PHE A 275 -21.43 6.85 9.11
N ASN A 276 -22.10 7.19 10.20
CA ASN A 276 -21.73 8.36 11.00
C ASN A 276 -21.84 9.65 10.19
N TRP A 277 -22.85 9.75 9.31
CA TRP A 277 -22.99 10.92 8.46
C TRP A 277 -23.35 12.17 9.22
N GLY A 278 -23.95 12.05 10.39
CA GLY A 278 -24.40 13.23 11.11
C GLY A 278 -25.58 13.92 10.49
N MET A 279 -26.40 13.19 9.74
CA MET A 279 -27.52 13.78 9.02
C MET A 279 -28.82 13.71 9.83
N THR A 280 -29.11 12.56 10.43
CA THR A 280 -30.32 12.39 11.24
C THR A 280 -30.02 12.00 12.68
N GLU A 281 -28.75 11.86 13.05
CA GLU A 281 -28.33 11.58 14.42
C GLU A 281 -27.05 12.37 14.69
N LYS A 282 -26.72 12.52 15.97
CA LYS A 282 -25.49 13.22 16.33
C LYS A 282 -24.28 12.36 16.00
N ALA A 283 -23.25 12.99 15.42
CA ALA A 283 -22.05 12.27 15.01
C ALA A 283 -21.27 11.79 16.22
N LEU A 284 -20.58 10.66 16.07
CA LEU A 284 -19.84 10.05 17.17
C LEU A 284 -18.46 10.65 17.30
N PRO A 285 -18.05 11.10 18.48
CA PRO A 285 -16.65 11.51 18.67
C PRO A 285 -15.77 10.30 18.93
N SER A 286 -14.48 10.47 18.62
CA SER A 286 -13.47 9.47 18.95
C SER A 286 -12.29 10.16 19.60
N ALA A 287 -11.82 9.60 20.72
CA ALA A 287 -10.83 10.26 21.57
C ALA A 287 -9.56 9.44 21.75
N ASN A 288 -9.35 8.39 20.97
CA ASN A 288 -8.19 7.53 21.11
C ASN A 288 -7.65 7.14 19.75
N PRO A 289 -6.33 6.92 19.64
CA PRO A 289 -5.78 6.37 18.41
C PRO A 289 -5.87 4.84 18.39
N GLY A 290 -5.42 4.26 17.29
CA GLY A 290 -5.24 2.82 17.20
C GLY A 290 -6.53 2.06 16.92
N THR A 291 -6.35 0.80 16.48
CA THR A 291 -7.46 0.04 15.93
C THR A 291 -8.55 -0.24 16.96
N GLU A 292 -8.18 -0.47 18.22
CA GLU A 292 -9.14 -0.97 19.20
C GLU A 292 -10.30 0.00 19.42
N PHE A 293 -10.10 1.28 19.12
CA PHE A 293 -11.15 2.29 19.31
C PHE A 293 -11.73 2.81 18.00
N GLY A 294 -11.43 2.15 16.88
CA GLY A 294 -11.92 2.60 15.58
C GLY A 294 -13.17 1.86 15.15
N LEU A 295 -13.54 2.08 13.89
CA LEU A 295 -14.67 1.36 13.29
C LEU A 295 -14.20 0.03 12.74
N LYS A 296 -14.91 -1.04 13.07
CA LYS A 296 -14.56 -2.40 12.68
C LYS A 296 -15.73 -3.01 11.92
N LEU A 297 -15.51 -3.36 10.65
CA LEU A 297 -16.57 -3.88 9.79
C LEU A 297 -16.21 -5.23 9.20
N ILE A 298 -17.20 -6.11 9.08
CA ILE A 298 -17.11 -7.31 8.25
C ILE A 298 -18.15 -7.15 7.15
N LEU A 299 -17.72 -7.29 5.90
CA LEU A 299 -18.55 -6.96 4.75
C LEU A 299 -18.57 -8.14 3.78
N ASP A 300 -19.72 -8.32 3.12
CA ASP A 300 -19.90 -9.39 2.15
C ASP A 300 -19.86 -8.83 0.73
N ILE A 301 -19.00 -9.40 -0.11
CA ILE A 301 -18.85 -8.91 -1.47
C ILE A 301 -19.95 -9.44 -2.38
N GLY A 302 -20.45 -10.66 -2.13
CA GLY A 302 -21.40 -11.26 -3.04
C GLY A 302 -20.85 -11.35 -4.45
N GLN A 303 -19.65 -11.88 -4.59
CA GLN A 303 -18.94 -11.85 -5.87
C GLN A 303 -19.58 -12.76 -6.92
N GLU A 304 -20.32 -13.78 -6.49
CA GLU A 304 -20.94 -14.69 -7.45
C GLU A 304 -22.11 -14.05 -8.19
N ASP A 305 -22.47 -12.81 -7.85
CA ASP A 305 -23.64 -12.14 -8.42
C ASP A 305 -23.27 -10.84 -9.14
N TYR A 306 -21.99 -10.63 -9.43
CA TYR A 306 -21.56 -9.47 -10.19
C TYR A 306 -22.08 -9.53 -11.62
N VAL A 307 -22.18 -8.38 -12.27
CA VAL A 307 -22.51 -8.33 -13.69
C VAL A 307 -21.27 -8.74 -14.49
N PRO A 308 -21.36 -9.69 -15.42
CA PRO A 308 -20.13 -10.19 -16.07
C PRO A 308 -19.35 -9.13 -16.82
N PHE A 309 -20.00 -8.29 -17.62
CA PHE A 309 -19.32 -7.39 -18.53
C PHE A 309 -19.16 -5.97 -17.97
N LEU A 310 -19.26 -5.80 -16.65
CA LEU A 310 -19.31 -4.46 -16.07
C LEU A 310 -18.82 -4.51 -14.62
N ALA A 311 -18.15 -3.43 -14.20
CA ALA A 311 -17.57 -3.34 -12.85
C ALA A 311 -16.71 -4.56 -12.53
N SER A 312 -15.57 -4.63 -13.22
CA SER A 312 -14.73 -5.82 -13.25
C SER A 312 -13.65 -5.85 -12.17
N THR A 313 -13.76 -5.08 -11.08
CA THR A 313 -12.85 -5.15 -9.95
C THR A 313 -13.63 -5.63 -8.73
N ALA A 314 -13.04 -6.52 -7.93
CA ALA A 314 -13.73 -7.14 -6.81
C ALA A 314 -13.27 -6.56 -5.47
N GLY A 315 -14.19 -5.95 -4.75
CA GLY A 315 -13.90 -5.34 -3.47
C GLY A 315 -15.05 -4.45 -3.06
N VAL A 316 -14.86 -3.68 -1.99
CA VAL A 316 -15.80 -2.60 -1.64
C VAL A 316 -15.15 -1.27 -1.94
N ARG A 317 -15.90 -0.36 -2.55
CA ARG A 317 -15.50 1.02 -2.63
C ARG A 317 -15.62 1.65 -1.25
N LEU A 318 -14.72 2.56 -0.93
CA LEU A 318 -14.64 3.16 0.40
C LEU A 318 -14.28 4.64 0.27
N MET A 319 -14.88 5.47 1.12
CA MET A 319 -14.54 6.89 1.17
C MET A 319 -14.75 7.47 2.56
N LEU A 320 -13.77 8.23 3.02
CA LEU A 320 -13.85 8.96 4.29
C LEU A 320 -14.13 10.44 3.97
N HIS A 321 -15.10 11.04 4.65
CA HIS A 321 -15.47 12.41 4.31
C HIS A 321 -16.12 13.11 5.51
N GLU A 322 -16.42 14.39 5.30
CA GLU A 322 -17.03 15.22 6.34
C GLU A 322 -18.47 14.81 6.63
N GLN A 323 -18.92 15.13 7.84
CA GLN A 323 -20.33 15.00 8.16
C GLN A 323 -21.18 15.86 7.21
N ARG A 324 -22.30 15.29 6.77
CA ARG A 324 -23.28 15.98 5.94
C ARG A 324 -22.76 16.42 4.57
N SER A 325 -21.60 15.94 4.14
CA SER A 325 -21.19 16.13 2.76
C SER A 325 -21.56 14.89 1.94
N TYR A 326 -21.79 15.10 0.64
CA TYR A 326 -22.14 13.98 -0.22
C TYR A 326 -20.87 13.27 -0.70
N PRO A 327 -20.83 11.94 -0.71
CA PRO A 327 -19.59 11.21 -1.02
C PRO A 327 -19.39 11.03 -2.51
N PHE A 328 -18.41 11.74 -3.07
CA PHE A 328 -18.04 11.57 -4.47
C PHE A 328 -17.02 10.44 -4.58
N ILE A 329 -17.56 9.22 -4.47
CA ILE A 329 -16.74 8.01 -4.39
C ILE A 329 -15.68 7.97 -5.51
N ARG A 330 -16.08 8.33 -6.73
CA ARG A 330 -15.19 8.20 -7.88
C ARG A 330 -13.86 8.94 -7.66
N ASP A 331 -13.92 10.14 -7.09
CA ASP A 331 -12.83 11.09 -7.17
C ASP A 331 -11.81 10.96 -6.03
N GLU A 332 -12.26 10.69 -4.80
CA GLU A 332 -11.34 10.52 -3.68
C GLU A 332 -11.55 9.22 -2.91
N GLY A 333 -12.32 8.26 -3.47
CA GLY A 333 -12.49 6.97 -2.83
C GLY A 333 -11.41 5.97 -3.23
N ILE A 334 -11.41 4.81 -2.56
CA ILE A 334 -10.47 3.73 -2.81
C ILE A 334 -11.20 2.39 -2.75
N TYR A 335 -10.52 1.32 -3.17
CA TYR A 335 -11.03 -0.03 -2.98
C TYR A 335 -10.40 -0.68 -1.77
N ALA A 336 -11.07 -1.71 -1.25
CA ALA A 336 -10.53 -2.59 -0.23
C ALA A 336 -10.69 -4.02 -0.69
N MET A 337 -9.68 -4.85 -0.41
CA MET A 337 -9.51 -6.15 -1.05
C MET A 337 -10.20 -7.24 -0.24
N SER A 338 -10.84 -8.18 -0.94
CA SER A 338 -11.55 -9.26 -0.26
C SER A 338 -10.58 -10.38 0.11
N GLY A 339 -10.95 -11.13 1.15
CA GLY A 339 -10.07 -12.11 1.74
C GLY A 339 -9.04 -11.54 2.68
N THR A 340 -9.03 -10.23 2.90
CA THR A 340 -8.05 -9.60 3.77
C THR A 340 -8.74 -8.78 4.85
N GLU A 341 -7.97 -8.49 5.90
CA GLU A 341 -8.28 -7.42 6.83
C GLU A 341 -7.50 -6.19 6.42
N THR A 342 -8.20 -5.12 6.09
CA THR A 342 -7.58 -3.88 5.66
C THR A 342 -7.64 -2.88 6.81
N SER A 343 -6.48 -2.36 7.21
CA SER A 343 -6.37 -1.43 8.32
C SER A 343 -6.01 -0.05 7.78
N ILE A 344 -6.80 0.96 8.15
CA ILE A 344 -6.71 2.29 7.56
C ILE A 344 -6.57 3.31 8.68
N GLY A 345 -5.37 3.86 8.85
CA GLY A 345 -5.15 4.93 9.82
C GLY A 345 -5.46 6.27 9.19
N VAL A 346 -6.21 7.12 9.92
CA VAL A 346 -6.78 8.34 9.37
C VAL A 346 -6.10 9.55 9.99
N LEU A 347 -5.83 10.55 9.15
CA LEU A 347 -5.30 11.86 9.55
C LEU A 347 -6.14 12.94 8.87
N VAL A 348 -6.69 13.86 9.65
CA VAL A 348 -7.56 14.90 9.10
C VAL A 348 -6.69 16.11 8.75
N ASP A 349 -6.52 16.36 7.46
CA ASP A 349 -5.63 17.40 6.95
C ASP A 349 -6.46 18.56 6.43
N LYS A 350 -6.26 19.75 6.99
CA LYS A 350 -7.11 20.91 6.71
C LYS A 350 -6.32 22.09 6.17
N LEU A 351 -6.97 22.86 5.30
CA LEU A 351 -6.52 24.18 4.88
C LEU A 351 -7.63 25.17 5.17
N GLN A 352 -7.31 26.22 5.93
CA GLN A 352 -8.26 27.27 6.27
C GLN A 352 -7.84 28.56 5.57
N ARG A 353 -8.70 29.06 4.70
CA ARG A 353 -8.41 30.25 3.91
C ARG A 353 -8.95 31.49 4.62
N MET A 354 -8.45 32.66 4.21
CA MET A 354 -8.73 33.90 4.93
C MET A 354 -10.09 34.50 4.59
N GLY A 355 -10.62 34.27 3.39
CA GLY A 355 -11.97 34.74 3.07
C GLY A 355 -12.02 35.97 2.19
N GLU A 356 -13.17 36.64 2.24
CA GLU A 356 -13.56 37.61 1.21
C GLU A 356 -12.58 38.78 1.03
N PRO A 357 -12.16 39.51 2.07
CA PRO A 357 -11.28 40.67 1.81
C PRO A 357 -9.99 40.31 1.13
N TYR A 358 -9.58 39.04 1.16
CA TYR A 358 -8.30 38.61 0.65
C TYR A 358 -8.37 37.56 -0.46
N SER A 359 -9.51 36.90 -0.64
CA SER A 359 -9.59 35.74 -1.52
C SER A 359 -11.04 35.53 -1.95
N PRO A 360 -11.28 34.82 -3.05
CA PRO A 360 -12.64 34.67 -3.58
C PRO A 360 -13.47 33.54 -2.97
N CYS A 361 -13.00 32.84 -1.95
CA CYS A 361 -13.69 31.67 -1.43
C CYS A 361 -14.89 32.07 -0.55
N THR A 362 -15.78 31.09 -0.32
CA THR A 362 -17.05 31.34 0.35
C THR A 362 -17.18 30.54 1.65
N VAL A 363 -17.93 31.10 2.61
CA VAL A 363 -18.14 30.44 3.89
C VAL A 363 -19.10 29.25 3.74
N ASN A 364 -20.21 29.44 3.02
CA ASN A 364 -21.14 28.36 2.73
C ASN A 364 -21.71 28.59 1.33
N GLY A 365 -22.67 27.76 0.95
CA GLY A 365 -23.15 27.76 -0.42
C GLY A 365 -24.11 28.87 -0.78
N SER A 366 -24.45 29.77 0.15
CA SER A 366 -25.48 30.76 -0.11
C SER A 366 -25.12 31.74 -1.22
N GLU A 367 -23.85 31.83 -1.60
CA GLU A 367 -23.42 32.75 -2.64
C GLU A 367 -23.51 32.16 -4.05
N VAL A 368 -23.85 30.88 -4.19
CA VAL A 368 -23.64 30.15 -5.44
C VAL A 368 -24.92 29.48 -5.91
N PRO A 369 -25.20 29.42 -7.27
CA PRO A 369 -26.43 28.78 -7.79
C PRO A 369 -26.33 27.26 -8.01
N VAL A 370 -26.14 26.52 -6.91
CA VAL A 370 -26.10 25.06 -6.98
C VAL A 370 -27.53 24.53 -6.95
N GLN A 371 -28.15 24.44 -8.13
CA GLN A 371 -29.58 24.10 -8.22
C GLN A 371 -29.84 22.61 -8.11
N ASN A 372 -28.95 21.78 -8.64
CA ASN A 372 -29.18 20.35 -8.80
C ASN A 372 -28.39 19.56 -7.77
N PHE A 373 -29.06 18.65 -7.06
CA PHE A 373 -28.43 17.83 -6.04
C PHE A 373 -28.69 16.34 -6.31
N TYR A 374 -27.74 15.50 -5.90
CA TYR A 374 -27.86 14.06 -6.10
C TYR A 374 -28.94 13.42 -5.23
N SER A 375 -29.29 14.02 -4.09
CA SER A 375 -30.19 13.38 -3.14
C SER A 375 -31.01 14.42 -2.39
N ASP A 376 -32.08 13.95 -1.74
CA ASP A 376 -33.01 14.83 -1.04
C ASP A 376 -32.46 15.39 0.26
N TYR A 377 -31.33 14.89 0.75
CA TYR A 377 -30.81 15.33 2.04
C TYR A 377 -30.19 16.73 1.93
N ASN A 378 -30.13 17.41 3.07
CA ASN A 378 -29.60 18.78 3.14
C ASN A 378 -28.08 18.78 3.32
N THR A 379 -27.39 18.30 2.29
CA THR A 379 -25.93 18.19 2.36
C THR A 379 -25.26 19.55 2.21
N THR A 380 -24.01 19.64 2.68
CA THR A 380 -23.25 20.88 2.62
C THR A 380 -22.78 21.18 1.20
N TYR A 381 -22.30 22.41 1.01
CA TYR A 381 -21.75 22.85 -0.26
C TYR A 381 -20.32 22.33 -0.46
N SER A 382 -19.95 22.15 -1.73
CA SER A 382 -18.57 21.89 -2.10
C SER A 382 -18.38 22.25 -3.56
N ILE A 383 -17.16 22.68 -3.92
CA ILE A 383 -16.90 23.11 -5.29
C ILE A 383 -17.08 21.94 -6.25
N GLN A 384 -16.76 20.72 -5.81
CA GLN A 384 -16.95 19.55 -6.66
C GLN A 384 -18.43 19.33 -6.97
N ALA A 385 -19.30 19.51 -5.97
CA ALA A 385 -20.73 19.38 -6.20
C ALA A 385 -21.26 20.49 -7.10
N CYS A 386 -20.63 21.65 -7.05
CA CYS A 386 -21.07 22.77 -7.88
C CYS A 386 -20.74 22.53 -9.35
N LEU A 387 -19.51 22.08 -9.63
CA LEU A 387 -19.13 21.84 -11.02
C LEU A 387 -20.02 20.77 -11.65
N ARG A 388 -20.27 19.67 -10.95
CA ARG A 388 -21.16 18.63 -11.47
C ARG A 388 -22.58 19.15 -11.61
N SER A 389 -23.04 19.96 -10.66
CA SER A 389 -24.37 20.53 -10.73
C SER A 389 -24.50 21.55 -11.84
N CYS A 390 -23.38 22.19 -12.23
CA CYS A 390 -23.40 23.16 -13.31
C CYS A 390 -23.40 22.48 -14.67
N PHE A 391 -22.64 21.41 -14.82
CA PHE A 391 -22.62 20.66 -16.08
C PHE A 391 -24.02 20.30 -16.53
N GLN A 392 -24.90 19.91 -15.60
CA GLN A 392 -26.23 19.47 -15.99
C GLN A 392 -27.10 20.63 -16.47
N ASP A 393 -26.85 21.85 -16.01
CA ASP A 393 -27.58 22.97 -16.56
C ASP A 393 -27.28 23.13 -18.05
N HIS A 394 -26.00 23.04 -18.41
CA HIS A 394 -25.62 23.20 -19.81
C HIS A 394 -26.04 22.01 -20.66
N MET A 395 -26.10 20.81 -20.06
CA MET A 395 -26.54 19.67 -20.84
C MET A 395 -28.05 19.64 -21.01
N ILE A 396 -28.79 20.21 -20.06
CA ILE A 396 -30.24 20.26 -20.24
C ILE A 396 -30.63 21.42 -21.15
N ARG A 397 -29.77 22.44 -21.29
CA ARG A 397 -29.98 23.44 -22.34
C ARG A 397 -29.64 22.87 -23.71
N ASN A 398 -28.52 22.15 -23.82
CA ASN A 398 -28.00 21.74 -25.11
C ASN A 398 -28.64 20.44 -25.61
N CYS A 399 -28.61 19.38 -24.81
CA CYS A 399 -29.09 18.07 -25.24
C CYS A 399 -30.51 17.76 -24.82
N ASN A 400 -31.17 18.64 -24.08
CA ASN A 400 -32.57 18.54 -23.67
C ASN A 400 -32.83 17.37 -22.72
N CYS A 401 -31.79 16.75 -22.15
CA CYS A 401 -31.95 15.69 -21.15
C CYS A 401 -30.76 15.71 -20.22
N GLY A 402 -30.95 15.16 -19.01
CA GLY A 402 -29.87 15.07 -18.04
C GLY A 402 -29.18 13.72 -18.08
N HIS A 403 -27.89 13.71 -17.75
CA HIS A 403 -27.10 12.50 -17.86
C HIS A 403 -27.29 11.61 -16.62
N TYR A 404 -27.16 10.30 -16.81
CA TYR A 404 -27.45 9.36 -15.74
C TYR A 404 -26.47 9.47 -14.58
N LEU A 405 -25.19 9.73 -14.88
CA LEU A 405 -24.18 9.79 -13.83
C LEU A 405 -24.22 11.09 -13.03
N TYR A 406 -25.21 11.94 -13.22
CA TYR A 406 -25.24 13.30 -12.69
C TYR A 406 -26.58 13.57 -11.99
N PRO A 407 -26.67 14.65 -11.22
CA PRO A 407 -27.95 14.99 -10.59
C PRO A 407 -28.98 15.45 -11.61
N LEU A 408 -30.23 15.55 -11.16
CA LEU A 408 -31.32 15.85 -12.09
C LEU A 408 -32.29 16.87 -11.49
N PRO A 409 -32.77 17.84 -12.27
CA PRO A 409 -33.78 18.77 -11.77
C PRO A 409 -35.05 18.06 -11.33
N ARG A 410 -36.01 18.87 -10.86
CA ARG A 410 -37.21 18.31 -10.24
C ARG A 410 -38.15 17.68 -11.25
N GLY A 411 -38.11 18.10 -12.51
CA GLY A 411 -39.06 17.62 -13.50
C GLY A 411 -38.51 17.22 -14.86
N GLU A 412 -37.18 17.13 -14.99
CA GLU A 412 -36.57 16.80 -16.27
C GLU A 412 -36.36 15.29 -16.39
N LYS A 413 -35.81 14.86 -17.53
CA LYS A 413 -35.71 13.45 -17.89
C LYS A 413 -34.27 13.05 -18.15
N TYR A 414 -33.92 11.81 -17.79
CA TYR A 414 -32.61 11.29 -18.12
C TYR A 414 -32.51 10.98 -19.60
N CYS A 415 -31.28 10.89 -20.11
CA CYS A 415 -31.06 10.70 -21.53
C CYS A 415 -31.27 9.25 -21.94
N ASN A 416 -32.03 9.05 -23.02
CA ASN A 416 -32.33 7.76 -23.61
C ASN A 416 -32.12 7.85 -25.11
N ASN A 417 -31.63 6.78 -25.74
CA ASN A 417 -31.62 6.76 -27.20
C ASN A 417 -33.02 6.61 -27.77
N ARG A 418 -34.02 6.35 -26.92
CA ARG A 418 -35.41 6.32 -27.36
C ARG A 418 -35.96 7.73 -27.54
N ASP A 419 -35.80 8.57 -26.52
CA ASP A 419 -36.35 9.92 -26.51
C ASP A 419 -35.41 10.96 -27.08
N PHE A 420 -34.10 10.75 -26.96
CA PHE A 420 -33.09 11.76 -27.28
C PHE A 420 -31.95 11.10 -28.05
N PRO A 421 -32.21 10.70 -29.31
CA PRO A 421 -31.24 9.85 -30.02
C PRO A 421 -29.83 10.40 -30.07
N ASP A 422 -29.66 11.72 -30.15
CA ASP A 422 -28.35 12.34 -30.33
C ASP A 422 -27.55 12.46 -29.04
N TRP A 423 -28.07 11.99 -27.90
CA TRP A 423 -27.46 12.32 -26.62
C TRP A 423 -26.05 11.77 -26.49
N ALA A 424 -25.75 10.63 -27.12
CA ALA A 424 -24.43 10.03 -26.95
C ALA A 424 -23.34 10.92 -27.53
N HIS A 425 -23.58 11.48 -28.72
CA HIS A 425 -22.63 12.45 -29.27
C HIS A 425 -22.69 13.75 -28.49
N CYS A 426 -23.90 14.24 -28.22
CA CYS A 426 -24.06 15.53 -27.57
C CYS A 426 -23.32 15.60 -26.24
N TYR A 427 -23.27 14.49 -25.50
CA TYR A 427 -22.53 14.48 -24.24
C TYR A 427 -21.03 14.57 -24.50
N SER A 428 -20.54 13.89 -25.53
CA SER A 428 -19.11 13.94 -25.83
C SER A 428 -18.67 15.32 -26.30
N ASP A 429 -19.57 16.08 -26.93
CA ASP A 429 -19.26 17.47 -27.25
C ASP A 429 -19.06 18.30 -26.00
N LEU A 430 -19.94 18.13 -25.01
CA LEU A 430 -19.85 18.95 -23.80
C LEU A 430 -18.57 18.67 -23.02
N GLN A 431 -18.13 17.41 -23.00
CA GLN A 431 -16.88 17.09 -22.31
C GLN A 431 -15.70 17.87 -22.91
N MET A 432 -15.69 18.05 -24.23
CA MET A 432 -14.58 18.73 -24.89
C MET A 432 -14.78 20.23 -25.02
N SER A 433 -16.00 20.72 -24.88
CA SER A 433 -16.29 22.14 -25.05
C SER A 433 -15.51 22.98 -24.05
N VAL A 434 -14.66 23.88 -24.56
CA VAL A 434 -13.93 24.81 -23.68
C VAL A 434 -14.89 25.77 -23.01
N ALA A 435 -15.91 26.24 -23.75
CA ALA A 435 -16.88 27.17 -23.16
C ALA A 435 -17.57 26.56 -21.96
N GLN A 436 -17.95 25.28 -22.04
CA GLN A 436 -18.59 24.62 -20.90
C GLN A 436 -17.63 24.53 -19.72
N ARG A 437 -16.38 24.12 -19.97
CA ARG A 437 -15.40 24.00 -18.90
C ARG A 437 -15.20 25.34 -18.18
N GLU A 438 -14.93 26.39 -18.95
CA GLU A 438 -14.54 27.67 -18.36
C GLU A 438 -15.71 28.40 -17.72
N THR A 439 -16.95 28.16 -18.17
CA THR A 439 -18.06 28.90 -17.60
C THR A 439 -18.50 28.31 -16.25
N CYS A 440 -18.40 26.99 -16.08
CA CYS A 440 -18.69 26.42 -14.77
C CYS A 440 -17.56 26.73 -13.79
N ILE A 441 -16.31 26.63 -14.24
CA ILE A 441 -15.18 26.96 -13.36
C ILE A 441 -15.22 28.43 -12.96
N GLY A 442 -15.89 29.26 -13.76
CA GLY A 442 -16.08 30.66 -13.39
C GLY A 442 -17.22 30.86 -12.41
N MET A 443 -18.28 30.06 -12.55
CA MET A 443 -19.45 30.22 -11.68
C MET A 443 -19.16 29.77 -10.25
N CYS A 444 -18.52 28.61 -10.10
CA CYS A 444 -18.28 28.01 -8.80
C CYS A 444 -17.08 28.65 -8.11
N LYS A 445 -16.99 28.45 -6.78
CA LYS A 445 -15.92 29.05 -6.01
C LYS A 445 -15.52 28.16 -4.83
N GLU A 446 -14.29 28.36 -4.36
CA GLU A 446 -13.71 27.55 -3.29
C GLU A 446 -14.44 27.77 -1.98
N SER A 447 -14.25 26.85 -1.03
CA SER A 447 -14.76 27.01 0.33
C SER A 447 -13.65 27.53 1.24
N CYS A 448 -14.06 28.28 2.28
CA CYS A 448 -13.08 28.83 3.20
C CYS A 448 -12.36 27.74 3.99
N ASN A 449 -13.10 26.73 4.45
CA ASN A 449 -12.51 25.55 5.08
C ASN A 449 -12.40 24.45 4.04
N ASP A 450 -11.25 23.78 3.99
CA ASP A 450 -10.99 22.78 2.95
C ASP A 450 -10.33 21.55 3.59
N THR A 451 -11.14 20.53 3.86
CA THR A 451 -10.75 19.37 4.67
C THR A 451 -10.53 18.14 3.78
N GLN A 452 -9.45 17.40 4.03
CA GLN A 452 -9.16 16.17 3.32
C GLN A 452 -8.68 15.12 4.32
N TYR A 453 -9.20 13.89 4.21
CA TYR A 453 -8.88 12.81 5.13
C TYR A 453 -7.81 11.92 4.51
N LYS A 454 -6.60 11.98 5.06
CA LYS A 454 -5.48 11.19 4.57
C LYS A 454 -5.46 9.81 5.22
N MET A 455 -4.97 8.81 4.49
CA MET A 455 -5.06 7.41 4.90
C MET A 455 -3.71 6.70 4.81
N THR A 456 -3.48 5.79 5.75
CA THR A 456 -2.35 4.87 5.73
C THR A 456 -2.89 3.45 5.71
N ILE A 457 -2.67 2.73 4.60
CA ILE A 457 -3.31 1.43 4.35
C ILE A 457 -2.35 0.31 4.72
N SER A 458 -2.87 -0.74 5.36
CA SER A 458 -2.15 -1.98 5.63
C SER A 458 -3.11 -3.15 5.46
N MET A 459 -2.57 -4.35 5.28
CA MET A 459 -3.39 -5.51 4.96
C MET A 459 -2.82 -6.78 5.56
N ALA A 460 -3.70 -7.72 5.88
CA ALA A 460 -3.32 -9.05 6.34
C ALA A 460 -4.42 -10.04 5.99
N ASP A 461 -4.06 -11.31 5.85
CA ASP A 461 -5.04 -12.33 5.50
C ASP A 461 -6.05 -12.50 6.63
N TRP A 462 -7.31 -12.74 6.27
CA TRP A 462 -8.40 -12.87 7.23
C TRP A 462 -9.47 -13.80 6.67
N PRO A 463 -10.01 -14.73 7.49
CA PRO A 463 -9.69 -15.05 8.89
C PRO A 463 -8.37 -15.80 9.04
N SER A 464 -7.98 -16.13 10.26
CA SER A 464 -6.88 -17.06 10.45
C SER A 464 -7.35 -18.48 10.17
N GLU A 465 -6.41 -19.34 9.77
CA GLU A 465 -6.81 -20.70 9.41
C GLU A 465 -7.45 -21.43 10.58
N ALA A 466 -7.11 -21.03 11.81
CA ALA A 466 -7.67 -21.69 12.99
C ALA A 466 -9.10 -21.23 13.28
N SER A 467 -9.43 -19.98 12.99
CA SER A 467 -10.77 -19.45 13.26
C SER A 467 -11.68 -19.49 12.05
N GLU A 468 -11.17 -19.92 10.90
CA GLU A 468 -11.92 -19.83 9.65
C GLU A 468 -13.26 -20.55 9.71
N ASP A 469 -13.29 -21.79 10.21
CA ASP A 469 -14.49 -22.59 10.00
C ASP A 469 -15.59 -22.31 11.02
N TRP A 470 -15.29 -21.76 12.19
CA TRP A 470 -16.38 -21.31 13.05
C TRP A 470 -16.85 -19.92 12.64
N ILE A 471 -15.93 -19.08 12.16
CA ILE A 471 -16.32 -17.79 11.61
C ILE A 471 -17.34 -17.96 10.51
N PHE A 472 -17.01 -18.76 9.49
CA PHE A 472 -17.89 -18.87 8.33
C PHE A 472 -19.13 -19.73 8.60
N HIS A 473 -19.11 -20.57 9.63
CA HIS A 473 -20.36 -21.26 9.99
C HIS A 473 -21.33 -20.30 10.65
N VAL A 474 -20.83 -19.42 11.52
CA VAL A 474 -21.71 -18.44 12.17
C VAL A 474 -22.27 -17.48 11.13
N LEU A 475 -21.43 -17.02 10.20
CA LEU A 475 -21.92 -16.09 9.17
C LEU A 475 -22.89 -16.79 8.22
N SER A 476 -22.70 -18.08 7.96
CA SER A 476 -23.66 -18.81 7.14
C SER A 476 -24.98 -19.00 7.87
N GLN A 477 -24.93 -19.34 9.16
CA GLN A 477 -26.14 -19.63 9.91
C GLN A 477 -27.01 -18.38 10.06
N GLU A 478 -26.39 -17.21 10.19
CA GLU A 478 -27.13 -15.97 10.45
C GLU A 478 -27.81 -15.41 9.22
N ARG A 479 -27.57 -15.96 8.04
CA ARG A 479 -28.26 -15.54 6.81
C ARG A 479 -29.47 -16.41 6.48
N ASP A 480 -29.63 -17.53 7.16
CA ASP A 480 -30.72 -18.47 6.87
C ASP A 480 -32.06 -17.94 7.39
N LEU A 487 -21.01 -18.62 1.91
CA LEU A 487 -19.94 -17.65 2.12
C LEU A 487 -18.57 -18.32 2.03
N SER A 488 -17.58 -17.58 1.53
CA SER A 488 -16.24 -18.13 1.33
C SER A 488 -15.22 -17.02 1.49
N ARG A 489 -13.97 -17.43 1.72
CA ARG A 489 -12.91 -16.49 2.08
C ARG A 489 -12.83 -15.31 1.13
N LYS A 490 -12.79 -15.58 -0.18
CA LYS A 490 -12.62 -14.50 -1.15
C LYS A 490 -13.90 -13.73 -1.43
N GLY A 491 -14.97 -14.01 -0.69
CA GLY A 491 -16.18 -13.21 -0.75
C GLY A 491 -16.37 -12.27 0.43
N ILE A 492 -15.42 -12.19 1.35
CA ILE A 492 -15.58 -11.46 2.61
C ILE A 492 -14.47 -10.42 2.75
N VAL A 493 -14.81 -9.28 3.36
CA VAL A 493 -13.87 -8.22 3.68
C VAL A 493 -13.95 -7.94 5.17
N LYS A 494 -12.80 -7.69 5.79
CA LYS A 494 -12.71 -7.13 7.14
C LYS A 494 -12.00 -5.79 7.02
N LEU A 495 -12.48 -4.78 7.74
CA LEU A 495 -12.04 -3.41 7.49
C LEU A 495 -11.99 -2.64 8.80
N ASN A 496 -10.80 -2.12 9.15
CA ASN A 496 -10.60 -1.30 10.34
C ASN A 496 -10.24 0.13 9.94
N ILE A 497 -10.92 1.10 10.52
CA ILE A 497 -10.67 2.52 10.26
C ILE A 497 -10.49 3.22 11.61
N TYR A 498 -9.34 3.86 11.81
CA TYR A 498 -8.98 4.38 13.12
C TYR A 498 -8.10 5.62 12.97
N PHE A 499 -8.02 6.42 14.03
CA PHE A 499 -7.17 7.61 14.02
C PHE A 499 -5.71 7.23 14.26
N GLN A 500 -4.80 7.98 13.62
CA GLN A 500 -3.37 7.79 13.84
C GLN A 500 -2.94 8.43 15.16
N GLU A 501 -1.67 8.20 15.54
CA GLU A 501 -1.14 8.78 16.75
C GLU A 501 -1.28 10.30 16.76
N PHE A 502 -1.08 10.93 15.60
CA PHE A 502 -1.38 12.33 15.38
C PHE A 502 -2.51 12.41 14.37
N ASN A 503 -3.69 12.87 14.79
CA ASN A 503 -4.89 12.73 13.99
C ASN A 503 -5.34 14.02 13.31
N TYR A 504 -4.59 15.11 13.39
CA TYR A 504 -4.91 16.30 12.62
C TYR A 504 -3.65 17.02 12.17
N ARG A 505 -3.76 17.70 11.04
CA ARG A 505 -2.75 18.61 10.52
C ARG A 505 -3.47 19.80 9.91
N THR A 506 -3.09 21.01 10.31
CA THR A 506 -3.83 22.22 9.93
C THR A 506 -2.91 23.28 9.38
N ILE A 507 -3.36 23.96 8.32
CA ILE A 507 -2.70 25.13 7.76
C ILE A 507 -3.71 26.26 7.80
N GLU A 508 -3.42 27.33 8.55
CA GLU A 508 -4.37 28.41 8.79
C GLU A 508 -3.82 29.74 8.28
N GLU A 509 -4.53 30.36 7.32
CA GLU A 509 -4.16 31.68 6.85
C GLU A 509 -4.56 32.75 7.84
N SER A 510 -3.76 33.82 7.91
CA SER A 510 -4.01 34.93 8.82
C SER A 510 -3.50 36.21 8.20
N ALA A 511 -4.07 37.34 8.62
CA ALA A 511 -3.71 38.63 8.04
C ALA A 511 -2.29 39.04 8.43
N GLU B 78 19.90 36.39 5.24
CA GLU B 78 18.71 35.81 5.87
C GLU B 78 17.67 35.42 4.82
N VAL B 79 17.01 34.29 5.03
CA VAL B 79 16.01 33.77 4.10
C VAL B 79 14.71 33.50 4.85
N SER B 80 13.58 33.71 4.17
CA SER B 80 12.26 33.54 4.74
C SER B 80 11.50 32.48 3.95
N VAL B 81 10.95 31.49 4.64
CA VAL B 81 10.28 30.36 4.00
C VAL B 81 8.83 30.72 3.72
N SER B 82 8.29 30.15 2.63
CA SER B 82 6.88 30.28 2.30
C SER B 82 6.33 28.94 1.84
N LEU B 83 5.02 28.79 1.88
CA LEU B 83 4.36 27.51 1.67
C LEU B 83 3.13 27.69 0.79
N SER B 84 2.98 26.81 -0.20
CA SER B 84 1.85 26.84 -1.12
C SER B 84 1.31 25.43 -1.35
N VAL B 85 -0.01 25.28 -1.35
CA VAL B 85 -0.68 23.98 -1.39
C VAL B 85 -1.93 24.08 -2.25
N GLY B 86 -2.22 23.03 -3.02
CA GLY B 86 -3.48 22.98 -3.77
C GLY B 86 -3.37 22.05 -4.96
N PHE B 87 -4.17 22.34 -5.98
CA PHE B 87 -4.10 21.63 -7.26
C PHE B 87 -3.64 22.61 -8.34
N LYS B 88 -2.71 22.17 -9.17
CA LYS B 88 -2.24 22.94 -10.32
C LYS B 88 -2.02 21.99 -11.49
N THR B 89 -2.32 22.46 -12.70
CA THR B 89 -2.02 21.67 -13.89
C THR B 89 -0.53 21.69 -14.16
N MET B 90 0.06 20.51 -14.31
CA MET B 90 1.50 20.40 -14.49
C MET B 90 1.81 19.08 -15.19
N ASP B 91 3.07 18.91 -15.57
CA ASP B 91 3.49 17.69 -16.27
C ASP B 91 3.22 16.47 -15.38
N PHE B 92 2.63 15.44 -15.98
CA PHE B 92 2.38 14.21 -15.25
C PHE B 92 3.70 13.48 -15.01
N PRO B 93 3.93 12.94 -13.80
CA PRO B 93 5.25 12.39 -13.48
C PRO B 93 5.72 11.39 -14.54
N ALA B 94 7.03 11.29 -14.70
CA ALA B 94 7.58 10.24 -15.54
C ALA B 94 7.53 8.93 -14.78
N VAL B 95 6.88 7.93 -15.37
CA VAL B 95 6.69 6.62 -14.73
C VAL B 95 7.58 5.61 -15.45
N THR B 96 8.42 4.91 -14.69
CA THR B 96 9.27 3.85 -15.25
C THR B 96 8.79 2.49 -14.79
N ILE B 97 8.63 1.57 -15.74
CA ILE B 97 8.14 0.22 -15.50
C ILE B 97 9.29 -0.74 -15.73
N CYS B 98 9.54 -1.63 -14.78
CA CYS B 98 10.49 -2.72 -14.96
C CYS B 98 9.85 -4.01 -14.49
N ASN B 99 10.34 -5.14 -15.00
CA ASN B 99 9.95 -6.44 -14.48
C ASN B 99 10.86 -6.80 -13.31
N ALA B 100 10.35 -7.66 -12.42
CA ALA B 100 11.16 -8.03 -11.26
C ALA B 100 12.25 -9.04 -11.59
N SER B 101 12.24 -9.61 -12.79
CA SER B 101 13.30 -10.50 -13.25
C SER B 101 14.13 -9.80 -14.31
N PRO B 102 15.46 -9.81 -14.22
CA PRO B 102 16.24 -9.08 -15.24
C PRO B 102 16.14 -9.68 -16.62
N PHE B 103 15.94 -10.99 -16.75
CA PHE B 103 16.04 -11.65 -18.04
C PHE B 103 14.92 -12.65 -18.21
N LYS B 104 14.73 -13.07 -19.47
CA LYS B 104 13.85 -14.18 -19.79
C LYS B 104 14.67 -15.46 -19.74
N TYR B 105 14.32 -16.34 -18.81
CA TYR B 105 15.11 -17.55 -18.63
C TYR B 105 15.17 -18.36 -19.91
N SER B 106 14.05 -18.45 -20.64
CA SER B 106 14.06 -19.20 -21.89
C SER B 106 15.02 -18.61 -22.91
N LYS B 107 15.45 -17.36 -22.73
CA LYS B 107 16.37 -16.73 -23.66
C LYS B 107 17.80 -16.63 -23.14
N ILE B 108 18.03 -16.85 -21.84
CA ILE B 108 19.37 -16.73 -21.28
C ILE B 108 19.88 -18.03 -20.67
N LYS B 109 19.10 -19.11 -20.65
CA LYS B 109 19.55 -20.35 -20.01
C LYS B 109 20.74 -20.98 -20.73
N HIS B 110 21.07 -20.56 -21.96
CA HIS B 110 22.21 -21.16 -22.63
C HIS B 110 23.53 -20.64 -22.09
N LEU B 111 23.51 -19.47 -21.45
CA LEU B 111 24.70 -18.99 -20.75
C LEU B 111 24.78 -19.54 -19.34
N LEU B 112 23.63 -19.67 -18.68
CA LEU B 112 23.59 -20.02 -17.26
C LEU B 112 23.50 -21.51 -16.98
N LYS B 113 23.57 -22.39 -17.98
CA LYS B 113 23.37 -23.81 -17.71
C LYS B 113 24.47 -24.39 -16.82
N ASP B 114 25.74 -24.03 -17.07
CA ASP B 114 26.82 -24.53 -16.20
C ASP B 114 26.61 -24.09 -14.76
N LEU B 115 26.26 -22.82 -14.57
CA LEU B 115 26.06 -22.28 -13.22
C LEU B 115 24.83 -22.88 -12.56
N ASP B 116 23.78 -23.15 -13.34
CA ASP B 116 22.58 -23.75 -12.77
C ASP B 116 22.82 -25.19 -12.34
N GLU B 117 23.50 -25.97 -13.17
CA GLU B 117 23.85 -27.32 -12.76
C GLU B 117 24.69 -27.31 -11.50
N LEU B 118 25.62 -26.37 -11.38
CA LEU B 118 26.43 -26.29 -10.17
C LEU B 118 25.62 -25.80 -8.97
N MET B 119 24.67 -24.89 -9.19
CA MET B 119 23.83 -24.41 -8.09
C MET B 119 22.91 -25.51 -7.57
N GLU B 120 22.38 -26.34 -8.46
CA GLU B 120 21.56 -27.45 -8.00
C GLU B 120 22.41 -28.52 -7.35
N ALA B 121 23.66 -28.70 -7.77
CA ALA B 121 24.54 -29.61 -7.04
C ALA B 121 24.86 -29.07 -5.65
N VAL B 122 25.04 -27.76 -5.51
CA VAL B 122 25.27 -27.15 -4.20
C VAL B 122 24.04 -27.36 -3.30
N LEU B 123 22.86 -27.12 -3.84
CA LEU B 123 21.63 -27.34 -3.08
C LEU B 123 21.51 -28.80 -2.65
N GLU B 124 21.81 -29.74 -3.54
CA GLU B 124 21.77 -31.16 -3.16
C GLU B 124 22.78 -31.46 -2.06
N ARG B 125 23.97 -30.87 -2.15
CA ARG B 125 24.98 -31.12 -1.12
C ARG B 125 24.51 -30.62 0.24
N ILE B 126 23.71 -29.55 0.28
CA ILE B 126 23.23 -29.02 1.55
C ILE B 126 22.02 -29.81 2.06
N LEU B 127 21.00 -29.96 1.21
CA LEU B 127 19.69 -30.46 1.61
C LEU B 127 19.58 -31.98 1.61
N ALA B 128 20.22 -32.66 0.65
CA ALA B 128 20.08 -34.10 0.48
C ALA B 128 21.45 -34.72 0.31
N PRO B 129 22.29 -34.65 1.35
CA PRO B 129 23.71 -35.00 1.18
C PRO B 129 23.95 -36.47 0.94
N GLU B 130 23.00 -37.35 1.25
CA GLU B 130 23.20 -38.78 1.10
C GLU B 130 23.19 -39.21 -0.36
N LEU B 131 22.67 -38.38 -1.26
CA LEU B 131 22.59 -38.72 -2.67
C LEU B 131 23.93 -38.50 -3.37
N ASN B 139 31.43 -34.38 -15.26
CA ASN B 139 31.24 -33.88 -13.90
C ASN B 139 30.99 -32.37 -13.92
N LEU B 140 30.87 -31.77 -12.73
CA LEU B 140 30.51 -30.37 -12.62
C LEU B 140 31.64 -29.46 -13.09
N ASN B 141 31.27 -28.22 -13.42
CA ASN B 141 32.20 -27.20 -13.91
C ASN B 141 32.81 -26.50 -12.69
N PHE B 142 33.80 -27.14 -12.09
CA PHE B 142 34.44 -26.62 -10.89
C PHE B 142 35.28 -25.39 -11.15
N SER B 143 35.49 -25.00 -12.40
CA SER B 143 36.13 -23.71 -12.68
C SER B 143 35.24 -22.55 -12.28
N ILE B 144 33.92 -22.77 -12.24
CA ILE B 144 33.00 -21.77 -11.69
C ILE B 144 33.09 -21.77 -10.18
N TRP B 145 33.16 -22.97 -9.57
CA TRP B 145 33.21 -23.07 -8.12
C TRP B 145 34.45 -22.38 -7.56
N ASN B 146 35.62 -22.66 -8.14
CA ASN B 146 36.87 -22.12 -7.61
C ASN B 146 36.99 -20.60 -7.69
N HIS B 147 36.00 -19.89 -8.23
CA HIS B 147 36.07 -18.44 -8.24
C HIS B 147 35.86 -17.88 -6.83
N THR B 148 34.72 -18.18 -6.22
CA THR B 148 34.46 -17.88 -4.81
C THR B 148 33.70 -19.04 -4.20
N PRO B 149 34.42 -20.07 -3.73
CA PRO B 149 33.73 -21.24 -3.18
C PRO B 149 33.09 -20.92 -1.84
N LEU B 150 31.91 -21.49 -1.62
CA LEU B 150 31.29 -21.42 -0.30
C LEU B 150 31.98 -22.42 0.63
N VAL B 151 32.23 -22.01 1.86
CA VAL B 151 32.82 -22.87 2.86
C VAL B 151 31.91 -22.89 4.09
N LEU B 152 31.86 -24.05 4.74
CA LEU B 152 31.34 -24.14 6.10
C LEU B 152 32.45 -23.74 7.06
N ILE B 153 32.13 -22.90 8.04
CA ILE B 153 33.05 -22.61 9.14
C ILE B 153 32.40 -23.07 10.43
N ASP B 154 32.98 -24.10 11.04
CA ASP B 154 32.41 -24.76 12.21
C ASP B 154 33.22 -24.38 13.44
N GLU B 155 32.59 -23.67 14.37
CA GLU B 155 33.25 -23.20 15.58
C GLU B 155 32.67 -23.85 16.84
N ARG B 156 32.04 -25.02 16.69
CA ARG B 156 31.54 -25.78 17.83
C ARG B 156 32.65 -26.22 18.78
N ASN B 157 33.91 -26.03 18.40
CA ASN B 157 35.06 -26.39 19.23
C ASN B 157 35.99 -25.19 19.33
N PRO B 158 35.87 -24.37 20.38
CA PRO B 158 36.64 -23.11 20.43
C PRO B 158 38.14 -23.28 20.29
N HIS B 159 38.70 -24.46 20.56
CA HIS B 159 40.13 -24.66 20.44
C HIS B 159 40.54 -25.20 19.07
N HIS B 160 39.60 -25.42 18.17
CA HIS B 160 39.93 -25.94 16.84
C HIS B 160 38.79 -25.65 15.86
N PRO B 161 38.55 -24.38 15.53
CA PRO B 161 37.57 -24.07 14.48
C PRO B 161 38.09 -24.53 13.13
N MET B 162 37.23 -25.20 12.36
CA MET B 162 37.63 -25.84 11.11
C MET B 162 36.73 -25.40 9.97
N VAL B 163 37.36 -25.03 8.84
CA VAL B 163 36.66 -24.49 7.68
C VAL B 163 36.76 -25.51 6.55
N LEU B 164 35.61 -25.84 5.95
CA LEU B 164 35.51 -26.92 4.98
C LEU B 164 34.77 -26.44 3.73
N ASP B 165 35.31 -26.80 2.57
CA ASP B 165 34.65 -26.52 1.31
C ASP B 165 33.49 -27.48 1.10
N LEU B 166 32.34 -26.97 0.68
CA LEU B 166 31.17 -27.83 0.50
C LEU B 166 31.51 -29.04 -0.38
N PHE B 167 32.30 -28.83 -1.41
CA PHE B 167 32.81 -29.93 -2.23
C PHE B 167 34.26 -30.23 -1.87
N SER B 180 26.55 -40.15 8.56
CA SER B 180 25.79 -39.27 7.67
C SER B 180 26.65 -38.10 7.21
N GLU B 181 26.40 -37.63 5.98
CA GLU B 181 27.24 -36.63 5.34
C GLU B 181 26.64 -35.22 5.42
N LYS B 182 26.02 -34.87 6.55
CA LYS B 182 25.29 -33.61 6.67
C LYS B 182 26.21 -32.42 6.90
N ILE B 183 25.92 -31.31 6.22
CA ILE B 183 26.53 -30.02 6.56
C ILE B 183 25.94 -29.54 7.88
N CYS B 184 26.72 -28.76 8.62
CA CYS B 184 26.28 -28.30 9.94
C CYS B 184 25.33 -27.12 9.84
N ASN B 185 24.23 -27.17 10.61
CA ASN B 185 23.37 -26.01 10.81
C ASN B 185 23.12 -25.71 12.28
N ALA B 186 23.98 -26.21 13.18
CA ALA B 186 23.84 -25.97 14.61
C ALA B 186 24.27 -24.55 14.96
N HIS B 187 24.13 -24.21 16.24
CA HIS B 187 24.29 -22.83 16.69
C HIS B 187 25.71 -22.31 16.56
N GLY B 188 26.71 -23.19 16.44
CA GLY B 188 28.08 -22.76 16.31
C GLY B 188 28.60 -22.66 14.89
N CYS B 189 27.76 -22.87 13.89
CA CYS B 189 28.19 -23.03 12.50
C CYS B 189 27.70 -21.88 11.63
N LYS B 190 28.57 -21.42 10.74
CA LYS B 190 28.28 -20.32 9.82
C LYS B 190 28.79 -20.71 8.44
N MET B 191 28.39 -19.94 7.43
CA MET B 191 28.64 -20.27 6.04
C MET B 191 29.12 -19.02 5.31
N ALA B 192 30.17 -19.18 4.49
CA ALA B 192 30.92 -18.02 4.02
C ALA B 192 31.42 -18.23 2.59
N MET B 193 31.73 -17.12 1.92
CA MET B 193 32.40 -17.14 0.61
C MET B 193 33.87 -16.80 0.77
N ARG B 194 34.73 -17.62 0.20
CA ARG B 194 36.18 -17.39 0.28
C ARG B 194 36.60 -16.51 -0.90
N LEU B 195 36.81 -15.23 -0.64
CA LEU B 195 37.17 -14.24 -1.67
C LEU B 195 38.69 -14.11 -1.74
N CYS B 196 39.33 -14.82 -2.67
CA CYS B 196 40.78 -14.83 -2.70
C CYS B 196 41.37 -14.06 -3.87
N SER B 197 42.62 -13.61 -3.68
CA SER B 197 43.28 -12.63 -4.53
C SER B 197 44.78 -12.85 -4.51
N LEU B 198 45.49 -12.13 -5.38
CA LEU B 198 46.95 -12.20 -5.52
C LEU B 198 47.42 -13.65 -5.56
N ASN B 199 47.12 -14.32 -6.68
CA ASN B 199 47.44 -15.74 -6.86
C ASN B 199 47.01 -16.55 -5.65
N ARG B 200 45.93 -16.11 -5.00
CA ARG B 200 45.31 -16.72 -3.83
C ARG B 200 46.21 -16.70 -2.59
N THR B 201 47.30 -15.91 -2.59
CA THR B 201 48.23 -15.94 -1.48
C THR B 201 47.69 -15.28 -0.22
N GLN B 202 46.72 -14.37 -0.33
CA GLN B 202 46.17 -13.71 0.85
C GLN B 202 44.71 -13.35 0.61
N CYS B 203 43.82 -13.77 1.51
CA CYS B 203 42.40 -13.58 1.23
C CYS B 203 41.54 -13.68 2.48
N THR B 204 40.24 -13.40 2.30
CA THR B 204 39.29 -13.18 3.39
C THR B 204 37.95 -13.83 3.08
N PHE B 205 37.13 -13.98 4.12
CA PHE B 205 35.78 -14.53 4.01
C PHE B 205 34.73 -13.42 4.00
N ARG B 206 33.59 -13.72 3.39
CA ARG B 206 32.36 -12.94 3.59
C ARG B 206 31.34 -13.87 4.23
N ASN B 207 30.83 -13.49 5.40
CA ASN B 207 30.17 -14.42 6.31
C ASN B 207 28.65 -14.28 6.27
N PHE B 208 27.98 -15.43 6.40
CA PHE B 208 26.52 -15.49 6.47
C PHE B 208 26.13 -16.45 7.58
N THR B 209 25.03 -16.12 8.28
CA THR B 209 24.48 -17.03 9.28
C THR B 209 23.55 -18.06 8.66
N SER B 210 23.01 -17.80 7.46
CA SER B 210 21.99 -18.64 6.87
C SER B 210 22.34 -19.03 5.44
N ALA B 211 21.97 -20.26 5.07
CA ALA B 211 22.29 -20.78 3.76
C ALA B 211 21.47 -20.10 2.67
N THR B 212 20.23 -19.70 2.97
CA THR B 212 19.43 -19.07 1.93
C THR B 212 20.07 -17.76 1.46
N GLN B 213 20.57 -16.96 2.39
CA GLN B 213 21.26 -15.73 1.99
C GLN B 213 22.62 -16.02 1.40
N ALA B 214 23.35 -17.01 1.93
CA ALA B 214 24.65 -17.33 1.34
C ALA B 214 24.50 -17.76 -0.12
N LEU B 215 23.52 -18.60 -0.42
CA LEU B 215 23.31 -19.05 -1.79
C LEU B 215 22.80 -17.93 -2.67
N THR B 216 21.90 -17.09 -2.16
CA THR B 216 21.45 -15.92 -2.93
C THR B 216 22.63 -15.06 -3.34
N GLU B 217 23.49 -14.69 -2.38
CA GLU B 217 24.60 -13.80 -2.68
C GLU B 217 25.65 -14.47 -3.58
N TRP B 218 25.93 -15.75 -3.35
CA TRP B 218 26.87 -16.48 -4.22
C TRP B 218 26.37 -16.47 -5.66
N TYR B 219 25.11 -16.81 -5.87
CA TYR B 219 24.60 -16.88 -7.23
C TYR B 219 24.58 -15.50 -7.87
N ILE B 220 24.22 -14.46 -7.13
CA ILE B 220 24.21 -13.13 -7.72
C ILE B 220 25.61 -12.74 -8.18
N LEU B 221 26.63 -13.06 -7.39
CA LEU B 221 28.01 -12.76 -7.79
C LEU B 221 28.42 -13.55 -9.02
N GLN B 222 28.09 -14.84 -9.07
CA GLN B 222 28.50 -15.66 -10.22
C GLN B 222 27.75 -15.25 -11.49
N ALA B 223 26.46 -15.00 -11.38
CA ALA B 223 25.69 -14.54 -12.53
C ALA B 223 26.19 -13.19 -13.01
N THR B 224 26.66 -12.33 -12.10
CA THR B 224 27.25 -11.06 -12.53
C THR B 224 28.55 -11.28 -13.28
N ASN B 225 29.38 -12.22 -12.81
CA ASN B 225 30.58 -12.58 -13.54
C ASN B 225 30.28 -13.13 -14.92
N ILE B 226 29.08 -13.67 -15.14
CA ILE B 226 28.69 -14.13 -16.49
C ILE B 226 28.11 -12.99 -17.33
N PHE B 227 27.21 -12.19 -16.76
CA PHE B 227 26.60 -11.09 -17.52
C PHE B 227 27.61 -10.04 -17.92
N ALA B 228 28.64 -9.80 -17.10
CA ALA B 228 29.62 -8.78 -17.42
C ALA B 228 30.41 -9.09 -18.69
N GLN B 229 30.27 -10.31 -19.22
CA GLN B 229 31.00 -10.71 -20.42
C GLN B 229 30.15 -10.67 -21.68
N VAL B 230 28.89 -10.26 -21.59
CA VAL B 230 27.98 -10.20 -22.74
C VAL B 230 27.87 -8.74 -23.19
N PRO B 231 27.96 -8.43 -24.48
CA PRO B 231 27.80 -7.05 -24.92
C PRO B 231 26.37 -6.57 -24.71
N GLN B 232 26.23 -5.32 -24.28
CA GLN B 232 24.94 -4.87 -23.74
C GLN B 232 23.84 -4.89 -24.79
N GLN B 233 24.17 -4.60 -26.06
CA GLN B 233 23.13 -4.63 -27.08
C GLN B 233 22.67 -6.03 -27.41
N GLU B 234 23.36 -7.06 -26.92
CA GLU B 234 22.89 -8.44 -26.99
C GLU B 234 22.21 -8.85 -25.71
N LEU B 235 22.70 -8.33 -24.59
CA LEU B 235 22.07 -8.56 -23.28
C LEU B 235 20.67 -7.97 -23.24
N VAL B 236 20.42 -6.90 -23.99
CA VAL B 236 19.09 -6.29 -24.07
C VAL B 236 18.09 -7.22 -24.74
N GLU B 237 18.55 -8.10 -25.63
CA GLU B 237 17.64 -8.93 -26.42
C GLU B 237 17.13 -10.13 -25.65
N MET B 238 17.78 -10.51 -24.56
CA MET B 238 17.33 -11.61 -23.72
C MET B 238 16.68 -11.12 -22.43
N SER B 239 16.26 -9.86 -22.39
CA SER B 239 15.43 -9.32 -21.32
C SER B 239 14.00 -9.14 -21.84
N TYR B 240 13.13 -8.60 -21.00
CA TYR B 240 11.69 -8.59 -21.34
C TYR B 240 11.36 -7.47 -22.33
N PRO B 241 10.64 -7.76 -23.41
CA PRO B 241 10.32 -6.72 -24.39
C PRO B 241 9.04 -5.95 -24.05
N GLY B 242 9.00 -4.71 -24.55
CA GLY B 242 7.81 -3.90 -24.37
C GLY B 242 6.59 -4.52 -25.02
N GLU B 243 6.79 -5.21 -26.14
CA GLU B 243 5.69 -5.96 -26.76
C GLU B 243 5.02 -6.87 -25.74
N GLN B 244 5.81 -7.64 -25.00
CA GLN B 244 5.24 -8.62 -24.10
C GLN B 244 4.62 -7.95 -22.89
N MET B 245 5.29 -6.94 -22.31
CA MET B 245 4.82 -6.41 -21.05
C MET B 245 3.55 -5.57 -21.20
N ILE B 246 3.58 -4.53 -22.03
CA ILE B 246 2.50 -3.54 -22.04
C ILE B 246 1.31 -4.07 -22.83
N LEU B 247 0.38 -4.77 -22.16
CA LEU B 247 -0.78 -5.30 -22.86
C LEU B 247 -1.74 -4.20 -23.30
N ALA B 248 -1.95 -3.18 -22.46
CA ALA B 248 -2.83 -2.08 -22.80
C ALA B 248 -2.36 -0.83 -22.07
N CYS B 249 -2.60 0.33 -22.68
CA CYS B 249 -2.26 1.60 -22.05
C CYS B 249 -3.22 2.67 -22.53
N LEU B 250 -3.50 3.63 -21.65
CA LEU B 250 -4.47 4.70 -21.93
C LEU B 250 -4.22 5.82 -20.94
N PHE B 251 -3.88 7.01 -21.44
CA PHE B 251 -3.57 8.16 -20.59
C PHE B 251 -4.72 9.16 -20.69
N GLY B 252 -5.45 9.33 -19.60
CA GLY B 252 -6.64 10.14 -19.63
C GLY B 252 -7.66 9.55 -20.58
N ALA B 253 -7.86 10.20 -21.73
CA ALA B 253 -8.70 9.68 -22.79
C ALA B 253 -7.93 9.40 -24.06
N GLU B 254 -6.59 9.48 -24.02
CA GLU B 254 -5.76 9.31 -25.22
C GLU B 254 -5.18 7.91 -25.23
N PRO B 255 -5.36 7.13 -26.30
CA PRO B 255 -4.80 5.78 -26.32
C PRO B 255 -3.29 5.81 -26.44
N CYS B 256 -2.66 4.74 -25.97
CA CYS B 256 -1.21 4.71 -25.80
C CYS B 256 -0.68 3.30 -26.10
N ASN B 257 0.63 3.23 -26.34
CA ASN B 257 1.27 2.05 -26.90
C ASN B 257 2.66 1.93 -26.30
N TYR B 258 3.28 0.75 -26.39
CA TYR B 258 4.63 0.62 -25.84
C TYR B 258 5.64 1.46 -26.57
N ARG B 259 5.27 2.02 -27.73
CA ARG B 259 6.15 2.94 -28.44
C ARG B 259 6.14 4.33 -27.84
N ASN B 260 5.23 4.62 -26.92
CA ASN B 260 5.22 5.89 -26.20
C ASN B 260 6.21 5.91 -25.04
N PHE B 261 6.84 4.79 -24.71
CA PHE B 261 7.75 4.67 -23.59
C PHE B 261 9.19 4.66 -24.09
N THR B 262 10.06 5.44 -23.45
CA THR B 262 11.48 5.36 -23.74
C THR B 262 12.07 4.15 -23.03
N SER B 263 12.95 3.43 -23.71
CA SER B 263 13.52 2.20 -23.18
C SER B 263 14.96 2.41 -22.74
N ILE B 264 15.30 1.91 -21.55
CA ILE B 264 16.68 1.89 -21.07
C ILE B 264 16.97 0.51 -20.51
N PHE B 265 18.25 0.16 -20.44
CA PHE B 265 18.70 -1.07 -19.80
C PHE B 265 19.27 -0.71 -18.44
N TYR B 266 18.52 -1.01 -17.38
CA TYR B 266 18.96 -0.79 -16.01
C TYR B 266 19.50 -2.09 -15.48
N PRO B 267 20.82 -2.28 -15.38
CA PRO B 267 21.37 -3.64 -15.36
C PRO B 267 20.89 -4.53 -14.23
N HIS B 268 20.39 -3.99 -13.12
CA HIS B 268 19.87 -4.84 -12.06
C HIS B 268 18.48 -5.36 -12.38
N TYR B 269 17.72 -4.65 -13.22
CA TYR B 269 16.36 -5.04 -13.56
C TYR B 269 16.15 -5.26 -15.06
N GLY B 270 17.19 -5.17 -15.87
CA GLY B 270 17.03 -5.41 -17.30
C GLY B 270 16.37 -4.24 -17.99
N ASN B 271 15.58 -4.52 -19.02
CA ASN B 271 14.90 -3.47 -19.74
C ASN B 271 13.87 -2.79 -18.85
N CYS B 272 13.82 -1.46 -18.91
CA CYS B 272 12.83 -0.66 -18.21
C CYS B 272 12.25 0.37 -19.19
N TYR B 273 10.96 0.67 -19.03
CA TYR B 273 10.22 1.50 -19.98
C TYR B 273 9.67 2.72 -19.28
N ILE B 274 10.04 3.91 -19.76
CA ILE B 274 9.80 5.17 -19.08
C ILE B 274 8.71 5.94 -19.83
N PHE B 275 7.56 6.12 -19.18
CA PHE B 275 6.48 6.92 -19.74
C PHE B 275 6.70 8.39 -19.44
N ASN B 276 6.46 9.24 -20.44
CA ASN B 276 6.42 10.69 -20.24
C ASN B 276 7.73 11.23 -19.68
N TRP B 277 8.87 10.70 -20.15
CA TRP B 277 10.17 11.17 -19.67
C TRP B 277 10.47 12.59 -20.08
N GLY B 278 9.82 13.10 -21.13
CA GLY B 278 10.11 14.44 -21.60
C GLY B 278 11.52 14.61 -22.14
N MET B 279 12.09 13.56 -22.73
CA MET B 279 13.47 13.60 -23.21
C MET B 279 13.56 13.95 -24.68
N THR B 280 12.84 13.23 -25.54
CA THR B 280 12.83 13.49 -26.98
C THR B 280 11.44 13.86 -27.50
N GLU B 281 10.50 14.13 -26.59
CA GLU B 281 9.15 14.55 -26.93
C GLU B 281 8.70 15.56 -25.88
N LYS B 282 7.68 16.34 -26.21
CA LYS B 282 7.13 17.25 -25.21
C LYS B 282 6.33 16.45 -24.18
N ALA B 283 6.54 16.75 -22.90
CA ALA B 283 5.88 16.00 -21.84
C ALA B 283 4.39 16.35 -21.77
N LEU B 284 3.58 15.37 -21.39
CA LEU B 284 2.12 15.54 -21.34
C LEU B 284 1.71 16.15 -20.00
N PRO B 285 0.89 17.20 -20.00
CA PRO B 285 0.30 17.69 -18.74
C PRO B 285 -1.04 17.03 -18.45
N SER B 286 -1.51 17.21 -17.22
CA SER B 286 -2.88 16.84 -16.88
C SER B 286 -3.44 17.87 -15.91
N ALA B 287 -4.77 18.01 -15.94
CA ALA B 287 -5.42 19.15 -15.30
C ALA B 287 -6.63 18.76 -14.46
N ASN B 288 -6.82 17.48 -14.13
CA ASN B 288 -7.91 17.07 -13.25
C ASN B 288 -7.43 15.92 -12.37
N PRO B 289 -7.93 15.82 -11.14
CA PRO B 289 -7.55 14.70 -10.26
C PRO B 289 -8.41 13.46 -10.53
N GLY B 290 -7.99 12.35 -9.95
CA GLY B 290 -8.73 11.11 -10.02
C GLY B 290 -8.29 10.22 -11.17
N THR B 291 -8.58 8.91 -11.03
CA THR B 291 -8.14 7.92 -12.00
C THR B 291 -8.69 8.16 -13.40
N GLU B 292 -9.83 8.84 -13.50
CA GLU B 292 -10.45 9.05 -14.81
C GLU B 292 -9.54 9.81 -15.76
N PHE B 293 -8.63 10.62 -15.23
CA PHE B 293 -7.76 11.47 -16.03
C PHE B 293 -6.28 11.12 -15.88
N GLY B 294 -5.97 9.92 -15.39
CA GLY B 294 -4.60 9.51 -15.16
C GLY B 294 -4.14 8.42 -16.10
N LEU B 295 -2.99 7.84 -15.77
CA LEU B 295 -2.42 6.76 -16.58
C LEU B 295 -3.02 5.43 -16.18
N LYS B 296 -3.52 4.68 -17.17
CA LYS B 296 -4.16 3.39 -16.97
C LYS B 296 -3.39 2.34 -17.74
N LEU B 297 -2.88 1.31 -17.04
CA LEU B 297 -2.02 0.30 -17.62
C LEU B 297 -2.52 -1.10 -17.31
N ILE B 298 -2.32 -2.03 -18.24
CA ILE B 298 -2.43 -3.46 -17.98
C ILE B 298 -1.11 -4.08 -18.41
N LEU B 299 -0.44 -4.76 -17.48
CA LEU B 299 0.92 -5.26 -17.68
C LEU B 299 0.94 -6.78 -17.49
N ASP B 300 1.81 -7.45 -18.25
CA ASP B 300 2.00 -8.89 -18.14
C ASP B 300 3.38 -9.16 -17.55
N ILE B 301 3.42 -9.83 -16.39
CA ILE B 301 4.67 -10.10 -15.69
C ILE B 301 5.45 -11.21 -16.38
N GLY B 302 4.78 -12.14 -17.05
CA GLY B 302 5.47 -13.31 -17.56
C GLY B 302 6.18 -14.08 -16.48
N GLN B 303 5.46 -14.39 -15.40
CA GLN B 303 6.07 -14.89 -14.18
C GLN B 303 6.67 -16.29 -14.34
N GLU B 304 6.14 -17.09 -15.27
CA GLU B 304 6.63 -18.45 -15.45
C GLU B 304 7.96 -18.51 -16.20
N ASP B 305 8.42 -17.39 -16.75
CA ASP B 305 9.65 -17.33 -17.53
C ASP B 305 10.78 -16.65 -16.76
N TYR B 306 10.63 -16.51 -15.44
CA TYR B 306 11.64 -15.88 -14.60
C TYR B 306 12.89 -16.75 -14.50
N VAL B 307 14.01 -16.11 -14.13
CA VAL B 307 15.24 -16.84 -13.80
C VAL B 307 15.06 -17.39 -12.39
N PRO B 308 15.10 -18.71 -12.17
CA PRO B 308 14.70 -19.25 -10.86
C PRO B 308 15.52 -18.75 -9.69
N PHE B 309 16.83 -18.55 -9.86
CA PHE B 309 17.69 -18.21 -8.73
C PHE B 309 17.97 -16.71 -8.60
N LEU B 310 17.44 -15.88 -9.49
CA LEU B 310 17.56 -14.43 -9.37
C LEU B 310 16.25 -13.77 -8.99
N ALA B 311 15.15 -14.16 -9.61
CA ALA B 311 13.88 -13.47 -9.47
C ALA B 311 13.03 -14.10 -8.37
N SER B 312 13.41 -13.81 -7.12
CA SER B 312 12.71 -14.37 -5.97
C SER B 312 11.41 -13.63 -5.65
N THR B 313 11.22 -12.42 -6.16
CA THR B 313 10.03 -11.62 -5.93
C THR B 313 9.31 -11.38 -7.25
N ALA B 314 7.98 -11.41 -7.25
CA ALA B 314 7.19 -11.34 -8.48
C ALA B 314 6.30 -10.10 -8.50
N GLY B 315 6.40 -9.34 -9.58
CA GLY B 315 5.65 -8.11 -9.76
C GLY B 315 6.42 -7.18 -10.67
N VAL B 316 5.83 -6.00 -10.92
CA VAL B 316 6.58 -4.93 -11.60
C VAL B 316 7.20 -4.04 -10.55
N ARG B 317 8.30 -3.38 -10.91
CA ARG B 317 8.82 -2.25 -10.17
C ARG B 317 8.25 -0.97 -10.79
N LEU B 318 7.94 0.00 -9.94
CA LEU B 318 7.43 1.28 -10.39
C LEU B 318 8.24 2.40 -9.73
N MET B 319 8.34 3.53 -10.42
CA MET B 319 8.96 4.71 -9.84
C MET B 319 8.44 5.95 -10.56
N LEU B 320 8.12 6.98 -9.78
CA LEU B 320 7.70 8.28 -10.28
C LEU B 320 8.83 9.27 -10.09
N HIS B 321 9.15 10.05 -11.13
CA HIS B 321 10.26 10.99 -11.04
C HIS B 321 10.08 12.12 -12.04
N GLU B 322 10.92 13.15 -11.91
CA GLU B 322 10.83 14.32 -12.78
C GLU B 322 11.17 13.96 -14.22
N GLN B 323 10.67 14.78 -15.14
CA GLN B 323 11.10 14.69 -16.53
C GLN B 323 12.62 14.85 -16.62
N ARG B 324 13.23 14.14 -17.56
CA ARG B 324 14.66 14.24 -17.84
C ARG B 324 15.52 14.00 -16.59
N SER B 325 15.08 13.12 -15.69
CA SER B 325 15.88 12.66 -14.57
C SER B 325 16.04 11.16 -14.66
N TYR B 326 17.22 10.65 -14.28
CA TYR B 326 17.48 9.23 -14.44
C TYR B 326 16.74 8.44 -13.36
N PRO B 327 16.11 7.31 -13.71
CA PRO B 327 15.36 6.54 -12.71
C PRO B 327 16.21 5.59 -11.89
N PHE B 328 16.58 6.00 -10.68
CA PHE B 328 17.33 5.12 -9.76
C PHE B 328 16.36 4.22 -9.01
N ILE B 329 15.79 3.28 -9.77
CA ILE B 329 14.63 2.53 -9.33
C ILE B 329 14.97 1.47 -8.28
N ARG B 330 16.26 1.14 -8.08
CA ARG B 330 16.60 0.19 -7.04
C ARG B 330 16.57 0.82 -5.65
N ASP B 331 16.62 2.15 -5.56
CA ASP B 331 16.44 2.86 -4.30
C ASP B 331 15.00 3.31 -4.11
N GLU B 332 14.45 4.00 -5.12
CA GLU B 332 13.21 4.75 -5.00
C GLU B 332 11.96 3.95 -5.33
N GLY B 333 12.07 2.81 -6.01
CA GLY B 333 10.90 2.19 -6.60
C GLY B 333 10.06 1.36 -5.63
N ILE B 334 8.79 1.20 -5.98
CA ILE B 334 7.88 0.34 -5.26
C ILE B 334 7.58 -0.88 -6.13
N TYR B 335 6.91 -1.88 -5.56
CA TYR B 335 6.42 -3.04 -6.30
C TYR B 335 4.93 -2.90 -6.59
N ALA B 336 4.42 -3.80 -7.43
CA ALA B 336 2.99 -3.98 -7.61
C ALA B 336 2.70 -5.46 -7.88
N MET B 337 1.67 -5.98 -7.21
CA MET B 337 1.34 -7.40 -7.32
C MET B 337 0.57 -7.69 -8.60
N SER B 338 0.67 -8.94 -9.04
CA SER B 338 -0.17 -9.45 -10.12
C SER B 338 -1.47 -10.01 -9.56
N GLY B 339 -2.49 -10.03 -10.40
CA GLY B 339 -3.81 -10.44 -9.97
C GLY B 339 -4.61 -9.38 -9.25
N THR B 340 -4.10 -8.15 -9.13
CA THR B 340 -4.80 -7.07 -8.46
C THR B 340 -4.85 -5.84 -9.35
N GLU B 341 -5.80 -4.96 -9.08
CA GLU B 341 -5.81 -3.61 -9.61
C GLU B 341 -5.19 -2.70 -8.56
N THR B 342 -4.01 -2.16 -8.86
CA THR B 342 -3.29 -1.28 -7.94
C THR B 342 -3.50 0.16 -8.39
N SER B 343 -3.93 1.01 -7.46
CA SER B 343 -4.21 2.41 -7.76
C SER B 343 -3.31 3.29 -6.90
N ILE B 344 -2.58 4.20 -7.53
CA ILE B 344 -1.55 5.01 -6.89
C ILE B 344 -1.93 6.47 -7.05
N GLY B 345 -2.22 7.15 -5.94
CA GLY B 345 -2.56 8.56 -5.96
C GLY B 345 -1.36 9.41 -5.60
N VAL B 346 -1.01 10.34 -6.48
CA VAL B 346 0.26 11.06 -6.41
C VAL B 346 0.06 12.48 -5.89
N LEU B 347 0.98 12.93 -5.04
CA LEU B 347 1.08 14.32 -4.59
C LEU B 347 2.55 14.71 -4.66
N VAL B 348 2.85 15.86 -5.27
CA VAL B 348 4.23 16.27 -5.51
C VAL B 348 4.64 17.21 -4.36
N ASP B 349 5.40 16.66 -3.41
CA ASP B 349 5.85 17.40 -2.23
C ASP B 349 7.27 17.91 -2.48
N LYS B 350 7.41 19.22 -2.65
CA LYS B 350 8.64 19.84 -3.14
C LYS B 350 9.20 20.81 -2.11
N LEU B 351 10.53 20.94 -2.07
CA LEU B 351 11.22 21.80 -1.10
C LEU B 351 12.39 22.47 -1.81
N GLN B 352 12.30 23.77 -2.05
CA GLN B 352 13.22 24.51 -2.91
C GLN B 352 14.05 25.48 -2.09
N ARG B 353 15.37 25.29 -2.10
CA ARG B 353 16.28 26.07 -1.28
C ARG B 353 17.02 27.13 -2.10
N MET B 354 17.70 28.03 -1.39
CA MET B 354 18.53 29.04 -2.03
C MET B 354 19.93 28.49 -2.32
N GLY B 355 20.58 29.04 -3.34
CA GLY B 355 21.84 28.52 -3.83
C GLY B 355 23.06 28.93 -3.02
N GLU B 356 24.21 28.86 -3.68
CA GLU B 356 25.50 28.93 -2.99
C GLU B 356 25.65 30.07 -2.00
N PRO B 357 25.24 31.31 -2.30
CA PRO B 357 25.42 32.39 -1.30
C PRO B 357 24.69 32.14 0.00
N TYR B 358 23.75 31.18 0.05
CA TYR B 358 22.96 30.92 1.23
C TYR B 358 23.02 29.47 1.73
N SER B 359 23.40 28.52 0.88
CA SER B 359 23.51 27.12 1.28
C SER B 359 24.40 26.39 0.29
N PRO B 360 24.99 25.25 0.68
CA PRO B 360 25.98 24.59 -0.18
C PRO B 360 25.41 23.72 -1.29
N CYS B 361 24.13 23.84 -1.64
CA CYS B 361 23.56 23.03 -2.71
C CYS B 361 23.89 23.64 -4.07
N THR B 362 23.52 22.93 -5.14
CA THR B 362 23.79 23.36 -6.50
C THR B 362 22.54 23.28 -7.38
N VAL B 363 22.50 24.16 -8.39
CA VAL B 363 21.42 24.14 -9.39
C VAL B 363 21.84 23.47 -10.68
N ASN B 364 23.11 23.10 -10.83
CA ASN B 364 23.64 22.47 -12.03
C ASN B 364 24.67 21.43 -11.60
N GLY B 365 25.19 20.69 -12.57
CA GLY B 365 26.33 19.84 -12.28
C GLY B 365 27.63 20.58 -12.13
N SER B 366 27.65 21.88 -12.42
CA SER B 366 28.89 22.63 -12.51
C SER B 366 29.61 22.71 -11.16
N GLU B 367 30.92 22.92 -11.24
CA GLU B 367 31.85 22.95 -10.09
C GLU B 367 31.52 21.87 -9.06
N VAL B 368 31.21 20.68 -9.53
CA VAL B 368 31.34 19.43 -8.77
C VAL B 368 32.49 18.65 -9.40
N PRO B 369 33.48 18.20 -8.63
CA PRO B 369 34.68 17.63 -9.26
C PRO B 369 34.46 16.26 -9.91
N VAL B 370 33.44 15.52 -9.49
CA VAL B 370 33.25 14.15 -9.98
C VAL B 370 32.83 14.16 -11.45
N GLN B 371 33.52 13.36 -12.26
CA GLN B 371 33.12 13.13 -13.63
C GLN B 371 31.83 12.33 -13.66
N ASN B 372 30.82 12.80 -14.38
CA ASN B 372 29.48 12.21 -14.37
C ASN B 372 29.39 11.13 -15.45
N PHE B 373 29.33 9.86 -15.04
CA PHE B 373 29.24 8.75 -15.97
C PHE B 373 27.83 8.55 -16.53
N TYR B 374 26.81 9.19 -15.97
CA TYR B 374 25.47 9.14 -16.52
C TYR B 374 25.19 10.23 -17.54
N SER B 375 26.24 10.93 -18.00
CA SER B 375 26.04 12.05 -18.92
C SER B 375 25.56 11.59 -20.29
N ASP B 376 25.87 10.36 -20.69
CA ASP B 376 25.44 9.88 -22.01
C ASP B 376 23.93 9.70 -22.13
N TYR B 377 23.19 9.76 -21.01
CA TYR B 377 21.75 9.73 -21.06
C TYR B 377 21.12 11.12 -21.18
N ASN B 378 21.94 12.17 -21.20
CA ASN B 378 21.50 13.57 -21.29
C ASN B 378 20.59 13.99 -20.14
N THR B 379 20.63 13.30 -19.00
CA THR B 379 19.74 13.60 -17.89
C THR B 379 20.27 14.74 -17.02
N THR B 380 19.36 15.36 -16.27
CA THR B 380 19.68 16.45 -15.36
C THR B 380 20.48 15.93 -14.16
N TYR B 381 21.10 16.86 -13.43
CA TYR B 381 22.00 16.51 -12.34
C TYR B 381 21.25 15.88 -11.18
N SER B 382 21.91 14.94 -10.49
CA SER B 382 21.35 14.30 -9.31
C SER B 382 22.46 13.77 -8.41
N ILE B 383 22.25 13.92 -7.11
CA ILE B 383 23.22 13.45 -6.11
C ILE B 383 23.43 11.95 -6.25
N GLN B 384 22.37 11.22 -6.63
CA GLN B 384 22.48 9.77 -6.79
C GLN B 384 23.42 9.41 -7.92
N ALA B 385 23.29 10.09 -9.06
CA ALA B 385 24.21 9.86 -10.17
C ALA B 385 25.63 10.23 -9.78
N CYS B 386 25.81 11.28 -8.99
CA CYS B 386 27.16 11.66 -8.57
C CYS B 386 27.78 10.61 -7.66
N LEU B 387 27.01 10.11 -6.68
CA LEU B 387 27.55 9.10 -5.77
C LEU B 387 27.94 7.84 -6.53
N ARG B 388 27.12 7.41 -7.49
CA ARG B 388 27.45 6.19 -8.22
C ARG B 388 28.63 6.41 -9.15
N SER B 389 28.76 7.61 -9.73
CA SER B 389 29.95 7.89 -10.54
C SER B 389 31.21 7.94 -9.67
N CYS B 390 31.10 8.43 -8.45
CA CYS B 390 32.24 8.44 -7.53
C CYS B 390 32.66 7.01 -7.18
N PHE B 391 31.69 6.14 -6.88
CA PHE B 391 32.02 4.74 -6.60
C PHE B 391 32.68 4.09 -7.82
N GLN B 392 32.11 4.28 -9.00
CA GLN B 392 32.65 3.65 -10.19
C GLN B 392 34.05 4.18 -10.52
N ASP B 393 34.34 5.44 -10.17
CA ASP B 393 35.70 5.95 -10.32
C ASP B 393 36.66 5.24 -9.37
N HIS B 394 36.29 5.12 -8.10
CA HIS B 394 37.16 4.40 -7.17
C HIS B 394 37.37 2.96 -7.62
N MET B 395 36.33 2.35 -8.17
CA MET B 395 36.42 0.97 -8.65
C MET B 395 37.39 0.87 -9.82
N ILE B 396 37.27 1.78 -10.80
CA ILE B 396 38.15 1.76 -11.96
C ILE B 396 39.59 2.06 -11.58
N ARG B 397 39.82 2.78 -10.48
CA ARG B 397 41.20 3.07 -10.10
C ARG B 397 41.81 1.95 -9.25
N ASN B 398 41.06 1.40 -8.30
CA ASN B 398 41.62 0.39 -7.41
C ASN B 398 41.62 -1.00 -8.04
N CYS B 399 40.52 -1.42 -8.65
CA CYS B 399 40.43 -2.76 -9.24
C CYS B 399 40.93 -2.82 -10.68
N ASN B 400 41.06 -1.66 -11.35
CA ASN B 400 41.45 -1.55 -12.75
C ASN B 400 40.35 -2.00 -13.70
N CYS B 401 39.11 -2.10 -13.22
CA CYS B 401 37.96 -2.45 -14.04
C CYS B 401 36.72 -1.80 -13.43
N GLY B 402 35.66 -1.67 -14.23
CA GLY B 402 34.42 -1.12 -13.74
C GLY B 402 33.39 -2.19 -13.40
N HIS B 403 32.51 -1.90 -12.45
CA HIS B 403 31.54 -2.90 -12.04
C HIS B 403 30.34 -2.90 -13.00
N TYR B 404 29.68 -4.06 -13.08
CA TYR B 404 28.62 -4.27 -14.06
C TYR B 404 27.37 -3.45 -13.75
N LEU B 405 27.09 -3.18 -12.49
CA LEU B 405 25.84 -2.50 -12.14
C LEU B 405 25.87 -1.00 -12.40
N TYR B 406 26.93 -0.45 -12.97
CA TYR B 406 27.09 0.99 -13.16
C TYR B 406 27.56 1.29 -14.57
N PRO B 407 27.37 2.52 -15.04
CA PRO B 407 27.87 2.89 -16.38
C PRO B 407 29.38 2.89 -16.40
N LEU B 408 29.93 3.03 -17.60
CA LEU B 408 31.36 2.83 -17.81
C LEU B 408 31.91 3.89 -18.75
N PRO B 409 33.03 4.54 -18.41
CA PRO B 409 33.63 5.50 -19.36
C PRO B 409 34.23 4.79 -20.57
N ARG B 410 34.63 5.60 -21.55
CA ARG B 410 34.71 5.11 -22.93
C ARG B 410 35.83 4.09 -23.17
N GLY B 411 36.91 4.13 -22.38
CA GLY B 411 38.02 3.23 -22.63
C GLY B 411 38.11 1.98 -21.78
N GLU B 412 37.21 1.81 -20.81
CA GLU B 412 37.38 0.80 -19.77
C GLU B 412 36.65 -0.51 -20.12
N LYS B 413 36.82 -1.49 -19.23
CA LYS B 413 36.20 -2.81 -19.36
C LYS B 413 35.51 -3.19 -18.06
N TYR B 414 34.41 -3.95 -18.18
CA TYR B 414 33.73 -4.46 -17.00
C TYR B 414 34.54 -5.59 -16.37
N CYS B 415 34.32 -5.82 -15.08
CA CYS B 415 35.11 -6.79 -14.33
C CYS B 415 34.70 -8.23 -14.66
N ASN B 416 35.68 -9.06 -14.95
CA ASN B 416 35.51 -10.47 -15.29
C ASN B 416 36.52 -11.29 -14.51
N ASN B 417 36.15 -12.51 -14.12
CA ASN B 417 37.13 -13.43 -13.56
C ASN B 417 38.19 -13.80 -14.59
N ARG B 418 37.87 -13.68 -15.87
CA ARG B 418 38.80 -14.05 -16.93
C ARG B 418 39.87 -12.98 -17.13
N ASP B 419 39.46 -11.71 -17.13
CA ASP B 419 40.37 -10.60 -17.39
C ASP B 419 40.93 -9.98 -16.11
N PHE B 420 40.16 -9.96 -15.03
CA PHE B 420 40.53 -9.30 -13.78
C PHE B 420 40.25 -10.24 -12.62
N PRO B 421 41.15 -11.20 -12.36
CA PRO B 421 40.83 -12.26 -11.40
C PRO B 421 40.51 -11.78 -9.98
N ASP B 422 41.12 -10.70 -9.51
CA ASP B 422 40.94 -10.22 -8.14
C ASP B 422 39.70 -9.35 -7.94
N TRP B 423 38.81 -9.29 -8.94
CA TRP B 423 37.78 -8.27 -8.93
C TRP B 423 36.77 -8.47 -7.81
N ALA B 424 36.41 -9.71 -7.49
CA ALA B 424 35.41 -9.92 -6.44
C ALA B 424 35.94 -9.50 -5.09
N HIS B 425 37.21 -9.78 -4.81
CA HIS B 425 37.83 -9.37 -3.56
C HIS B 425 37.83 -7.86 -3.44
N CYS B 426 38.40 -7.16 -4.43
CA CYS B 426 38.49 -5.70 -4.29
C CYS B 426 37.11 -5.04 -4.37
N TYR B 427 36.16 -5.63 -5.08
CA TYR B 427 34.81 -5.07 -5.12
C TYR B 427 34.12 -5.19 -3.77
N SER B 428 34.26 -6.34 -3.10
CA SER B 428 33.66 -6.43 -1.76
C SER B 428 34.34 -5.48 -0.80
N ASP B 429 35.66 -5.32 -0.93
CA ASP B 429 36.38 -4.35 -0.11
C ASP B 429 35.80 -2.95 -0.28
N LEU B 430 35.59 -2.51 -1.51
CA LEU B 430 35.03 -1.18 -1.74
C LEU B 430 33.57 -1.11 -1.29
N GLN B 431 32.78 -2.13 -1.62
CA GLN B 431 31.35 -2.10 -1.34
C GLN B 431 31.08 -2.00 0.16
N MET B 432 31.93 -2.60 0.98
CA MET B 432 31.68 -2.60 2.42
C MET B 432 32.38 -1.46 3.17
N SER B 433 33.19 -0.63 2.50
CA SER B 433 33.96 0.40 3.19
C SER B 433 33.11 1.64 3.46
N VAL B 434 32.72 1.83 4.72
CA VAL B 434 31.94 3.00 5.11
C VAL B 434 32.76 4.27 4.94
N ALA B 435 34.08 4.20 5.13
CA ALA B 435 34.93 5.36 4.86
C ALA B 435 34.84 5.77 3.40
N GLN B 436 34.77 4.81 2.49
CA GLN B 436 34.62 5.12 1.08
C GLN B 436 33.26 5.77 0.81
N ARG B 437 32.20 5.23 1.40
CA ARG B 437 30.89 5.86 1.24
C ARG B 437 30.89 7.31 1.71
N GLU B 438 31.50 7.56 2.88
CA GLU B 438 31.58 8.92 3.39
C GLU B 438 32.45 9.81 2.51
N THR B 439 33.47 9.24 1.87
CA THR B 439 34.27 10.04 0.93
C THR B 439 33.41 10.54 -0.22
N CYS B 440 32.58 9.67 -0.80
CA CYS B 440 31.72 10.15 -1.88
C CYS B 440 30.71 11.18 -1.37
N ILE B 441 30.13 10.95 -0.19
CA ILE B 441 29.22 11.95 0.37
C ILE B 441 29.93 13.29 0.55
N GLY B 442 31.18 13.27 1.02
CA GLY B 442 31.96 14.47 1.18
C GLY B 442 32.45 15.08 -0.12
N MET B 443 32.20 14.41 -1.23
CA MET B 443 32.67 14.89 -2.53
C MET B 443 31.55 15.39 -3.45
N CYS B 444 30.32 14.94 -3.25
CA CYS B 444 29.20 15.32 -4.11
C CYS B 444 28.31 16.38 -3.46
N LYS B 445 27.97 17.43 -4.20
CA LYS B 445 26.98 18.40 -3.76
C LYS B 445 25.57 17.88 -4.01
N GLU B 446 24.63 18.22 -3.13
CA GLU B 446 23.24 17.86 -3.40
C GLU B 446 22.49 19.02 -4.05
N SER B 447 21.44 18.70 -4.78
CA SER B 447 20.72 19.68 -5.57
C SER B 447 19.77 20.49 -4.69
N CYS B 448 19.52 21.73 -5.10
CA CYS B 448 18.70 22.63 -4.29
C CYS B 448 17.21 22.31 -4.38
N ASN B 449 16.76 21.69 -5.47
CA ASN B 449 15.37 21.25 -5.61
C ASN B 449 15.23 19.85 -5.05
N ASP B 450 14.77 19.73 -3.81
CA ASP B 450 14.34 18.44 -3.29
C ASP B 450 12.88 18.23 -3.65
N THR B 451 12.56 17.02 -4.12
CA THR B 451 11.20 16.75 -4.59
C THR B 451 10.85 15.29 -4.29
N GLN B 452 9.59 15.06 -3.90
CA GLN B 452 9.14 13.73 -3.51
C GLN B 452 7.74 13.50 -4.06
N TYR B 453 7.60 12.47 -4.90
CA TYR B 453 6.30 12.07 -5.40
C TYR B 453 5.66 11.14 -4.37
N LYS B 454 4.93 11.74 -3.42
CA LYS B 454 4.31 10.98 -2.35
C LYS B 454 3.08 10.25 -2.87
N MET B 455 2.90 9.01 -2.42
CA MET B 455 1.93 8.09 -2.99
C MET B 455 1.04 7.49 -1.92
N THR B 456 -0.25 7.39 -2.21
CA THR B 456 -1.16 6.54 -1.44
C THR B 456 -1.58 5.38 -2.34
N ILE B 457 -1.31 4.16 -1.89
CA ILE B 457 -1.41 2.96 -2.70
C ILE B 457 -2.54 2.10 -2.14
N SER B 458 -3.45 1.66 -3.02
CA SER B 458 -4.57 0.80 -2.63
C SER B 458 -4.72 -0.31 -3.67
N MET B 459 -5.43 -1.38 -3.30
CA MET B 459 -5.43 -2.61 -4.09
C MET B 459 -6.78 -3.30 -4.02
N ALA B 460 -7.08 -4.08 -5.06
CA ALA B 460 -8.26 -4.94 -5.09
C ALA B 460 -8.03 -6.01 -6.15
N ASP B 461 -8.78 -7.12 -6.05
CA ASP B 461 -8.61 -8.21 -7.01
C ASP B 461 -9.12 -7.81 -8.38
N TRP B 462 -8.39 -8.23 -9.42
CA TRP B 462 -8.80 -7.93 -10.80
C TRP B 462 -8.27 -9.00 -11.74
N PRO B 463 -9.12 -9.56 -12.63
CA PRO B 463 -10.55 -9.34 -12.81
C PRO B 463 -11.38 -9.95 -11.69
N SER B 464 -12.62 -9.49 -11.52
CA SER B 464 -13.53 -10.21 -10.65
C SER B 464 -13.77 -11.61 -11.21
N GLU B 465 -14.27 -12.49 -10.35
CA GLU B 465 -14.50 -13.87 -10.76
C GLU B 465 -15.57 -13.97 -11.84
N ALA B 466 -16.53 -13.04 -11.85
CA ALA B 466 -17.60 -13.09 -12.85
C ALA B 466 -17.11 -12.57 -14.19
N SER B 467 -16.27 -11.54 -14.20
CA SER B 467 -15.75 -10.94 -15.42
C SER B 467 -14.36 -11.45 -15.79
N GLU B 468 -14.05 -12.70 -15.47
CA GLU B 468 -12.69 -13.21 -15.63
C GLU B 468 -12.45 -13.79 -17.02
N ASP B 469 -13.35 -14.68 -17.45
CA ASP B 469 -13.15 -15.43 -18.69
C ASP B 469 -12.96 -14.50 -19.88
N TRP B 470 -13.92 -13.59 -20.11
CA TRP B 470 -13.86 -12.80 -21.32
C TRP B 470 -12.70 -11.82 -21.28
N ILE B 471 -12.31 -11.32 -20.10
CA ILE B 471 -11.20 -10.39 -20.05
C ILE B 471 -9.89 -11.10 -20.39
N PHE B 472 -9.68 -12.30 -19.88
CA PHE B 472 -8.44 -12.99 -20.26
C PHE B 472 -8.49 -13.44 -21.72
N HIS B 473 -9.65 -13.88 -22.21
CA HIS B 473 -9.75 -14.24 -23.63
C HIS B 473 -9.44 -13.06 -24.53
N VAL B 474 -9.92 -11.86 -24.19
CA VAL B 474 -9.66 -10.69 -25.03
C VAL B 474 -8.22 -10.22 -24.86
N LEU B 475 -7.70 -10.22 -23.63
CA LEU B 475 -6.32 -9.82 -23.43
C LEU B 475 -5.36 -10.70 -24.22
N SER B 476 -5.71 -11.98 -24.40
CA SER B 476 -4.86 -12.85 -25.21
C SER B 476 -4.74 -12.38 -26.67
N GLN B 477 -5.68 -11.55 -27.15
CA GLN B 477 -5.62 -11.04 -28.51
C GLN B 477 -4.86 -9.72 -28.62
N GLU B 478 -4.49 -9.09 -27.51
CA GLU B 478 -3.82 -7.79 -27.55
C GLU B 478 -2.37 -7.87 -28.00
N ARG B 479 -1.91 -9.05 -28.43
CA ARG B 479 -0.55 -9.22 -28.93
C ARG B 479 -0.61 -10.09 -30.17
N ASP B 480 0.51 -10.18 -30.87
CA ASP B 480 0.58 -11.00 -32.08
C ASP B 480 0.61 -12.48 -31.72
N GLN B 481 -0.53 -13.02 -31.28
CA GLN B 481 -0.62 -14.42 -30.87
C GLN B 481 -1.93 -15.05 -31.33
N ILE B 485 -3.38 -19.86 -25.78
CA ILE B 485 -2.38 -18.80 -25.86
C ILE B 485 -1.66 -18.67 -24.51
N THR B 486 -0.38 -18.27 -24.57
CA THR B 486 0.48 -18.21 -23.38
C THR B 486 0.11 -16.99 -22.53
N LEU B 487 -0.91 -17.18 -21.68
CA LEU B 487 -1.35 -16.14 -20.75
C LEU B 487 -1.95 -16.80 -19.52
N SER B 488 -1.90 -16.11 -18.38
CA SER B 488 -2.40 -16.66 -17.13
C SER B 488 -2.75 -15.54 -16.16
N ARG B 489 -3.62 -15.84 -15.20
CA ARG B 489 -4.03 -14.82 -14.23
C ARG B 489 -2.88 -14.39 -13.33
N LYS B 490 -2.02 -15.34 -12.95
CA LYS B 490 -0.92 -15.01 -12.04
C LYS B 490 0.09 -14.06 -12.67
N GLY B 491 -0.05 -13.74 -13.95
CA GLY B 491 0.91 -12.88 -14.63
C GLY B 491 0.51 -11.43 -14.83
N ILE B 492 -0.76 -11.08 -14.66
CA ILE B 492 -1.29 -9.81 -15.17
C ILE B 492 -1.55 -8.81 -14.04
N VAL B 493 -1.04 -7.59 -14.22
CA VAL B 493 -1.25 -6.45 -13.32
C VAL B 493 -2.16 -5.45 -14.00
N LYS B 494 -3.10 -4.88 -13.25
CA LYS B 494 -3.86 -3.71 -13.68
C LYS B 494 -3.44 -2.54 -12.80
N LEU B 495 -3.08 -1.42 -13.41
CA LEU B 495 -2.40 -0.36 -12.68
C LEU B 495 -2.90 1.01 -13.09
N ASN B 496 -3.30 1.81 -12.10
CA ASN B 496 -3.77 3.19 -12.31
C ASN B 496 -2.89 4.15 -11.53
N ILE B 497 -2.50 5.26 -12.14
CA ILE B 497 -1.67 6.28 -11.50
C ILE B 497 -2.30 7.64 -11.80
N TYR B 498 -2.54 8.44 -10.77
CA TYR B 498 -3.38 9.63 -10.89
C TYR B 498 -2.99 10.66 -9.84
N PHE B 499 -3.43 11.91 -10.06
CA PHE B 499 -3.21 12.98 -9.10
C PHE B 499 -4.31 13.01 -8.04
N GLN B 500 -3.93 13.26 -6.80
CA GLN B 500 -4.90 13.44 -5.72
C GLN B 500 -5.61 14.79 -5.88
N GLU B 501 -6.63 15.01 -5.05
CA GLU B 501 -7.39 16.26 -5.12
C GLU B 501 -6.47 17.48 -4.99
N PHE B 502 -5.54 17.45 -4.05
CA PHE B 502 -4.42 18.39 -3.99
C PHE B 502 -3.20 17.67 -4.54
N ASN B 503 -2.60 18.19 -5.60
CA ASN B 503 -1.49 17.51 -6.26
C ASN B 503 -0.14 18.19 -6.06
N TYR B 504 -0.05 19.23 -5.23
CA TYR B 504 1.26 19.78 -4.91
C TYR B 504 1.28 20.39 -3.52
N ARG B 505 2.46 20.31 -2.90
CA ARG B 505 2.78 21.01 -1.65
C ARG B 505 4.20 21.53 -1.80
N THR B 506 4.38 22.83 -2.01
CA THR B 506 5.68 23.42 -2.26
C THR B 506 6.11 24.27 -1.07
N ILE B 507 7.32 24.02 -0.57
CA ILE B 507 7.95 24.85 0.45
C ILE B 507 9.18 25.49 -0.18
N GLU B 508 9.29 26.80 -0.09
CA GLU B 508 10.32 27.53 -0.83
C GLU B 508 11.01 28.57 0.06
N GLU B 509 12.32 28.70 -0.11
CA GLU B 509 13.08 29.77 0.52
C GLU B 509 13.17 30.97 -0.42
N SER B 510 13.11 32.17 0.16
CA SER B 510 13.37 33.40 -0.56
C SER B 510 14.31 34.29 0.26
N ALA B 511 15.10 35.09 -0.45
CA ALA B 511 15.98 36.03 0.24
C ALA B 511 15.17 37.11 0.95
N ALA B 512 15.61 37.48 2.14
CA ALA B 512 14.89 38.47 2.94
C ALA B 512 14.83 39.82 2.23
N THR C 80 6.93 37.11 18.30
CA THR C 80 6.76 36.55 16.96
C THR C 80 8.01 35.76 16.58
N VAL C 81 7.86 34.86 15.61
CA VAL C 81 8.85 33.84 15.31
C VAL C 81 9.16 33.80 13.82
N SER C 82 10.30 33.21 13.47
CA SER C 82 10.67 32.94 12.09
C SER C 82 10.87 31.43 11.91
N VAL C 83 10.23 30.88 10.88
CA VAL C 83 10.39 29.46 10.52
C VAL C 83 11.49 29.34 9.48
N SER C 84 12.27 28.26 9.56
CA SER C 84 13.31 27.98 8.58
C SER C 84 13.49 26.48 8.46
N ILE C 85 14.03 26.05 7.31
CA ILE C 85 14.17 24.63 6.97
C ILE C 85 15.64 24.32 6.69
N LYS C 86 16.14 23.26 7.31
CA LYS C 86 17.51 22.77 7.12
C LYS C 86 17.44 21.34 6.60
N VAL C 87 18.07 21.09 5.44
CA VAL C 87 18.11 19.77 4.83
C VAL C 87 19.56 19.32 4.76
N HIS C 88 19.81 18.06 5.12
CA HIS C 88 21.16 17.51 5.18
C HIS C 88 21.23 16.17 4.45
N PHE C 89 22.39 15.90 3.85
CA PHE C 89 22.67 14.61 3.21
C PHE C 89 23.96 14.07 3.83
N ARG C 90 23.82 13.07 4.69
CA ARG C 90 24.94 12.50 5.44
C ARG C 90 24.46 11.20 6.06
N LYS C 91 25.41 10.36 6.50
CA LYS C 91 25.00 9.07 7.05
C LYS C 91 24.11 9.28 8.25
N LEU C 92 23.12 8.40 8.41
CA LEU C 92 21.89 8.69 9.13
C LEU C 92 21.58 7.54 10.08
N ASP C 93 21.22 7.85 11.33
CA ASP C 93 20.88 6.79 12.28
C ASP C 93 19.64 6.04 11.85
N PHE C 94 19.64 4.74 12.07
CA PHE C 94 18.53 3.86 11.73
C PHE C 94 17.56 3.77 12.91
N PRO C 95 16.25 3.70 12.67
CA PRO C 95 15.30 3.64 13.78
C PRO C 95 15.38 2.30 14.52
N ALA C 96 14.66 2.24 15.64
CA ALA C 96 14.39 0.97 16.27
C ALA C 96 13.15 0.37 15.62
N VAL C 97 13.14 -0.95 15.45
CA VAL C 97 12.08 -1.65 14.73
C VAL C 97 11.57 -2.78 15.61
N THR C 98 10.32 -2.69 16.07
CA THR C 98 9.72 -3.70 16.94
C THR C 98 8.77 -4.57 16.12
N ILE C 99 9.08 -5.86 16.02
CA ILE C 99 8.33 -6.81 15.21
C ILE C 99 7.59 -7.78 16.13
N CYS C 100 6.32 -8.03 15.85
CA CYS C 100 5.49 -8.93 16.63
C CYS C 100 4.78 -9.92 15.71
N ASN C 101 4.48 -11.09 16.25
CA ASN C 101 3.46 -11.94 15.65
C ASN C 101 2.09 -11.40 16.06
N ILE C 102 1.10 -11.54 15.17
CA ILE C 102 -0.24 -11.09 15.54
C ILE C 102 -0.82 -11.98 16.63
N ASN C 103 -0.45 -13.24 16.64
CA ASN C 103 -0.90 -14.17 17.67
C ASN C 103 0.07 -14.14 18.85
N PRO C 104 -0.42 -14.00 20.09
CA PRO C 104 0.51 -13.79 21.21
C PRO C 104 1.22 -15.03 21.72
N TYR C 105 0.56 -16.20 21.79
CA TYR C 105 1.18 -17.41 22.31
C TYR C 105 0.88 -18.59 21.41
N LYS C 106 1.86 -19.49 21.27
CA LYS C 106 1.64 -20.73 20.53
C LYS C 106 0.55 -21.53 21.21
N TYR C 107 -0.56 -21.77 20.52
CA TYR C 107 -1.77 -22.18 21.22
C TYR C 107 -1.58 -23.45 22.02
N SER C 108 -0.93 -24.47 21.43
CA SER C 108 -0.75 -25.72 22.17
C SER C 108 -0.03 -25.51 23.50
N THR C 109 0.64 -24.37 23.68
CA THR C 109 1.36 -24.10 24.92
C THR C 109 0.46 -23.46 25.97
N VAL C 110 -0.52 -22.65 25.56
CA VAL C 110 -1.45 -22.02 26.51
C VAL C 110 -2.77 -22.78 26.62
N ARG C 111 -2.98 -23.83 25.84
CA ARG C 111 -4.26 -24.54 25.85
C ARG C 111 -4.58 -25.10 27.23
N HIS C 112 -3.57 -25.35 28.07
CA HIS C 112 -3.87 -25.91 29.39
C HIS C 112 -4.47 -24.87 30.33
N LEU C 113 -4.18 -23.59 30.11
CA LEU C 113 -4.83 -22.53 30.87
C LEU C 113 -6.25 -22.28 30.35
N LEU C 114 -6.38 -22.21 29.03
CA LEU C 114 -7.60 -21.81 28.36
C LEU C 114 -8.50 -22.99 28.00
N ALA C 115 -8.28 -24.17 28.59
CA ALA C 115 -9.09 -25.33 28.25
C ALA C 115 -10.55 -25.14 28.66
N ASP C 116 -10.79 -24.65 29.88
CA ASP C 116 -12.17 -24.45 30.32
C ASP C 116 -12.86 -23.38 29.48
N LEU C 117 -12.15 -22.31 29.13
CA LEU C 117 -12.76 -21.27 28.33
C LEU C 117 -13.06 -21.77 26.91
N GLU C 118 -12.18 -22.61 26.36
CA GLU C 118 -12.47 -23.20 25.06
C GLU C 118 -13.69 -24.11 25.14
N GLN C 119 -13.79 -24.92 26.20
CA GLN C 119 -14.95 -25.78 26.37
C GLN C 119 -16.24 -24.96 26.45
N GLU C 120 -16.24 -23.90 27.25
CA GLU C 120 -17.42 -23.05 27.37
C GLU C 120 -17.76 -22.35 26.05
N THR C 121 -16.75 -21.89 25.32
CA THR C 121 -17.01 -21.21 24.05
C THR C 121 -17.59 -22.16 23.02
N ARG C 122 -17.05 -23.38 22.96
CA ARG C 122 -17.59 -24.34 22.00
C ARG C 122 -18.98 -24.82 22.40
N GLU C 123 -19.28 -24.88 23.70
CA GLU C 123 -20.65 -25.15 24.10
C GLU C 123 -21.58 -24.02 23.68
N ALA C 124 -21.13 -22.78 23.79
CA ALA C 124 -21.96 -21.65 23.35
C ALA C 124 -22.19 -21.70 21.84
N LEU C 125 -21.16 -22.01 21.06
CA LEU C 125 -21.34 -22.13 19.61
C LEU C 125 -22.29 -23.26 19.26
N LYS C 126 -22.19 -24.39 19.96
CA LYS C 126 -23.08 -25.53 19.68
C LYS C 126 -24.51 -25.23 20.13
N SER C 127 -24.67 -24.45 21.19
CA SER C 127 -26.01 -24.10 21.67
C SER C 127 -26.69 -23.08 20.77
N LEU C 128 -25.97 -22.03 20.40
CA LEU C 128 -26.56 -20.95 19.61
C LEU C 128 -26.63 -21.29 18.13
N TYR C 129 -25.55 -21.81 17.55
CA TYR C 129 -25.45 -21.97 16.10
C TYR C 129 -25.26 -23.40 15.62
N GLY C 130 -25.39 -24.40 16.49
CA GLY C 130 -25.29 -25.78 16.05
C GLY C 130 -23.95 -26.18 15.47
N PHE C 131 -22.90 -25.41 15.72
CA PHE C 131 -21.58 -25.69 15.14
C PHE C 131 -21.00 -26.98 15.71
N PRO C 132 -20.58 -27.94 14.86
CA PRO C 132 -20.06 -29.21 15.39
C PRO C 132 -18.93 -29.06 16.39
N GLU C 133 -18.04 -28.10 16.20
CA GLU C 133 -16.93 -27.86 17.12
C GLU C 133 -16.16 -29.14 17.44
N HIS C 156 -17.29 -17.49 36.02
CA HIS C 156 -18.69 -17.71 35.66
C HIS C 156 -19.57 -16.54 36.10
N ARG C 157 -18.95 -15.41 36.39
CA ARG C 157 -19.67 -14.21 36.81
C ARG C 157 -20.37 -13.50 35.66
N ILE C 158 -20.09 -13.87 34.42
CA ILE C 158 -20.60 -13.14 33.25
C ILE C 158 -21.03 -14.11 32.16
N PRO C 159 -22.29 -14.55 32.15
CA PRO C 159 -22.71 -15.53 31.15
C PRO C 159 -23.01 -14.87 29.80
N LEU C 160 -23.09 -15.72 28.77
CA LEU C 160 -23.55 -15.30 27.45
C LEU C 160 -25.06 -15.50 27.38
N LEU C 161 -25.76 -14.56 26.73
CA LEU C 161 -27.22 -14.50 26.80
C LEU C 161 -27.83 -14.27 25.43
N ILE C 162 -29.16 -14.46 25.34
CA ILE C 162 -29.92 -14.16 24.13
C ILE C 162 -31.06 -13.21 24.48
N PHE C 163 -31.43 -12.36 23.50
CA PHE C 163 -32.40 -11.29 23.69
C PHE C 163 -33.45 -11.34 22.57
N ASP C 164 -34.57 -10.64 22.78
CA ASP C 164 -35.66 -10.65 21.81
C ASP C 164 -35.25 -9.94 20.51
N GLN C 200 -32.06 -14.18 16.23
CA GLN C 200 -31.53 -14.04 17.58
C GLN C 200 -30.62 -12.83 17.71
N VAL C 201 -30.62 -12.22 18.90
CA VAL C 201 -29.64 -11.21 19.28
C VAL C 201 -28.92 -11.71 20.52
N VAL C 202 -27.59 -11.70 20.48
CA VAL C 202 -26.75 -12.35 21.48
C VAL C 202 -25.90 -11.31 22.18
N GLY C 203 -25.67 -11.50 23.48
CA GLY C 203 -24.93 -10.50 24.22
C GLY C 203 -24.60 -10.93 25.63
N PHE C 204 -24.15 -9.96 26.42
CA PHE C 204 -23.81 -10.14 27.82
C PHE C 204 -23.92 -8.77 28.50
N GLN C 205 -23.90 -8.75 29.83
CA GLN C 205 -23.98 -7.49 30.55
C GLN C 205 -23.00 -7.43 31.72
N LEU C 206 -22.44 -6.24 31.91
CA LEU C 206 -21.43 -5.94 32.92
C LEU C 206 -22.09 -5.16 34.04
N CYS C 207 -22.01 -5.67 35.28
CA CYS C 207 -22.85 -5.18 36.37
C CYS C 207 -22.05 -4.55 37.50
N SER C 208 -22.65 -3.55 38.14
CA SER C 208 -22.12 -2.91 39.33
C SER C 208 -22.50 -3.69 40.58
N ASN C 209 -21.85 -3.35 41.70
CA ASN C 209 -22.07 -4.05 42.96
C ASN C 209 -23.02 -3.30 43.89
N ASP C 210 -22.77 -2.02 44.13
CA ASP C 210 -23.50 -1.24 45.12
C ASP C 210 -24.82 -0.68 44.60
N THR C 211 -25.25 -1.07 43.40
CA THR C 211 -26.56 -0.71 42.88
C THR C 211 -26.92 -1.71 41.78
N SER C 212 -28.19 -1.69 41.37
CA SER C 212 -28.71 -2.71 40.46
C SER C 212 -28.27 -2.51 39.00
N ASP C 213 -27.57 -1.43 38.69
CA ASP C 213 -27.33 -1.05 37.30
C ASP C 213 -26.29 -1.95 36.63
N CYS C 214 -26.41 -2.07 35.30
CA CYS C 214 -25.49 -2.84 34.47
C CYS C 214 -25.39 -2.21 33.09
N ALA C 215 -24.26 -2.41 32.43
CA ALA C 215 -24.08 -2.04 31.04
C ALA C 215 -24.26 -3.29 30.17
N THR C 216 -25.27 -3.28 29.30
CA THR C 216 -25.64 -4.45 28.53
C THR C 216 -25.21 -4.28 27.08
N TYR C 217 -24.49 -5.28 26.56
CA TYR C 217 -23.95 -5.29 25.20
C TYR C 217 -24.69 -6.34 24.39
N THR C 218 -25.40 -5.93 23.35
CA THR C 218 -26.12 -6.86 22.48
C THR C 218 -25.64 -6.68 21.05
N PHE C 219 -25.18 -7.76 20.44
CA PHE C 219 -24.53 -7.74 19.13
C PHE C 219 -25.46 -8.35 18.10
N SER C 220 -25.54 -7.71 16.92
CA SER C 220 -26.31 -8.26 15.82
C SER C 220 -25.58 -9.36 15.08
N SER C 221 -24.36 -9.74 15.51
CA SER C 221 -23.67 -10.88 14.93
C SER C 221 -22.91 -11.68 15.99
N GLY C 222 -23.03 -13.00 15.87
CA GLY C 222 -22.37 -13.92 16.76
C GLY C 222 -20.86 -13.80 16.76
N ILE C 223 -20.25 -13.33 15.67
CA ILE C 223 -18.80 -13.16 15.66
C ILE C 223 -18.39 -12.17 16.73
N ASN C 224 -19.03 -11.00 16.77
CA ASN C 224 -18.67 -10.04 17.79
C ASN C 224 -19.05 -10.56 19.18
N ALA C 225 -20.22 -11.19 19.31
CA ALA C 225 -20.56 -11.74 20.62
C ALA C 225 -19.44 -12.67 21.13
N ILE C 226 -19.08 -13.68 20.33
CA ILE C 226 -18.13 -14.69 20.76
C ILE C 226 -16.73 -14.10 20.92
N GLN C 227 -16.27 -13.28 19.98
CA GLN C 227 -14.93 -12.74 20.08
C GLN C 227 -14.79 -11.83 21.30
N GLU C 228 -15.78 -10.95 21.54
CA GLU C 228 -15.66 -10.02 22.66
C GLU C 228 -15.82 -10.74 24.00
N TRP C 229 -16.76 -11.68 24.11
CA TRP C 229 -16.89 -12.44 25.34
C TRP C 229 -15.63 -13.25 25.62
N TYR C 230 -15.11 -13.93 24.60
CA TYR C 230 -13.88 -14.69 24.77
C TYR C 230 -12.74 -13.79 25.20
N LYS C 231 -12.63 -12.59 24.62
CA LYS C 231 -11.52 -11.73 25.00
C LYS C 231 -11.67 -11.21 26.42
N LEU C 232 -12.91 -10.93 26.86
CA LEU C 232 -13.10 -10.60 28.27
C LEU C 232 -12.52 -11.69 29.16
N HIS C 233 -12.96 -12.93 28.94
CA HIS C 233 -12.50 -14.01 29.82
C HIS C 233 -11.01 -14.29 29.64
N TYR C 234 -10.51 -14.19 28.41
CA TYR C 234 -9.10 -14.43 28.14
C TYR C 234 -8.22 -13.42 28.87
N MET C 235 -8.57 -12.14 28.81
CA MET C 235 -7.77 -11.13 29.49
C MET C 235 -7.91 -11.23 31.00
N ASN C 236 -9.03 -11.76 31.51
CA ASN C 236 -9.12 -11.97 32.95
C ASN C 236 -8.46 -13.27 33.41
N ILE C 237 -8.10 -14.15 32.47
CA ILE C 237 -7.25 -15.30 32.83
C ILE C 237 -5.78 -14.93 32.74
N MET C 238 -5.37 -14.30 31.63
CA MET C 238 -3.97 -13.96 31.43
C MET C 238 -3.49 -12.90 32.40
N ALA C 239 -4.37 -12.09 32.96
CA ALA C 239 -3.97 -11.13 33.97
C ALA C 239 -3.52 -11.80 35.26
N GLN C 240 -3.91 -13.05 35.49
CA GLN C 240 -3.57 -13.77 36.72
C GLN C 240 -2.32 -14.63 36.57
N VAL C 241 -1.85 -14.87 35.36
CA VAL C 241 -0.66 -15.69 35.12
C VAL C 241 0.59 -14.84 35.35
N PRO C 242 1.66 -15.37 35.93
CA PRO C 242 2.84 -14.54 36.19
C PRO C 242 3.66 -14.25 34.94
N LEU C 243 4.25 -13.05 34.91
CA LEU C 243 4.98 -12.58 33.73
C LEU C 243 6.14 -13.51 33.40
N GLU C 244 6.80 -14.05 34.43
CA GLU C 244 7.91 -14.95 34.18
C GLU C 244 7.49 -16.15 33.34
N LYS C 245 6.25 -16.62 33.52
CA LYS C 245 5.74 -17.75 32.75
C LYS C 245 5.23 -17.31 31.39
N LYS C 246 4.61 -16.12 31.31
CA LYS C 246 4.13 -15.66 30.02
C LYS C 246 5.28 -15.43 29.03
N ILE C 247 6.40 -14.89 29.52
CA ILE C 247 7.56 -14.68 28.66
C ILE C 247 8.10 -16.01 28.16
N ASN C 248 7.99 -17.06 28.95
CA ASN C 248 8.48 -18.38 28.55
C ASN C 248 7.51 -19.08 27.61
N MET C 249 6.21 -18.81 27.73
CA MET C 249 5.23 -19.44 26.85
C MET C 249 5.18 -18.81 25.47
N SER C 250 5.49 -17.53 25.34
CA SER C 250 5.42 -16.91 24.01
C SER C 250 6.66 -17.27 23.17
N TYR C 251 6.79 -16.63 22.01
CA TYR C 251 7.80 -17.03 21.03
C TYR C 251 9.21 -16.62 21.44
N SER C 252 10.19 -17.45 21.04
CA SER C 252 11.59 -17.08 21.14
C SER C 252 12.04 -16.40 19.84
N ALA C 253 13.11 -15.60 19.96
CA ALA C 253 13.61 -14.88 18.79
C ALA C 253 14.06 -15.83 17.70
N GLU C 254 14.59 -16.99 18.08
CA GLU C 254 15.01 -17.98 17.10
C GLU C 254 13.82 -18.64 16.40
N GLU C 255 12.64 -18.64 17.03
CA GLU C 255 11.44 -19.13 16.36
C GLU C 255 10.88 -18.08 15.41
N LEU C 256 10.80 -16.83 15.86
CA LEU C 256 10.13 -15.81 15.06
C LEU C 256 10.95 -15.41 13.83
N LEU C 257 12.28 -15.45 13.90
CA LEU C 257 13.17 -14.93 12.86
C LEU C 257 13.86 -16.08 12.14
N VAL C 258 13.61 -16.21 10.83
CA VAL C 258 14.31 -17.22 10.05
C VAL C 258 15.65 -16.69 9.57
N THR C 259 15.69 -15.44 9.10
CA THR C 259 16.94 -14.79 8.73
C THR C 259 16.85 -13.31 9.03
N CYS C 260 18.01 -12.69 9.22
CA CYS C 260 18.11 -11.24 9.37
C CYS C 260 19.38 -10.78 8.64
N PHE C 261 19.36 -9.55 8.15
CA PHE C 261 20.39 -9.06 7.25
C PHE C 261 20.32 -7.54 7.22
N PHE C 262 21.40 -6.87 7.63
CA PHE C 262 21.40 -5.41 7.70
C PHE C 262 22.70 -4.86 7.15
N ASP C 263 22.60 -3.81 6.33
CA ASP C 263 23.76 -3.14 5.76
C ASP C 263 24.64 -4.11 4.99
N GLY C 264 24.03 -5.10 4.36
CA GLY C 264 24.75 -6.06 3.56
C GLY C 264 25.48 -7.13 4.33
N VAL C 265 25.37 -7.18 5.66
CA VAL C 265 26.10 -8.16 6.45
C VAL C 265 25.13 -8.92 7.35
N SER C 266 25.57 -10.11 7.75
CA SER C 266 24.74 -11.05 8.48
C SER C 266 24.19 -10.42 9.77
N CYS C 267 23.08 -10.97 10.23
CA CYS C 267 22.43 -10.56 11.47
C CYS C 267 21.67 -11.75 12.02
N ASP C 268 21.49 -11.78 13.34
CA ASP C 268 21.09 -13.00 14.02
C ASP C 268 20.05 -12.67 15.10
N ALA C 269 19.41 -13.72 15.63
CA ALA C 269 18.41 -13.52 16.68
C ALA C 269 19.00 -12.82 17.90
N ARG C 270 20.30 -12.92 18.11
CA ARG C 270 20.92 -12.27 19.26
C ARG C 270 21.03 -10.76 19.09
N ASN C 271 20.72 -10.23 17.90
CA ASN C 271 20.76 -8.78 17.68
C ASN C 271 19.44 -8.10 18.03
N PHE C 272 18.44 -8.83 18.51
CA PHE C 272 17.13 -8.29 18.83
C PHE C 272 16.90 -8.32 20.34
N THR C 273 16.25 -7.28 20.86
CA THR C 273 15.88 -7.17 22.27
C THR C 273 14.45 -7.65 22.48
N LEU C 274 14.19 -8.27 23.63
CA LEU C 274 12.84 -8.73 23.95
C LEU C 274 11.97 -7.56 24.38
N PHE C 275 10.73 -7.54 23.89
CA PHE C 275 9.72 -6.57 24.32
C PHE C 275 8.41 -7.32 24.53
N HIS C 276 8.10 -7.65 25.79
CA HIS C 276 6.88 -8.40 26.07
C HIS C 276 5.69 -7.45 26.14
N HIS C 277 4.73 -7.64 25.25
CA HIS C 277 3.52 -6.83 25.23
C HIS C 277 2.33 -7.68 25.68
N PRO C 278 1.46 -7.18 26.55
CA PRO C 278 0.44 -8.06 27.14
C PRO C 278 -0.58 -8.60 26.15
N MET C 279 -0.68 -8.04 24.95
CA MET C 279 -1.63 -8.52 23.95
C MET C 279 -0.98 -9.10 22.71
N HIS C 280 0.34 -9.03 22.58
CA HIS C 280 1.05 -9.65 21.47
C HIS C 280 2.16 -10.59 21.90
N GLY C 281 2.32 -10.84 23.19
CA GLY C 281 3.36 -11.75 23.63
C GLY C 281 4.73 -11.15 23.41
N ASN C 282 5.70 -12.00 23.12
CA ASN C 282 7.08 -11.56 22.91
C ASN C 282 7.20 -10.88 21.55
N CYS C 283 7.33 -9.56 21.57
CA CYS C 283 7.80 -8.80 20.42
C CYS C 283 9.30 -8.59 20.54
N TYR C 284 9.97 -8.34 19.41
CA TYR C 284 11.42 -8.22 19.40
C TYR C 284 11.86 -6.98 18.65
N THR C 285 12.78 -6.22 19.24
CA THR C 285 13.18 -4.90 18.76
C THR C 285 14.58 -4.94 18.17
N PHE C 286 14.71 -4.50 16.92
CA PHE C 286 16.02 -4.37 16.27
C PHE C 286 16.61 -3.00 16.57
N ASN C 287 17.94 -2.96 16.73
CA ASN C 287 18.66 -1.70 16.82
C ASN C 287 18.25 -0.89 18.05
N ASN C 288 18.03 -1.59 19.17
CA ASN C 288 17.74 -0.94 20.45
C ASN C 288 18.20 -1.89 21.55
N ARG C 289 19.47 -1.76 21.96
CA ARG C 289 19.96 -2.56 23.08
C ARG C 289 21.06 -1.79 23.81
N GLU C 290 21.29 -2.16 25.06
CA GLU C 290 22.07 -1.33 25.98
C GLU C 290 23.56 -1.37 25.65
N ASN C 291 24.22 -0.23 25.84
CA ASN C 291 25.66 -0.07 25.70
C ASN C 291 26.18 -0.52 24.33
N GLU C 292 25.32 -0.56 23.32
CA GLU C 292 25.72 -0.75 21.93
C GLU C 292 25.41 0.52 21.14
N THR C 293 26.34 0.91 20.26
CA THR C 293 26.16 2.13 19.48
C THR C 293 25.08 1.95 18.43
N ILE C 294 24.31 3.01 18.19
CA ILE C 294 23.17 2.94 17.28
C ILE C 294 23.65 2.68 15.87
N LEU C 295 22.98 1.76 15.17
CA LEU C 295 23.34 1.45 13.80
C LEU C 295 22.93 2.58 12.87
N SER C 296 23.82 2.94 11.94
CA SER C 296 23.60 4.09 11.07
C SER C 296 23.74 3.69 9.61
N THR C 297 22.90 4.29 8.77
CA THR C 297 22.82 3.96 7.35
C THR C 297 23.66 4.96 6.57
N SER C 298 24.64 4.45 5.83
CA SER C 298 25.49 5.28 4.97
C SER C 298 25.19 5.10 3.49
N MET C 299 24.26 4.22 3.14
CA MET C 299 23.88 3.96 1.75
C MET C 299 22.37 3.73 1.71
N GLY C 300 21.68 4.40 0.80
CA GLY C 300 20.24 4.28 0.73
C GLY C 300 19.77 3.08 -0.06
N GLY C 301 18.49 2.76 0.09
CA GLY C 301 17.85 1.78 -0.76
C GLY C 301 17.72 0.40 -0.15
N SER C 302 17.07 -0.47 -0.92
CA SER C 302 16.59 -1.76 -0.42
C SER C 302 17.73 -2.66 0.02
N GLU C 303 18.86 -2.61 -0.67
CA GLU C 303 19.94 -3.56 -0.46
C GLU C 303 20.69 -3.33 0.84
N TYR C 304 20.61 -2.12 1.43
CA TYR C 304 21.39 -1.76 2.61
C TYR C 304 20.55 -1.42 3.83
N GLY C 305 19.25 -1.70 3.81
CA GLY C 305 18.42 -1.57 4.99
C GLY C 305 18.30 -2.89 5.72
N LEU C 306 17.34 -2.93 6.63
CA LEU C 306 17.03 -4.17 7.34
C LEU C 306 16.21 -5.08 6.44
N GLN C 307 16.67 -6.32 6.29
CA GLN C 307 15.92 -7.36 5.59
C GLN C 307 15.77 -8.54 6.53
N VAL C 308 14.54 -9.00 6.75
CA VAL C 308 14.26 -10.05 7.73
C VAL C 308 13.16 -10.93 7.20
N ILE C 309 13.28 -12.24 7.41
CA ILE C 309 12.27 -13.22 7.03
C ILE C 309 11.66 -13.80 8.30
N LEU C 310 10.34 -13.74 8.41
CA LEU C 310 9.62 -14.05 9.64
C LEU C 310 8.84 -15.35 9.47
N TYR C 311 8.82 -16.17 10.52
CA TYR C 311 8.05 -17.42 10.53
C TYR C 311 6.82 -17.23 11.39
N ILE C 312 5.65 -17.43 10.79
CA ILE C 312 4.37 -17.03 11.35
C ILE C 312 3.52 -18.29 11.39
N ASN C 313 3.66 -19.07 12.47
CA ASN C 313 3.17 -20.45 12.54
C ASN C 313 1.66 -20.45 12.70
N GLU C 314 0.95 -20.41 11.57
CA GLU C 314 -0.49 -20.18 11.62
C GLU C 314 -1.32 -21.43 11.88
N GLU C 315 -0.72 -22.61 12.01
CA GLU C 315 -1.49 -23.75 12.50
C GLU C 315 -1.59 -23.75 14.02
N GLU C 316 -0.82 -22.91 14.70
CA GLU C 316 -0.84 -22.80 16.16
C GLU C 316 -1.48 -21.49 16.63
N TYR C 317 -2.34 -20.90 15.81
CA TYR C 317 -3.08 -19.71 16.21
C TYR C 317 -4.22 -20.09 17.15
N ASN C 318 -4.62 -19.15 17.98
CA ASN C 318 -5.74 -19.36 18.89
C ASN C 318 -7.05 -19.24 18.11
N PRO C 319 -7.96 -20.22 18.18
CA PRO C 319 -9.16 -20.17 17.34
C PRO C 319 -10.07 -18.98 17.60
N PHE C 320 -10.19 -18.51 18.84
CA PHE C 320 -11.21 -17.53 19.19
C PHE C 320 -10.67 -16.14 19.50
N LEU C 321 -9.37 -16.02 19.80
CA LEU C 321 -8.80 -14.71 20.10
C LEU C 321 -8.34 -14.01 18.83
N VAL C 322 -7.60 -14.71 17.98
CA VAL C 322 -6.85 -14.10 16.90
C VAL C 322 -7.48 -14.55 15.59
N SER C 323 -7.99 -13.58 14.83
CA SER C 323 -8.70 -13.86 13.59
C SER C 323 -8.00 -13.30 12.35
N SER C 324 -6.76 -12.86 12.48
CA SER C 324 -6.00 -12.29 11.36
C SER C 324 -4.59 -12.88 11.40
N THR C 325 -4.06 -13.31 10.26
CA THR C 325 -2.79 -14.04 10.23
C THR C 325 -1.70 -13.21 9.55
N GLY C 326 -0.61 -12.99 10.27
CA GLY C 326 0.47 -12.13 9.81
C GLY C 326 1.33 -11.70 10.98
N ALA C 327 1.98 -10.54 10.81
CA ALA C 327 2.81 -9.92 11.83
C ALA C 327 2.60 -8.42 11.83
N LYS C 328 3.16 -7.73 12.83
CA LYS C 328 3.08 -6.28 12.95
C LYS C 328 4.48 -5.71 13.13
N VAL C 329 4.69 -4.46 12.73
CA VAL C 329 5.98 -3.80 12.93
C VAL C 329 5.77 -2.32 13.21
N ILE C 330 6.55 -1.78 14.16
CA ILE C 330 6.57 -0.38 14.53
C ILE C 330 7.96 0.18 14.22
N ILE C 331 8.02 1.40 13.71
CA ILE C 331 9.27 2.14 13.53
C ILE C 331 9.29 3.27 14.55
N HIS C 332 10.31 3.32 15.42
CA HIS C 332 10.29 4.28 16.52
C HIS C 332 11.71 4.69 16.92
N ARG C 333 11.79 5.69 17.80
CA ARG C 333 13.05 6.07 18.42
C ARG C 333 13.53 4.97 19.36
N GLN C 334 14.81 4.96 19.66
CA GLN C 334 15.34 3.98 20.62
C GLN C 334 14.77 4.20 22.02
N ASP C 335 14.45 5.43 22.39
CA ASP C 335 13.93 5.73 23.72
C ASP C 335 12.42 5.94 23.74
N GLU C 336 11.71 5.47 22.73
CA GLU C 336 10.27 5.67 22.59
C GLU C 336 9.55 4.34 22.74
N TYR C 337 8.43 4.34 23.46
CA TYR C 337 7.64 3.12 23.66
C TYR C 337 6.84 2.82 22.40
N PRO C 338 6.88 1.58 21.88
CA PRO C 338 6.32 1.35 20.53
C PRO C 338 4.81 1.39 20.43
N PHE C 339 4.06 1.07 21.49
CA PHE C 339 2.59 0.98 21.40
C PHE C 339 2.18 0.11 20.22
N VAL C 340 2.74 -1.10 20.14
CA VAL C 340 2.55 -1.91 18.94
C VAL C 340 1.10 -2.39 18.80
N GLU C 341 0.25 -2.16 19.81
CA GLU C 341 -1.17 -2.45 19.71
C GLU C 341 -1.94 -1.41 18.89
N ASP C 342 -1.39 -0.20 18.75
CA ASP C 342 -2.13 0.90 18.12
C ASP C 342 -1.81 1.02 16.63
N VAL C 343 -0.61 1.49 16.30
CA VAL C 343 -0.33 2.09 15.00
C VAL C 343 0.66 1.27 14.18
N GLY C 344 0.77 -0.03 14.42
CA GLY C 344 1.74 -0.84 13.69
C GLY C 344 1.24 -1.18 12.30
N THR C 345 2.15 -1.09 11.31
CA THR C 345 1.82 -1.54 9.97
C THR C 345 1.91 -3.06 9.91
N GLU C 346 1.02 -3.67 9.13
CA GLU C 346 0.77 -5.11 9.21
C GLU C 346 1.40 -5.85 8.03
N ILE C 347 1.96 -7.02 8.32
CA ILE C 347 2.78 -7.78 7.41
C ILE C 347 2.01 -9.04 7.01
N GLU C 348 1.87 -9.26 5.70
CA GLU C 348 1.11 -10.37 5.15
C GLU C 348 2.05 -11.50 4.77
N THR C 349 1.61 -12.75 4.98
CA THR C 349 2.46 -13.89 4.67
C THR C 349 2.34 -14.25 3.18
N ALA C 350 3.31 -15.04 2.71
CA ALA C 350 3.47 -15.33 1.29
C ALA C 350 3.70 -14.05 0.50
N MET C 351 4.35 -13.07 1.12
CA MET C 351 4.48 -11.73 0.58
C MET C 351 5.80 -11.14 1.03
N VAL C 352 6.30 -10.17 0.26
CA VAL C 352 7.41 -9.31 0.68
C VAL C 352 6.88 -7.90 0.85
N THR C 353 7.08 -7.32 2.03
CA THR C 353 6.59 -6.00 2.38
C THR C 353 7.78 -5.04 2.40
N SER C 354 7.69 -3.98 1.61
CA SER C 354 8.81 -3.09 1.35
C SER C 354 8.54 -1.70 1.96
N ILE C 355 8.97 -1.50 3.21
CA ILE C 355 8.73 -0.25 3.94
C ILE C 355 9.85 0.75 3.67
N GLY C 356 9.79 1.47 2.56
CA GLY C 356 10.75 2.55 2.34
C GLY C 356 10.34 3.79 3.10
N MET C 357 11.32 4.53 3.61
CA MET C 357 11.02 5.65 4.51
C MET C 357 11.99 6.81 4.35
N HIS C 358 11.49 8.02 4.64
CA HIS C 358 12.28 9.24 4.75
C HIS C 358 12.15 9.79 6.16
N LEU C 359 13.11 10.61 6.58
CA LEU C 359 13.13 11.19 7.92
C LEU C 359 12.82 12.68 7.87
N THR C 360 11.87 13.13 8.69
CA THR C 360 11.51 14.54 8.81
C THR C 360 11.35 14.90 10.28
N GLU C 361 11.84 16.07 10.66
CA GLU C 361 11.76 16.56 12.03
C GLU C 361 11.12 17.94 12.10
N SER C 362 10.52 18.26 13.25
CA SER C 362 9.94 19.56 13.51
C SER C 362 10.28 19.98 14.93
N PHE C 363 10.64 21.25 15.12
CA PHE C 363 11.04 21.77 16.42
C PHE C 363 10.25 23.04 16.72
N LYS C 364 9.25 22.94 17.59
CA LYS C 364 8.47 24.09 18.02
C LYS C 364 9.17 24.83 19.16
N LEU C 365 8.60 25.98 19.53
CA LEU C 365 9.04 26.73 20.70
C LEU C 365 8.02 26.61 21.82
N SER C 366 8.51 26.49 23.05
CA SER C 366 7.65 26.36 24.22
C SER C 366 7.10 27.75 24.60
N GLU C 367 6.58 27.86 25.82
CA GLU C 367 6.06 29.13 26.29
C GLU C 367 7.20 30.15 26.42
N PRO C 368 6.97 31.44 26.11
CA PRO C 368 5.71 32.15 25.76
C PRO C 368 5.03 31.75 24.45
N TYR C 369 5.75 31.16 23.50
CA TYR C 369 5.25 31.09 22.13
C TYR C 369 4.14 30.07 21.98
N SER C 370 4.21 28.95 22.71
CA SER C 370 3.18 27.93 22.64
C SER C 370 3.16 27.15 23.95
N GLN C 371 1.97 26.70 24.35
CA GLN C 371 1.83 25.91 25.57
C GLN C 371 2.24 24.48 25.24
N CYS C 372 3.54 24.22 25.34
CA CYS C 372 4.17 23.01 24.84
C CYS C 372 5.39 22.71 25.69
N THR C 373 5.78 21.43 25.75
CA THR C 373 6.91 21.02 26.59
C THR C 373 7.95 20.26 25.77
N GLU C 374 9.23 20.50 26.09
CA GLU C 374 10.33 19.76 25.48
C GLU C 374 10.52 18.39 26.12
N ASP C 375 9.98 18.19 27.32
CA ASP C 375 10.23 17.01 28.12
C ASP C 375 9.03 16.82 29.04
N GLY C 376 9.01 15.69 29.73
CA GLY C 376 7.96 15.46 30.71
C GLY C 376 8.19 16.12 32.05
N SER C 377 9.13 17.06 32.11
CA SER C 377 9.61 17.57 33.40
C SER C 377 8.69 18.58 34.05
N ASP C 378 7.69 19.11 33.34
CA ASP C 378 6.83 20.13 33.93
C ASP C 378 5.36 19.87 33.63
N VAL C 379 4.94 18.61 33.61
CA VAL C 379 3.52 18.25 33.59
C VAL C 379 3.18 17.50 34.87
N PRO C 380 1.99 17.66 35.45
CA PRO C 380 1.67 16.98 36.72
C PRO C 380 1.59 15.46 36.65
N ILE C 381 1.42 14.88 35.46
CA ILE C 381 1.14 13.44 35.35
C ILE C 381 2.44 12.65 35.49
N ARG C 382 2.36 11.52 36.21
CA ARG C 382 3.51 10.61 36.28
C ARG C 382 3.53 9.67 35.09
N ASN C 383 4.68 9.60 34.42
CA ASN C 383 4.89 8.66 33.32
C ASN C 383 5.14 7.27 33.87
N ILE C 384 4.47 6.27 33.30
CA ILE C 384 4.58 4.88 33.74
C ILE C 384 5.09 3.95 32.66
N TYR C 385 5.56 4.47 31.53
CA TYR C 385 6.00 3.64 30.41
C TYR C 385 7.51 3.47 30.35
N ASN C 386 8.26 4.09 31.26
CA ASN C 386 9.72 4.05 31.26
C ASN C 386 10.25 4.32 29.84
N ALA C 387 9.78 5.43 29.27
CA ALA C 387 10.16 5.84 27.92
C ALA C 387 9.95 7.33 27.79
N ALA C 388 10.65 7.93 26.83
CA ALA C 388 10.64 9.38 26.69
C ALA C 388 9.23 9.91 26.46
N TYR C 389 8.98 11.12 26.97
CA TYR C 389 7.63 11.68 27.03
C TYR C 389 7.03 11.90 25.65
N SER C 390 5.74 11.62 25.54
CA SER C 390 4.92 12.02 24.38
C SER C 390 3.48 12.08 24.83
N LEU C 391 2.65 12.75 24.03
CA LEU C 391 1.28 13.04 24.47
C LEU C 391 0.49 11.78 24.75
N GLN C 392 0.63 10.76 23.90
CA GLN C 392 -0.12 9.52 24.13
C GLN C 392 0.38 8.79 25.37
N ILE C 393 1.68 8.81 25.62
CA ILE C 393 2.21 8.24 26.87
C ILE C 393 1.60 8.96 28.05
N CYS C 394 1.45 10.29 27.97
CA CYS C 394 0.87 11.05 29.08
C CYS C 394 -0.61 10.73 29.26
N LEU C 395 -1.37 10.67 28.17
CA LEU C 395 -2.80 10.41 28.28
C LEU C 395 -3.07 9.01 28.83
N HIS C 396 -2.35 8.00 28.33
CA HIS C 396 -2.53 6.65 28.86
C HIS C 396 -2.07 6.56 30.31
N SER C 397 -0.98 7.25 30.67
CA SER C 397 -0.55 7.22 32.06
C SER C 397 -1.59 7.85 32.97
N CYS C 398 -2.18 8.96 32.53
CA CYS C 398 -3.23 9.61 33.30
C CYS C 398 -4.43 8.67 33.48
N PHE C 399 -4.86 8.02 32.40
CA PHE C 399 -6.03 7.14 32.51
C PHE C 399 -5.75 5.91 33.37
N GLN C 400 -4.59 5.29 33.19
CA GLN C 400 -4.23 4.14 34.04
C GLN C 400 -4.18 4.53 35.51
N THR C 401 -3.70 5.74 35.81
CA THR C 401 -3.73 6.20 37.19
C THR C 401 -5.16 6.42 37.69
N LYS C 402 -6.02 7.00 36.84
CA LYS C 402 -7.41 7.19 37.27
C LYS C 402 -8.09 5.85 37.51
N MET C 403 -7.71 4.81 36.78
CA MET C 403 -8.27 3.48 37.07
C MET C 403 -7.78 2.96 38.41
N VAL C 404 -6.48 3.10 38.69
CA VAL C 404 -6.02 2.66 40.01
C VAL C 404 -6.72 3.43 41.12
N GLU C 405 -7.14 4.67 40.86
CA GLU C 405 -7.96 5.39 41.84
C GLU C 405 -9.35 4.76 41.95
N LYS C 406 -10.09 4.76 40.84
CA LYS C 406 -11.54 4.52 40.87
C LYS C 406 -11.88 3.03 41.00
N CYS C 407 -11.18 2.15 40.28
CA CYS C 407 -11.49 0.73 40.26
C CYS C 407 -10.61 -0.11 41.17
N GLY C 408 -9.56 0.47 41.75
CA GLY C 408 -8.68 -0.26 42.63
C GLY C 408 -7.69 -1.19 41.95
N CYS C 409 -7.63 -1.20 40.62
CA CYS C 409 -6.75 -2.11 39.90
C CYS C 409 -6.43 -1.52 38.53
N ALA C 410 -5.36 -2.02 37.92
CA ALA C 410 -4.86 -1.51 36.66
C ALA C 410 -5.40 -2.31 35.48
N GLN C 411 -5.55 -1.63 34.34
CA GLN C 411 -5.99 -2.30 33.12
C GLN C 411 -4.85 -3.16 32.57
N TYR C 412 -5.17 -4.41 32.21
CA TYR C 412 -4.12 -5.33 31.80
C TYR C 412 -3.51 -4.95 30.45
N SER C 413 -4.25 -4.23 29.61
CA SER C 413 -3.74 -3.87 28.29
C SER C 413 -2.53 -2.94 28.33
N GLN C 414 -2.23 -2.31 29.46
CA GLN C 414 -1.24 -1.26 29.58
C GLN C 414 -0.24 -1.59 30.66
N PRO C 415 0.92 -0.91 30.71
CA PRO C 415 1.91 -1.23 31.74
C PRO C 415 1.39 -0.96 33.13
N LEU C 416 1.92 -1.71 34.08
CA LEU C 416 1.46 -1.68 35.47
C LEU C 416 2.07 -0.49 36.20
N PRO C 417 1.27 0.39 36.81
CA PRO C 417 1.84 1.53 37.51
C PRO C 417 2.42 1.12 38.86
N PRO C 418 3.16 2.01 39.52
CA PRO C 418 3.83 1.61 40.77
C PRO C 418 2.86 1.16 41.84
N ALA C 419 3.18 0.00 42.44
CA ALA C 419 2.44 -0.55 43.59
C ALA C 419 0.94 -0.71 43.28
N ALA C 420 0.65 -1.54 42.27
CA ALA C 420 -0.72 -1.84 41.87
C ALA C 420 -0.82 -3.28 41.41
N ASN C 421 -2.05 -3.73 41.15
CA ASN C 421 -2.33 -5.06 40.61
C ASN C 421 -3.21 -4.94 39.38
N TYR C 422 -3.01 -5.86 38.43
CA TYR C 422 -3.89 -5.94 37.26
C TYR C 422 -5.27 -6.45 37.68
N CYS C 423 -6.29 -5.97 36.99
CA CYS C 423 -7.67 -6.34 37.32
C CYS C 423 -7.96 -7.79 36.92
N ASN C 424 -8.76 -8.48 37.74
CA ASN C 424 -9.25 -9.81 37.37
C ASN C 424 -10.52 -10.14 38.14
N TYR C 425 -11.30 -11.07 37.59
CA TYR C 425 -12.65 -11.36 38.11
C TYR C 425 -12.66 -11.84 39.55
N GLN C 426 -11.56 -12.41 40.06
CA GLN C 426 -11.63 -12.99 41.40
C GLN C 426 -11.27 -11.98 42.49
N GLN C 427 -10.39 -11.02 42.20
CA GLN C 427 -10.02 -10.01 43.18
C GLN C 427 -10.80 -8.71 43.02
N HIS C 428 -11.22 -8.38 41.81
CA HIS C 428 -11.92 -7.11 41.52
C HIS C 428 -13.18 -7.40 40.73
N PRO C 429 -14.16 -8.08 41.35
CA PRO C 429 -15.20 -8.75 40.55
C PRO C 429 -16.11 -7.84 39.73
N ASN C 430 -16.10 -6.53 39.96
CA ASN C 430 -16.98 -5.63 39.20
C ASN C 430 -16.21 -4.57 38.43
N TRP C 431 -14.95 -4.82 38.10
CA TRP C 431 -14.14 -3.80 37.43
C TRP C 431 -14.63 -3.51 36.01
N MET C 432 -15.39 -4.42 35.41
CA MET C 432 -15.86 -4.22 34.04
C MET C 432 -16.66 -2.93 33.91
N TYR C 433 -17.69 -2.79 34.76
CA TYR C 433 -18.57 -1.61 34.71
C TYR C 433 -17.82 -0.35 35.12
N CYS C 434 -16.90 -0.49 36.07
CA CYS C 434 -16.07 0.64 36.48
C CYS C 434 -15.28 1.19 35.30
N TYR C 435 -14.63 0.30 34.53
CA TYR C 435 -13.91 0.74 33.35
C TYR C 435 -14.85 1.36 32.34
N TYR C 436 -16.03 0.79 32.15
CA TYR C 436 -16.98 1.35 31.19
C TYR C 436 -17.32 2.81 31.55
N GLN C 437 -17.74 3.05 32.79
CA GLN C 437 -18.04 4.41 33.22
C GLN C 437 -16.84 5.32 33.03
N LEU C 438 -15.66 4.85 33.47
CA LEU C 438 -14.48 5.71 33.45
C LEU C 438 -14.10 6.09 32.03
N HIS C 439 -14.18 5.17 31.08
CA HIS C 439 -13.81 5.50 29.71
C HIS C 439 -14.86 6.38 29.05
N ARG C 440 -16.14 6.17 29.38
CA ARG C 440 -17.16 7.09 28.87
C ARG C 440 -16.85 8.51 29.32
N ALA C 441 -16.48 8.67 30.60
CA ALA C 441 -16.09 9.98 31.10
C ALA C 441 -14.86 10.52 30.37
N PHE C 442 -13.88 9.65 30.10
CA PHE C 442 -12.68 10.09 29.38
C PHE C 442 -13.03 10.63 28.00
N VAL C 443 -13.89 9.93 27.26
CA VAL C 443 -14.25 10.41 25.93
C VAL C 443 -14.97 11.75 26.02
N GLN C 444 -15.79 11.95 27.06
CA GLN C 444 -16.39 13.27 27.25
C GLN C 444 -15.45 14.26 27.95
N GLU C 445 -14.15 13.96 28.02
CA GLU C 445 -13.11 14.82 28.58
C GLU C 445 -13.40 15.28 30.01
N GLU C 446 -14.14 14.49 30.79
CA GLU C 446 -14.45 14.86 32.16
C GLU C 446 -13.32 14.55 33.14
N LEU C 447 -12.36 13.70 32.77
CA LEU C 447 -11.29 13.31 33.68
C LEU C 447 -10.13 14.29 33.71
N GLY C 448 -10.12 15.29 32.82
CA GLY C 448 -9.08 16.30 32.82
C GLY C 448 -7.79 15.93 32.10
N CYS C 449 -7.58 14.65 31.78
CA CYS C 449 -6.32 14.23 31.19
C CYS C 449 -6.00 15.02 29.93
N GLN C 450 -7.00 15.31 29.10
CA GLN C 450 -6.73 15.98 27.83
C GLN C 450 -6.28 17.43 28.01
N SER C 451 -6.67 18.08 29.10
CA SER C 451 -6.24 19.46 29.33
C SER C 451 -4.97 19.55 30.15
N VAL C 452 -4.67 18.53 30.95
CA VAL C 452 -3.47 18.55 31.79
C VAL C 452 -2.23 18.16 30.98
N CYS C 453 -2.33 17.14 30.14
CA CYS C 453 -1.20 16.73 29.31
C CYS C 453 -0.98 17.72 28.17
N LYS C 454 0.28 17.85 27.73
CA LYS C 454 0.66 18.83 26.73
C LYS C 454 1.36 18.17 25.54
N GLU C 455 1.30 18.85 24.39
CA GLU C 455 2.02 18.40 23.21
C GLU C 455 3.53 18.55 23.42
N ALA C 456 4.31 17.64 22.83
CA ALA C 456 5.76 17.71 22.94
C ALA C 456 6.32 18.52 21.76
N CYS C 457 7.29 19.40 22.05
CA CYS C 457 7.71 20.40 21.07
C CYS C 457 8.63 19.83 20.00
N SER C 458 9.48 18.86 20.33
CA SER C 458 10.38 18.26 19.36
C SER C 458 9.76 16.98 18.82
N PHE C 459 9.71 16.85 17.50
CA PHE C 459 8.94 15.82 16.82
C PHE C 459 9.76 15.23 15.68
N LYS C 460 9.80 13.89 15.62
CA LYS C 460 10.57 13.16 14.62
C LYS C 460 9.67 12.08 14.02
N GLU C 461 9.67 11.98 12.69
CA GLU C 461 8.77 11.06 11.99
C GLU C 461 9.45 10.42 10.80
N TRP C 462 9.16 9.14 10.60
CA TRP C 462 9.57 8.40 9.40
C TRP C 462 8.34 8.20 8.51
N THR C 463 8.33 8.83 7.33
CA THR C 463 7.17 8.77 6.45
C THR C 463 7.27 7.50 5.61
N LEU C 464 6.51 6.49 5.98
CA LEU C 464 6.62 5.17 5.38
C LEU C 464 5.92 5.12 4.02
N THR C 465 6.46 4.29 3.11
CA THR C 465 5.86 3.99 1.82
C THR C 465 5.74 2.47 1.68
N THR C 466 4.69 1.91 2.27
CA THR C 466 4.48 0.47 2.24
C THR C 466 4.03 0.00 0.86
N SER C 467 4.65 -1.06 0.36
CA SER C 467 4.23 -1.67 -0.90
C SER C 467 4.59 -3.16 -0.88
N LEU C 468 3.84 -3.96 -1.64
CA LEU C 468 3.87 -5.42 -1.50
C LEU C 468 4.09 -6.10 -2.84
N ALA C 469 4.65 -7.30 -2.78
CA ALA C 469 4.81 -8.18 -3.93
C ALA C 469 4.77 -9.63 -3.46
N GLN C 470 4.45 -10.53 -4.38
CA GLN C 470 4.40 -11.95 -4.04
C GLN C 470 5.81 -12.50 -3.82
N TRP C 471 5.96 -13.38 -2.83
CA TRP C 471 7.25 -13.95 -2.48
C TRP C 471 7.05 -15.28 -1.75
N PRO C 472 7.74 -16.36 -2.15
CA PRO C 472 8.62 -16.51 -3.31
C PRO C 472 7.86 -16.45 -4.62
N SER C 473 8.52 -16.19 -5.73
CA SER C 473 7.89 -16.37 -7.03
C SER C 473 7.75 -17.86 -7.32
N VAL C 474 6.77 -18.22 -8.16
CA VAL C 474 6.45 -19.62 -8.37
C VAL C 474 7.64 -20.42 -8.85
N VAL C 475 8.63 -19.77 -9.47
CA VAL C 475 9.81 -20.52 -9.93
C VAL C 475 10.81 -20.72 -8.78
N SER C 476 10.83 -19.83 -7.78
CA SER C 476 11.80 -19.90 -6.70
C SER C 476 11.30 -20.71 -5.50
N GLU C 477 10.02 -21.04 -5.44
CA GLU C 477 9.55 -21.95 -4.39
C GLU C 477 10.32 -23.26 -4.40
N LYS C 478 10.79 -23.70 -5.57
CA LYS C 478 11.42 -25.01 -5.67
C LYS C 478 12.67 -25.12 -4.81
N TRP C 479 13.31 -24.01 -4.45
CA TRP C 479 14.56 -24.06 -3.71
C TRP C 479 14.56 -23.17 -2.47
N LEU C 480 13.74 -22.12 -2.43
CA LEU C 480 13.75 -21.25 -1.27
C LEU C 480 13.16 -21.93 -0.04
N LEU C 481 12.04 -22.63 -0.21
CA LEU C 481 11.35 -23.18 0.96
C LEU C 481 12.15 -24.34 1.58
N PRO C 482 12.73 -25.24 0.78
CA PRO C 482 13.64 -26.24 1.38
C PRO C 482 14.81 -25.62 2.13
N VAL C 483 15.45 -24.60 1.57
CA VAL C 483 16.62 -24.02 2.25
C VAL C 483 16.18 -23.24 3.48
N LEU C 484 15.00 -22.61 3.45
CA LEU C 484 14.52 -21.91 4.64
C LEU C 484 14.23 -22.90 5.78
N THR C 485 13.65 -24.07 5.46
CA THR C 485 13.45 -25.02 6.55
C THR C 485 14.75 -25.66 7.02
N TRP C 486 15.75 -25.80 6.13
CA TRP C 486 17.07 -26.22 6.60
C TRP C 486 17.69 -25.16 7.50
N ASP C 487 17.46 -23.88 7.20
CA ASP C 487 17.94 -22.80 8.05
C ASP C 487 17.26 -22.78 9.40
N GLN C 488 16.09 -23.38 9.52
CA GLN C 488 15.52 -23.54 10.87
C GLN C 488 16.13 -24.73 11.59
N GLY C 489 16.11 -25.91 10.98
CA GLY C 489 16.71 -27.10 11.57
C GLY C 489 15.99 -27.56 12.82
N LYS C 494 9.37 -30.50 9.27
CA LYS C 494 8.53 -30.44 8.08
C LYS C 494 9.02 -29.35 7.12
N LYS C 495 8.54 -29.40 5.89
CA LYS C 495 8.82 -28.33 4.94
C LYS C 495 7.88 -27.16 5.21
N LEU C 496 8.41 -25.94 5.06
CA LEU C 496 7.61 -24.74 5.31
C LEU C 496 6.57 -24.55 4.21
N ASN C 497 5.37 -24.13 4.61
CA ASN C 497 4.37 -23.71 3.64
C ASN C 497 4.61 -22.25 3.29
N LYS C 498 4.32 -21.90 2.04
CA LYS C 498 4.55 -20.53 1.58
C LYS C 498 3.78 -19.51 2.41
N THR C 499 2.68 -19.91 3.05
CA THR C 499 1.89 -18.99 3.86
C THR C 499 2.36 -18.91 5.31
N ASP C 500 3.33 -19.71 5.72
CA ASP C 500 3.90 -19.60 7.06
C ASP C 500 4.98 -18.52 7.14
N LEU C 501 5.33 -17.88 6.03
CA LEU C 501 6.50 -17.01 5.95
C LEU C 501 6.13 -15.63 5.44
N ALA C 502 6.90 -14.63 5.88
CA ALA C 502 6.78 -13.28 5.36
C ALA C 502 8.15 -12.63 5.35
N LYS C 503 8.44 -11.88 4.28
CA LYS C 503 9.69 -11.15 4.16
C LYS C 503 9.43 -9.66 4.32
N LEU C 504 10.31 -8.99 5.06
CA LEU C 504 10.13 -7.58 5.40
C LEU C 504 11.40 -6.81 5.05
N LEU C 505 11.25 -5.67 4.38
CA LEU C 505 12.35 -4.78 4.02
C LEU C 505 12.05 -3.40 4.59
N ILE C 506 12.96 -2.86 5.40
CA ILE C 506 12.84 -1.53 5.98
C ILE C 506 14.12 -0.77 5.67
N PHE C 507 14.00 0.34 4.95
CA PHE C 507 15.19 1.03 4.45
C PHE C 507 14.91 2.51 4.25
N TYR C 508 15.97 3.32 4.36
CA TYR C 508 15.88 4.71 3.95
C TYR C 508 15.92 4.80 2.44
N LYS C 509 14.94 5.49 1.84
CA LYS C 509 14.94 5.65 0.39
C LYS C 509 16.10 6.52 -0.07
N ASP C 510 16.44 7.56 0.71
CA ASP C 510 17.60 8.38 0.46
C ASP C 510 18.05 8.98 1.78
N LEU C 511 19.30 9.44 1.80
CA LEU C 511 19.89 9.97 3.03
C LEU C 511 19.48 11.41 3.33
N ASN C 512 18.53 11.97 2.60
CA ASN C 512 18.05 13.32 2.86
C ASN C 512 17.24 13.40 4.14
N GLN C 513 17.73 14.16 5.12
CA GLN C 513 17.02 14.40 6.37
C GLN C 513 16.50 15.84 6.38
N ARG C 514 15.19 16.00 6.31
CA ARG C 514 14.57 17.31 6.40
C ARG C 514 14.36 17.71 7.84
N SER C 515 14.30 19.01 8.09
CA SER C 515 13.94 19.51 9.42
C SER C 515 13.34 20.91 9.29
N ILE C 516 12.31 21.17 10.10
CA ILE C 516 11.66 22.47 10.15
C ILE C 516 11.87 23.04 11.54
N MET C 517 12.46 24.23 11.62
CA MET C 517 12.85 24.84 12.88
C MET C 517 12.08 26.14 13.11
N GLU C 518 11.65 26.35 14.34
CA GLU C 518 10.99 27.58 14.76
C GLU C 518 11.93 28.34 15.70
N SER C 519 12.07 29.65 15.48
CA SER C 519 13.03 30.43 16.26
C SER C 519 12.51 31.84 16.49
N PRO C 520 12.87 32.48 17.62
CA PRO C 520 12.38 33.83 17.89
C PRO C 520 12.91 34.86 16.90
N ALA C 521 12.09 35.87 16.62
CA ALA C 521 12.47 36.95 15.73
C ALA C 521 13.30 38.02 16.42
C1 NAG D . -26.61 2.29 16.28
C2 NAG D . -25.76 2.98 17.34
C3 NAG D . -26.33 2.71 18.74
C4 NAG D . -27.80 3.08 18.82
C5 NAG D . -28.57 2.35 17.72
C6 NAG D . -30.03 2.73 17.66
C7 NAG D . -23.43 3.28 16.66
C8 NAG D . -22.03 2.71 16.72
N2 NAG D . -24.37 2.57 17.28
O3 NAG D . -25.59 3.46 19.70
O4 NAG D . -28.32 2.72 20.09
O5 NAG D . -28.00 2.65 16.45
O6 NAG D . -30.67 2.10 16.56
O7 NAG D . -23.67 4.32 16.08
H1 NAG D . -26.52 1.32 16.38
H2 NAG D . -25.81 3.95 17.19
H3 NAG D . -26.24 1.77 18.94
H4 NAG D . -27.90 4.05 18.68
H5 NAG D . -28.49 1.39 17.88
H61 NAG D . -30.09 3.70 17.56
H62 NAG D . -30.46 2.46 18.49
H81 NAG D . -22.07 1.75 16.85
H82 NAG D . -21.55 2.92 15.90
H83 NAG D . -21.56 3.12 17.48
HN2 NAG D . -24.13 1.81 17.72
HO3 NAG D . -26.11 3.63 20.40
HO6 NAG D . -30.18 2.20 15.84
C1 NAG D . -28.65 3.83 20.98
C2 NAG D . -29.57 3.31 22.08
C3 NAG D . -29.91 4.42 23.06
C4 NAG D . -28.65 5.06 23.60
C5 NAG D . -27.76 5.53 22.46
C6 NAG D . -26.42 6.06 22.93
C7 NAG D . -31.00 1.40 21.50
C8 NAG D . -32.30 0.97 20.89
N2 NAG D . -30.77 2.71 21.52
O3 NAG D . -30.70 3.91 24.13
O4 NAG D . -28.98 6.16 24.44
O5 NAG D . -27.47 4.44 21.57
O6 NAG D . -25.70 6.67 21.88
O7 NAG D . -30.21 0.59 21.96
H1 NAG D . -29.13 4.51 20.47
H2 NAG D . -29.08 2.62 22.58
H3 NAG D . -30.44 5.10 22.58
H4 NAG D . -28.16 4.39 24.13
H5 NAG D . -28.22 6.23 21.96
H61 NAG D . -26.58 6.73 23.63
H62 NAG D . -25.89 5.33 23.30
H81 NAG D . -33.04 1.44 21.33
H82 NAG D . -32.42 0.00 21.01
H83 NAG D . -32.31 1.18 19.94
HN2 NAG D . -31.40 3.28 21.17
HO3 NAG D . -31.45 3.55 23.80
HO4 NAG D . -29.63 5.92 25.00
HO6 NAG D . -24.90 6.91 22.17
C1 NAG E . 34.15 -14.33 9.01
C2 NAG E . 35.00 -13.18 9.56
C3 NAG E . 36.38 -13.69 9.99
C4 NAG E . 36.28 -14.91 10.90
C5 NAG E . 35.35 -15.96 10.28
C6 NAG E . 35.07 -17.12 11.20
C7 NAG E . 34.22 -11.21 8.31
C8 NAG E . 34.55 -10.21 7.25
N2 NAG E . 35.15 -12.13 8.56
O3 NAG E . 37.06 -12.65 10.68
O4 NAG E . 37.56 -15.50 11.03
O5 NAG E . 34.08 -15.36 9.98
O6 NAG E . 34.27 -16.74 12.32
O7 NAG E . 33.14 -11.19 8.91
H1 NAG E . 34.56 -14.68 8.20
H2 NAG E . 34.56 -12.81 10.34
H3 NAG E . 36.89 -13.94 9.20
H4 NAG E . 35.93 -14.64 11.77
H5 NAG E . 35.75 -16.29 9.46
H61 NAG E . 35.92 -17.48 11.53
H62 NAG E . 34.60 -17.82 10.71
H81 NAG E . 33.83 -10.16 6.59
H82 NAG E . 35.38 -10.47 6.80
H83 NAG E . 34.67 -9.32 7.65
HN2 NAG E . 35.93 -12.10 8.09
HO3 NAG E . 37.72 -13.01 11.18
HO6 NAG E . 34.35 -17.34 12.96
C1 NAG E . 38.13 -15.43 12.36
C2 NAG E . 39.38 -16.31 12.34
C3 NAG E . 40.06 -16.28 13.70
C4 NAG E . 40.35 -14.84 14.12
C5 NAG E . 39.05 -14.02 14.07
C6 NAG E . 39.28 -12.56 14.37
C7 NAG E . 39.29 -18.19 10.76
C8 NAG E . 38.87 -19.61 10.54
N2 NAG E . 39.03 -17.68 11.97
O3 NAG E . 41.29 -17.00 13.62
O4 NAG E . 40.89 -14.82 15.43
O5 NAG E . 38.47 -14.10 12.76
O6 NAG E . 40.11 -11.95 13.39
O7 NAG E . 39.83 -17.53 9.88
H1 NAG E . 37.48 -15.81 13.00
H2 NAG E . 39.99 -15.95 11.68
H3 NAG E . 39.49 -16.70 14.37
H4 NAG E . 40.99 -14.45 13.50
H5 NAG E . 38.43 -14.38 14.73
H61 NAG E . 38.42 -12.10 14.38
H62 NAG E . 39.71 -12.47 15.24
H81 NAG E . 39.03 -19.87 9.61
H82 NAG E . 39.39 -20.20 11.13
H83 NAG E . 37.92 -19.70 10.74
HN2 NAG E . 38.63 -18.21 12.59
HO3 NAG E . 41.12 -17.84 13.42
HO4 NAG E . 41.50 -15.45 15.51
HO6 NAG E . 40.22 -11.09 13.59
C1 NAG F . 24.88 -8.28 15.63
C2 NAG F . 25.64 -7.10 15.00
C3 NAG F . 27.15 -7.39 14.97
C4 NAG F . 27.68 -7.85 16.32
C5 NAG F . 26.81 -8.99 16.86
C6 NAG F . 27.18 -9.38 18.27
C7 NAG F . 24.16 -5.94 13.41
C8 NAG F . 23.81 -5.75 11.97
N2 NAG F . 25.15 -6.81 13.66
O3 NAG F . 27.82 -6.18 14.58
O4 NAG F . 28.99 -8.37 16.17
O5 NAG F . 25.43 -8.59 16.89
O6 NAG F . 26.82 -8.37 19.20
O7 NAG F . 23.57 -5.35 14.31
H1 NAG F . 24.94 -9.05 15.04
H2 NAG F . 25.50 -6.32 15.56
H3 NAG F . 27.33 -8.07 14.29
H4 NAG F . 27.67 -7.11 16.95
H5 NAG F . 26.91 -9.77 16.27
H61 NAG F . 26.71 -10.20 18.50
H62 NAG F . 28.14 -9.53 18.33
H81 NAG F . 22.98 -5.24 11.90
H82 NAG F . 23.69 -6.62 11.54
H83 NAG F . 24.53 -5.26 11.53
HN2 NAG F . 25.56 -7.22 12.96
HO3 NAG F . 28.67 -6.36 14.42
HO6 NAG F . 27.20 -8.54 19.99
C1 NAG F . 30.10 -7.43 16.16
C2 NAG F . 31.37 -8.20 16.53
C3 NAG F . 32.58 -7.28 16.48
C4 NAG F . 32.69 -6.61 15.11
C5 NAG F . 31.38 -5.88 14.79
C6 NAG F . 31.37 -5.32 13.39
C7 NAG F . 31.12 -10.14 18.01
C8 NAG F . 31.01 -10.62 19.43
N2 NAG F . 31.26 -8.83 17.84
O3 NAG F . 33.76 -8.04 16.73
O4 NAG F . 33.76 -5.69 15.11
O5 NAG F . 30.27 -6.80 14.88
O6 NAG F . 30.12 -4.75 13.06
O7 NAG F . 31.07 -10.92 17.05
H1 NAG F . 29.94 -6.74 16.84
H2 NAG F . 31.50 -8.90 15.86
H3 NAG F . 32.49 -6.59 17.17
H4 NAG F . 32.85 -7.30 14.43
H5 NAG F . 31.26 -5.16 15.43
H61 NAG F . 32.06 -4.63 13.32
H62 NAG F . 31.58 -6.03 12.75
H81 NAG F . 31.91 -10.86 19.76
H82 NAG F . 30.43 -11.40 19.46
H83 NAG F . 30.64 -9.91 19.98
HN2 NAG F . 31.28 -8.30 18.58
HO3 NAG F . 33.72 -8.41 17.53
HO4 NAG F . 34.48 -6.06 15.49
HO6 NAG F . 30.17 -4.38 12.25
C1 NAG G . -34.25 -4.77 -29.13
C2 NAG G . -35.67 -5.35 -29.17
C3 NAG G . -36.70 -4.30 -28.77
C4 NAG G . -36.33 -3.66 -27.43
C5 NAG G . -34.91 -3.10 -27.50
C6 NAG G . -34.44 -2.54 -26.17
C7 NAG G . -35.79 -7.15 -30.84
C8 NAG G . -36.18 -7.52 -32.25
N2 NAG G . -35.98 -5.88 -30.49
O3 NAG G . -37.97 -4.90 -28.67
O4 NAG G . -37.24 -2.60 -27.15
O5 NAG G . -34.00 -4.16 -27.84
O6 NAG G . -33.30 -1.71 -26.33
O7 NAG G . -35.33 -7.97 -30.06
H1 NAG G . -34.17 -4.08 -29.83
H2 NAG G . -35.72 -6.08 -28.53
H3 NAG G . -36.72 -3.60 -29.46
H4 NAG G . -36.38 -4.33 -26.73
H5 NAG G . -34.87 -2.40 -28.18
H61 NAG G . -35.16 -2.01 -25.78
H62 NAG G . -34.23 -3.27 -25.56
H81 NAG G . -36.05 -8.47 -32.38
H82 NAG G . -37.13 -7.30 -32.38
H83 NAG G . -35.64 -7.02 -32.88
HN2 NAG G . -36.33 -5.31 -31.11
HO3 NAG G . -38.16 -5.35 -29.42
HO4 NAG G . -38.07 -2.89 -27.26
HO6 NAG G . -33.00 -1.48 -25.53
C1 NAG H . -9.31 8.23 -36.71
C2 NAG H . -9.79 9.03 -37.92
C3 NAG H . -8.97 10.31 -38.06
C4 NAG H . -9.06 11.11 -36.76
C5 NAG H . -8.64 10.24 -35.57
C6 NAG H . -8.83 10.93 -34.24
C7 NAG H . -10.51 8.42 -40.19
C8 NAG H . -10.31 7.47 -41.34
N2 NAG H . -9.71 8.23 -39.14
O3 NAG H . -9.44 11.09 -39.15
O4 NAG H . -8.21 12.25 -36.85
O5 NAG H . -9.41 9.04 -35.54
O6 NAG H . -10.14 10.71 -33.73
O7 NAG H . -11.35 9.31 -40.23
H1 NAG H . -8.39 7.96 -36.84
H2 NAG H . -10.72 9.28 -37.77
H3 NAG H . -8.03 10.07 -38.21
H4 NAG H . -9.98 11.40 -36.63
H5 NAG H . -7.69 10.01 -35.67
H61 NAG H . -8.18 10.58 -33.61
H62 NAG H . -8.68 11.89 -34.35
H81 NAG H . -9.42 7.59 -41.72
H82 NAG H . -10.41 6.55 -41.03
H83 NAG H . -10.98 7.65 -42.03
HN2 NAG H . -9.11 7.54 -39.17
HO3 NAG H . -10.14 10.71 -39.52
HO4 NAG H . -8.35 12.65 -37.63
HO6 NAG H . -10.11 10.09 -33.10
C1 NAG I . -14.60 26.59 9.51
C2 NAG I . -15.93 26.20 10.15
C3 NAG I . -16.23 27.15 11.31
C4 NAG I . -15.10 27.08 12.33
C5 NAG I . -13.74 27.35 11.66
C6 NAG I . -12.58 27.07 12.58
C7 NAG I . -17.43 27.24 8.49
C8 NAG I . -18.59 27.01 7.57
N2 NAG I . -17.02 26.18 9.19
O3 NAG I . -17.45 26.77 11.93
O4 NAG I . -15.31 28.05 13.36
O5 NAG I . -13.55 26.52 10.50
O6 NAG I . -12.73 27.76 13.83
O7 NAG I . -16.87 28.34 8.58
H1 NAG I . -14.65 27.50 9.18
H2 NAG I . -15.83 25.31 10.52
H3 NAG I . -16.31 28.06 10.97
H4 NAG I . -15.07 26.19 12.73
H5 NAG I . -13.71 28.28 11.39
H61 NAG I . -12.54 26.11 12.76
H62 NAG I . -11.75 27.36 12.16
H81 NAG I . -18.98 27.87 7.30
H82 NAG I . -19.26 26.48 8.03
H83 NAG I . -18.29 26.53 6.78
HN2 NAG I . -17.48 25.40 9.09
HO3 NAG I . -17.57 27.24 12.67
HO4 NAG I . -14.58 28.12 13.85
HO6 NAG I . -11.98 27.70 14.29
C1 NAG J . 32.52 -23.60 -17.36
C2 NAG J . 33.21 -24.06 -18.66
C3 NAG J . 33.62 -22.86 -19.51
C4 NAG J . 32.43 -21.93 -19.75
C5 NAG J . 31.85 -21.50 -18.40
C6 NAG J . 30.61 -20.64 -18.54
C7 NAG J . 34.46 -26.17 -18.67
C8 NAG J . 35.73 -26.85 -18.28
N2 NAG J . 34.37 -24.88 -18.36
O3 NAG J . 34.12 -23.31 -20.76
O4 NAG J . 32.85 -20.78 -20.47
O5 NAG J . 31.45 -22.67 -17.68
O6 NAG J . 30.10 -20.27 -17.27
O7 NAG J . 33.55 -26.77 -19.25
H1 NAG J . 33.18 -23.16 -16.79
H2 NAG J . 32.57 -24.59 -19.17
H3 NAG J . 34.32 -22.36 -19.05
H4 NAG J . 31.74 -22.40 -20.26
H5 NAG J . 32.53 -21.01 -17.90
H61 NAG J . 30.85 -19.82 -19.03
H62 NAG J . 29.93 -21.12 -19.02
H81 NAG J . 36.49 -26.45 -18.76
H82 NAG J . 35.87 -26.76 -17.32
H83 NAG J . 35.68 -27.80 -18.51
HN2 NAG J . 35.07 -24.48 -17.94
HO3 NAG J . 34.83 -23.82 -20.63
HO4 NAG J . 33.33 -21.04 -21.17
HO6 NAG J . 30.01 -21.00 -16.76
C1 NAG K . -2.74 11.29 -30.94
C2 NAG K . -2.37 12.71 -31.35
C3 NAG K . -2.84 13.71 -30.30
C4 NAG K . -4.33 13.52 -30.01
C5 NAG K . -4.64 12.07 -29.66
C6 NAG K . -6.12 11.81 -29.51
C7 NAG K . -0.32 12.41 -32.67
C8 NAG K . 1.15 12.64 -32.74
N2 NAG K . -0.94 12.84 -31.57
O3 NAG K . -2.60 15.03 -30.75
O4 NAG K . -4.71 14.36 -28.92
O5 NAG K . -4.16 11.20 -30.70
O6 NAG K . -6.41 10.42 -29.46
O7 NAG K . -0.94 11.84 -33.57
H1 NAG K . -2.26 11.05 -30.11
H2 NAG K . -2.83 12.91 -32.19
H3 NAG K . -2.34 13.56 -29.46
H4 NAG K . -4.83 13.78 -30.80
H5 NAG K . -4.19 11.84 -28.82
H61 NAG K . -6.44 12.23 -28.69
H62 NAG K . -6.59 12.21 -30.27
H81 NAG K . 1.60 12.16 -32.00
H82 NAG K . 1.34 13.59 -32.66
H83 NAG K . 1.50 12.31 -33.59
HN2 NAG K . -0.43 13.26 -30.92
HO3 NAG K . -3.01 15.61 -30.21
HO4 NAG K . -4.38 14.03 -28.16
HO6 NAG K . -6.03 10.02 -30.14
C1 NAG L . 14.77 24.79 -8.50
C2 NAG L . 13.81 24.66 -9.67
C3 NAG L . 13.56 26.02 -10.28
C4 NAG L . 12.99 26.95 -9.21
C5 NAG L . 13.87 26.98 -7.96
C6 NAG L . 13.22 27.70 -6.79
C7 NAG L . 15.47 23.87 -11.32
C8 NAG L . 15.80 22.79 -12.32
N2 NAG L . 14.31 23.72 -10.68
O3 NAG L . 12.65 25.92 -11.37
O4 NAG L . 12.86 28.27 -9.73
O5 NAG L . 14.18 25.64 -7.50
O6 NAG L . 12.83 29.01 -7.14
O7 NAG L . 16.22 24.81 -11.12
H1 NAG L . 15.61 25.19 -8.80
H2 NAG L . 12.97 24.32 -9.34
H3 NAG L . 14.40 26.40 -10.60
H4 NAG L . 12.10 26.63 -8.95
H5 NAG L . 14.71 27.44 -8.18
H61 NAG L . 12.43 27.19 -6.52
H62 NAG L . 13.84 27.73 -6.05
H81 NAG L . 15.07 22.68 -12.96
H82 NAG L . 15.94 21.95 -11.86
H83 NAG L . 16.61 23.03 -12.81
HN2 NAG L . 13.80 23.00 -10.87
HO3 NAG L . 12.42 26.73 -11.64
HO4 NAG L . 12.69 28.83 -9.07
HO6 NAG L . 12.24 29.31 -6.55
#